data_6U5O
#
_entry.id   6U5O
#
_cell.length_a   1.00
_cell.length_b   1.00
_cell.length_c   1.00
_cell.angle_alpha   90.00
_cell.angle_beta   90.00
_cell.angle_gamma   90.00
#
_symmetry.space_group_name_H-M   'P 1'
#
loop_
_entity.id
_entity.type
_entity.pdbx_description
1 polymer 'RNA-directed RNA polymerase L'
2 polymer Phosphoprotein
#
loop_
_entity_poly.entity_id
_entity_poly.type
_entity_poly.pdbx_seq_one_letter_code
_entity_poly.pdbx_strand_id
1 'polypeptide(L)'
;MGWSHPQFEKSSGVDLGTENLYFQSMDPLNESTVNVYLPDSYLKGVISFSETNAIGSCLLKRPYLKNDNTAKVAIENPVI
EHVRLKNAVNSKMKISDYKVVEPVNMQHEIMKNVHSCELTLLKQFLTRSKNISTLKLNMICDWLQLKSTSDDTSILSFID
VEFIPSWVSNWFSNWYNLNKLILEFRREEVIRTGSILCRSLGKLVFIVSSYGCIVKSNKSKRVSFFTYNQLLTWKDVMLS
RFNANFCIWVSNSLNENQEGLGLRSNLQGMLTNKLYETVDYMLSLCCNEGFSLVKEFEGFIMSEILRITEHAQFSTRFRN
TLLNGLTDQLTKLKNKNRLRVHSTVLENNDYPMYEVVLKLLGDTLRCIKLLINKNLENAAELYYIFRIFGHPMVDERDAM
DAVKLNNEITKILRLESLTELRGAFILRIIKGFVDNNKRWPKIKNLKVLSKRWTMYFKAKNYPSQLELSEQDFLELAAIQ
FEQEFSVPEKTNLEMVLNDKAISPPKRLIWSVYPKNYLPETIKNRYLEETFNASDSLKTRRVLEYYLKDNKFDQKELKSY
VVRQEYLNDKEHIVSLTGKERELSVGRMFAMQPGKQRQIQILAEKLLADNIVPFFPETLTKYGDLDLQRIMEIKSELSSI
KTRRNDSYNNYIARASIVTDLSKFNQAFRYETTAICADVADELHGTQSLFCWLHLIVPMTTMICAYRHAPPETKGEYDID
KIEEQSGLYRYHMGGIEGWCQKLWTMEAISLLDVVSVKTRCQMTSLLNGDNQSIDVSKPVKLSEGLDEVKADYRLAVKML
KEIRDAYRNIGHKLKEGETYISRDLQFISKVIQSEGVMHPTPIKKVLRVGPWINTILDDIKTSAESIGSLCQELEFRGES
IIVSLILRNFWLYNLYMHESKQHPLAGKQLFKQLNKTLTSVQRFFEIKRENEVVDLWMNIPMQFGGGDPVVFYRSFYRRT
PDFLTEAISHVDILLKISANIKNETKVSFFKALLSIEKNERATLTTLMRDPQAVGSERQAKVTSDINRTAVTSILSLSPN
QLFSDSAIHYSRNEEEVGIIAENITPVYPHGLRVLYESLPFHKAEKVVNMISGTKSITNLLQRTSAINGEDIDRAVSMML
ENLGLLSRILSVVVDSIEIPIKSNGRLICCQISRTLRETSWNNMEIVGVTSPSITTCMDVIYATSSHLKGIIIEKFSTDR
TTRGQRGPKSPWVGSSTQEKKLVPVYNRQILSKQQREQLEAIGKMRWVYKGTPGLRRLLNKICLGSLGISYKCVKPLLPR
FMSVNFLHRLSVSSRPMEFPASVPAYRTTNYHFDTSPINQALSERFGNEDINLVFQNAISCGISIMSVVEQLTGRSPKQL
VLIPQLEEIDIMPPPVFQGKFNYKLVDKITSDQHIFSPDKIDMLTLGKMLMPTIKGQKTDQFLNKRENYFHGNNLIESLS
AALACHWCGILTEQCIENNIFKKDWGDGFISDHAFMDFKIFLCVFKTKLLCSWGSQGKNIKDEDIVDESIDKLLRIDNTF
WRMFSKVMFEPKVKKRIMLYDVKFLSLVGYIGFKNWFIEQLRSAELHEIPWIVNAEGDLVEIKSIKIYLQLIEQSLFLRI
TVLNYTDMAHALTRLIRKKLMCDNALLTPISSPMVNLTQVIDPTTQLDYFPKITFERLKNYDTSSNYAKGKLTRNYMILL
PWQHVNRYNFVFSSTGCKVSLKTCIGKLMKDLNPKVLYFIGEGAGNWMARTACEYPDIKFVYRSLKDDLDHHYPLEYQRV
IGELSRIIDSGEGLSMETTDATQKTHWDLIHRVSKDALLITLCDAEFKDRDDFFKMVILWRKHVLSCRICTTYGTDLYLF
AKYHAKDCNVKLPFFVRSVATFIMQGSKLSGSECYILLTLGHHNSLPCHGEIQNSKMKIAVCNDFYAAKKLDNKSIEANC
KSLLSGLRIPINKKELDRQRRLLTLQSNHSSVATVGGSKIIESKWLTNKASTIIDWLEHILNSPKGELNYDFFEALENTY
PNMIKLIDNLGNAEIKKLIKVTGYMLVSKK
;
L
2 'polypeptide(L)'
;MGHHHHHHHHSSGVDLGTENLYFQSMSFPEGKDILFMGNEAAKLAEAFQKSLRKPSHKRSQSIIGEKVNTVSETLELPTI
SRPTKPTILSEPKLAWTDKGGAIKTEAKQTIKVMDPIEEEEFTEKRVLPSSDGKTPAEKKLKPSTNTKKKVSFTPNEPGK
YTKLEKDALDLLSDNEEEDAESSILTFEERDTSSLSIEARLESIEEKLSMILGLLRTLNIATAGPTAARDGIRDAMIGIR
EELIADIIKEAKGKAAEMMEEEMNQRTKIGNGSVKLTEKAKELNKIVEDESTSGESEEEEELKDTQENNQEDDIYQLIM
;
P,Q,R,S
#
# COMPACT_ATOMS: atom_id res chain seq x y z
N THR A 33 35.22 8.33 9.02
CA THR A 33 36.19 9.41 9.17
C THR A 33 35.56 10.77 8.84
N VAL A 34 34.60 10.76 7.92
CA VAL A 34 33.92 11.98 7.48
C VAL A 34 32.45 11.64 7.34
N ASN A 35 31.62 12.20 8.21
CA ASN A 35 30.17 12.03 8.16
C ASN A 35 29.52 13.29 7.58
N VAL A 36 28.30 13.13 7.11
CA VAL A 36 27.55 14.21 6.48
C VAL A 36 26.10 14.14 6.95
N TYR A 37 25.50 15.31 7.15
CA TYR A 37 24.14 15.46 7.64
C TYR A 37 23.27 16.14 6.58
N LEU A 38 23.46 15.74 5.33
CA LEU A 38 22.80 16.31 4.17
C LEU A 38 21.28 16.41 4.40
N PRO A 39 20.70 17.61 4.41
CA PRO A 39 19.24 17.71 4.45
C PRO A 39 18.61 17.29 3.14
N ASP A 40 17.29 17.18 3.16
CA ASP A 40 16.53 16.78 1.98
C ASP A 40 16.07 18.02 1.22
N SER A 41 15.73 17.81 -0.05
CA SER A 41 15.33 18.89 -0.94
C SER A 41 13.83 19.07 -1.04
N TYR A 42 13.08 17.99 -0.87
CA TYR A 42 11.63 18.04 -0.75
C TYR A 42 11.23 17.48 0.62
N LEU A 43 9.92 17.44 0.87
CA LEU A 43 9.43 17.22 2.23
C LEU A 43 9.89 15.87 2.77
N LYS A 44 9.49 14.78 2.11
CA LYS A 44 9.98 13.43 2.42
C LYS A 44 9.79 13.08 3.89
N GLY A 45 8.76 13.65 4.52
CA GLY A 45 8.60 13.51 5.94
C GLY A 45 7.30 14.07 6.46
N VAL A 46 7.36 14.75 7.60
CA VAL A 46 6.17 15.32 8.24
C VAL A 46 6.56 16.61 8.94
N ILE A 47 5.61 17.53 9.00
CA ILE A 47 5.76 18.77 9.76
C ILE A 47 5.41 18.46 11.21
N SER A 48 6.37 18.66 12.10
CA SER A 48 6.11 18.42 13.51
C SER A 48 5.58 19.68 14.17
N PHE A 49 5.22 19.53 15.44
CA PHE A 49 4.69 20.60 16.28
C PHE A 49 5.62 20.92 17.44
N SER A 50 6.03 19.89 18.20
CA SER A 50 6.84 20.13 19.38
C SER A 50 8.19 20.71 19.02
N GLU A 51 8.74 20.37 17.85
CA GLU A 51 9.98 21.01 17.43
C GLU A 51 9.80 22.51 17.25
N THR A 52 8.61 22.92 16.82
CA THR A 52 8.35 24.33 16.58
C THR A 52 8.04 25.04 17.88
N ASN A 53 7.34 24.34 18.78
CA ASN A 53 7.07 24.90 20.10
C ASN A 53 8.38 25.10 20.85
N ALA A 54 9.29 24.13 20.79
CA ALA A 54 10.58 24.29 21.46
C ALA A 54 11.43 25.36 20.80
N ILE A 55 11.42 25.44 19.46
CA ILE A 55 12.21 26.46 18.79
C ILE A 55 11.66 27.85 19.09
N GLY A 56 10.38 27.94 19.42
CA GLY A 56 9.80 29.19 19.84
C GLY A 56 10.13 29.50 21.28
N SER A 57 9.88 28.53 22.15
CA SER A 57 10.09 28.71 23.58
C SER A 57 11.53 29.09 23.90
N CYS A 58 12.50 28.51 23.19
CA CYS A 58 13.90 28.79 23.51
C CYS A 58 14.23 30.26 23.29
N LEU A 59 13.83 30.80 22.14
CA LEU A 59 14.20 32.17 21.81
C LEU A 59 13.31 33.18 22.52
N LEU A 60 12.01 32.89 22.64
CA LEU A 60 11.11 33.80 23.34
C LEU A 60 11.37 33.82 24.83
N LYS A 61 11.91 32.73 25.39
CA LYS A 61 11.92 32.51 26.83
C LYS A 61 10.49 32.53 27.38
N ARG A 62 9.54 32.10 26.55
CA ARG A 62 8.12 32.12 26.88
C ARG A 62 7.43 31.08 26.03
N PRO A 63 6.43 30.35 26.53
CA PRO A 63 5.80 29.30 25.73
C PRO A 63 5.24 29.79 24.41
N TYR A 64 5.51 29.03 23.35
CA TYR A 64 5.12 29.36 21.98
C TYR A 64 4.20 28.28 21.43
N LEU A 65 2.96 28.64 21.16
CA LEU A 65 1.89 27.80 20.63
C LEU A 65 1.29 26.83 21.64
N LYS A 66 1.77 26.80 22.87
CA LYS A 66 1.26 25.88 23.89
C LYS A 66 1.88 26.30 25.22
N ASN A 67 1.51 25.58 26.28
CA ASN A 67 2.20 25.69 27.57
C ASN A 67 2.57 24.32 28.13
N ASP A 68 2.55 23.28 27.30
CA ASP A 68 2.82 21.93 27.76
C ASP A 68 4.28 21.80 28.21
N ASN A 69 4.58 20.63 28.79
CA ASN A 69 5.92 20.34 29.32
C ASN A 69 7.03 20.70 28.35
N THR A 70 6.81 20.49 27.05
CA THR A 70 7.78 20.90 26.04
C THR A 70 8.31 22.31 26.29
N ALA A 71 7.39 23.26 26.48
CA ALA A 71 7.78 24.65 26.73
C ALA A 71 8.68 24.76 27.95
N LYS A 72 8.24 24.21 29.08
CA LYS A 72 8.99 24.26 30.33
C LYS A 72 10.40 23.71 30.14
N VAL A 73 10.48 22.52 29.56
CA VAL A 73 11.77 21.85 29.39
C VAL A 73 12.68 22.71 28.51
N ALA A 74 12.24 23.01 27.29
CA ALA A 74 13.00 23.89 26.41
C ALA A 74 13.52 25.14 27.14
N ILE A 75 12.62 25.95 27.70
CA ILE A 75 13.06 27.16 28.40
C ILE A 75 14.03 26.88 29.53
N GLU A 76 14.04 25.67 30.09
CA GLU A 76 14.87 25.40 31.27
C GLU A 76 16.24 24.84 30.88
N ASN A 77 16.25 23.73 30.15
CA ASN A 77 17.47 23.07 29.70
C ASN A 77 17.55 23.07 28.18
N PRO A 78 17.64 24.25 27.56
CA PRO A 78 17.62 24.32 26.09
C PRO A 78 18.79 23.58 25.47
N VAL A 79 18.55 23.00 24.30
CA VAL A 79 19.50 22.12 23.64
C VAL A 79 20.47 22.95 22.79
N ILE A 80 21.60 22.32 22.46
CA ILE A 80 22.72 22.97 21.78
C ILE A 80 22.24 23.72 20.54
N GLU A 81 21.43 23.05 19.72
CA GLU A 81 21.03 23.62 18.43
C GLU A 81 20.24 24.90 18.63
N HIS A 82 19.18 24.84 19.44
CA HIS A 82 18.38 26.03 19.66
C HIS A 82 19.14 27.08 20.46
N VAL A 83 20.23 26.71 21.13
CA VAL A 83 21.05 27.71 21.82
C VAL A 83 21.94 28.43 20.82
N ARG A 84 22.44 27.72 19.82
CA ARG A 84 23.20 28.38 18.76
C ARG A 84 22.29 29.27 17.95
N LEU A 85 21.03 28.86 17.76
CA LEU A 85 20.07 29.71 17.07
C LEU A 85 19.73 30.94 17.90
N LYS A 86 19.60 30.77 19.22
CA LYS A 86 19.39 31.91 20.10
C LYS A 86 20.54 32.90 19.99
N ASN A 87 21.79 32.40 20.03
CA ASN A 87 22.94 33.29 19.92
C ASN A 87 22.94 34.02 18.59
N ALA A 88 22.63 33.32 17.50
CA ALA A 88 22.64 33.95 16.18
C ALA A 88 21.58 35.03 16.08
N VAL A 89 20.35 34.70 16.47
CA VAL A 89 19.27 35.67 16.36
C VAL A 89 19.46 36.82 17.34
N ASN A 90 20.17 36.59 18.44
CA ASN A 90 20.49 37.70 19.34
C ASN A 90 21.51 38.63 18.72
N SER A 91 22.53 38.08 18.05
CA SER A 91 23.43 38.93 17.30
C SER A 91 22.70 39.69 16.21
N LYS A 92 21.69 39.06 15.62
CA LYS A 92 20.80 39.68 14.65
C LYS A 92 19.66 40.42 15.35
N MET A 93 18.77 41.01 14.56
CA MET A 93 17.74 41.91 15.08
C MET A 93 16.93 41.27 16.20
N LYS A 94 16.44 42.13 17.09
CA LYS A 94 15.79 41.68 18.32
C LYS A 94 14.47 40.99 18.05
N ILE A 95 14.21 39.92 18.81
CA ILE A 95 12.89 39.30 18.86
C ILE A 95 11.90 40.23 19.54
N SER A 96 12.28 40.75 20.71
CA SER A 96 11.38 41.42 21.65
C SER A 96 10.62 42.60 21.04
N ASP A 97 11.03 43.09 19.88
CA ASP A 97 10.46 44.29 19.26
C ASP A 97 9.63 43.93 18.03
N TYR A 98 9.15 42.69 17.96
CA TYR A 98 8.34 42.20 16.85
C TYR A 98 7.20 41.35 17.38
N LYS A 99 6.14 41.29 16.58
CA LYS A 99 4.89 40.61 16.91
C LYS A 99 4.96 39.17 16.41
N VAL A 100 5.22 38.21 17.31
CA VAL A 100 5.63 36.90 16.81
C VAL A 100 4.38 36.10 16.48
N VAL A 101 3.97 36.24 15.23
CA VAL A 101 2.91 35.48 14.58
C VAL A 101 3.38 34.07 14.23
N GLU A 102 2.50 33.08 14.39
CA GLU A 102 2.82 31.71 14.04
C GLU A 102 3.21 31.61 12.56
N PRO A 103 3.87 30.52 12.16
CA PRO A 103 4.32 30.41 10.75
C PRO A 103 3.20 30.37 9.72
N VAL A 104 2.02 29.86 10.09
CA VAL A 104 0.94 29.69 9.12
C VAL A 104 0.49 31.04 8.59
N ASN A 105 0.62 32.08 9.40
CA ASN A 105 0.03 33.39 9.14
C ASN A 105 0.78 34.15 8.05
N MET A 106 1.99 33.74 7.74
CA MET A 106 2.88 34.45 6.83
C MET A 106 2.79 33.93 5.39
N GLN A 107 1.90 32.96 5.13
CA GLN A 107 1.73 32.47 3.77
C GLN A 107 1.32 33.57 2.82
N HIS A 108 0.48 34.51 3.27
CA HIS A 108 0.00 35.56 2.38
C HIS A 108 1.05 36.65 2.14
N GLU A 109 2.12 36.67 2.92
CA GLU A 109 3.28 37.50 2.68
C GLU A 109 4.26 36.81 1.75
N ILE A 110 4.48 35.52 1.99
CA ILE A 110 5.47 34.77 1.22
C ILE A 110 4.97 34.55 -0.20
N MET A 111 3.69 34.24 -0.37
CA MET A 111 3.11 34.00 -1.68
C MET A 111 2.64 35.28 -2.37
N LYS A 112 2.97 36.44 -1.80
CA LYS A 112 2.66 37.73 -2.40
C LYS A 112 3.87 38.65 -2.49
N ASN A 113 5.01 38.26 -1.91
CA ASN A 113 6.26 38.98 -2.09
C ASN A 113 6.75 38.84 -3.52
N VAL A 114 7.73 39.66 -3.88
CA VAL A 114 8.29 39.65 -5.22
C VAL A 114 9.81 39.75 -5.12
N HIS A 115 10.48 38.91 -5.90
CA HIS A 115 11.93 38.86 -6.01
C HIS A 115 12.29 38.97 -7.48
N SER A 116 13.46 39.56 -7.75
CA SER A 116 13.86 40.03 -9.06
C SER A 116 13.50 39.04 -10.17
N CYS A 117 12.76 39.55 -11.15
CA CYS A 117 12.07 38.75 -12.16
C CYS A 117 12.99 37.76 -12.86
N GLU A 118 12.59 36.49 -12.83
CA GLU A 118 13.29 35.38 -13.47
C GLU A 118 12.53 34.88 -14.69
N LEU A 119 11.71 35.76 -15.26
CA LEU A 119 10.91 35.38 -16.42
C LEU A 119 11.76 35.25 -17.66
N THR A 120 12.87 35.99 -17.76
CA THR A 120 13.83 35.73 -18.83
C THR A 120 14.29 34.27 -18.80
N LEU A 121 14.41 33.69 -17.62
CA LEU A 121 14.91 32.33 -17.49
C LEU A 121 13.79 31.32 -17.73
N LEU A 122 12.58 31.66 -17.30
CA LEU A 122 11.43 30.86 -17.70
C LEU A 122 11.32 30.79 -19.21
N LYS A 123 11.45 31.94 -19.89
CA LYS A 123 11.33 31.96 -21.33
C LYS A 123 12.45 31.17 -22.01
N GLN A 124 13.67 31.27 -21.47
CA GLN A 124 14.77 30.50 -22.04
C GLN A 124 14.50 29.01 -21.96
N PHE A 125 14.11 28.53 -20.77
CA PHE A 125 13.81 27.11 -20.61
C PHE A 125 12.66 26.68 -21.52
N LEU A 126 11.63 27.52 -21.63
CA LEU A 126 10.48 27.16 -22.44
C LEU A 126 10.84 27.09 -23.92
N THR A 127 11.71 27.99 -24.39
CA THR A 127 12.13 27.94 -25.79
C THR A 127 12.94 26.70 -26.08
N ARG A 128 13.87 26.34 -25.18
CA ARG A 128 14.64 25.12 -25.40
C ARG A 128 13.74 23.90 -25.39
N SER A 129 12.77 23.86 -24.47
CA SER A 129 11.83 22.75 -24.43
C SER A 129 11.00 22.69 -25.71
N LYS A 130 10.60 23.85 -26.24
CA LYS A 130 9.86 23.87 -27.49
C LYS A 130 10.68 23.31 -28.63
N ASN A 131 11.96 23.68 -28.72
CA ASN A 131 12.80 23.15 -29.78
C ASN A 131 12.95 21.64 -29.67
N ILE A 132 13.19 21.14 -28.45
CA ILE A 132 13.34 19.69 -28.27
C ILE A 132 12.06 18.97 -28.63
N SER A 133 10.91 19.51 -28.22
CA SER A 133 9.65 18.88 -28.53
C SER A 133 9.33 18.95 -30.01
N THR A 134 9.80 20.00 -30.71
CA THR A 134 9.63 20.02 -32.16
C THR A 134 10.41 18.89 -32.80
N LEU A 135 11.63 18.64 -32.31
CA LEU A 135 12.38 17.49 -32.79
C LEU A 135 11.61 16.19 -32.56
N LYS A 136 11.08 16.01 -31.35
CA LYS A 136 10.39 14.76 -31.03
C LYS A 136 9.15 14.58 -31.88
N LEU A 137 8.41 15.66 -32.12
CA LEU A 137 7.21 15.55 -32.94
C LEU A 137 7.55 15.30 -34.40
N ASN A 138 8.64 15.87 -34.89
CA ASN A 138 9.07 15.52 -36.24
C ASN A 138 9.44 14.05 -36.32
N MET A 139 10.11 13.53 -35.29
CA MET A 139 10.41 12.10 -35.24
C MET A 139 9.15 11.25 -35.33
N ILE A 140 8.12 11.63 -34.57
CA ILE A 140 6.85 10.92 -34.63
C ILE A 140 6.27 11.00 -36.04
N CYS A 141 6.03 12.23 -36.50
CA CYS A 141 5.34 12.45 -37.77
C CYS A 141 6.05 11.82 -38.94
N ASP A 142 7.37 11.63 -38.87
CA ASP A 142 8.09 11.01 -39.96
C ASP A 142 7.56 9.62 -40.25
N TRP A 143 7.66 8.72 -39.26
CA TRP A 143 7.18 7.36 -39.48
C TRP A 143 5.66 7.25 -39.41
N LEU A 144 4.97 8.27 -38.89
CA LEU A 144 3.52 8.28 -39.01
C LEU A 144 3.04 8.84 -40.35
N GLN A 145 3.93 9.34 -41.20
CA GLN A 145 3.59 9.80 -42.54
C GLN A 145 2.70 11.04 -42.50
N LEU A 146 2.96 11.93 -41.54
CA LEU A 146 2.32 13.23 -41.46
C LEU A 146 3.18 14.30 -42.12
N LYS A 147 2.55 15.43 -42.42
CA LYS A 147 3.24 16.58 -42.98
C LYS A 147 2.30 17.78 -42.88
N SER A 148 2.83 18.95 -43.22
CA SER A 148 2.11 20.20 -43.05
C SER A 148 2.41 21.09 -44.25
N THR A 149 2.01 22.37 -44.16
CA THR A 149 2.16 23.33 -45.23
C THR A 149 3.41 24.20 -45.06
N SER A 150 4.45 23.67 -44.42
CA SER A 150 5.66 24.42 -44.13
C SER A 150 5.38 25.66 -43.28
N ASP A 151 4.37 25.57 -42.43
CA ASP A 151 4.03 26.65 -41.51
C ASP A 151 4.93 26.62 -40.30
N ASP A 152 5.38 27.80 -39.86
CA ASP A 152 6.31 27.87 -38.75
C ASP A 152 5.63 27.50 -37.44
N THR A 153 4.33 27.74 -37.32
CA THR A 153 3.56 27.24 -36.17
C THR A 153 3.06 25.83 -36.46
N SER A 154 4.00 24.92 -36.71
CA SER A 154 3.63 23.60 -37.20
C SER A 154 2.71 22.89 -36.21
N ILE A 155 3.20 22.63 -35.00
CA ILE A 155 2.35 22.46 -33.82
C ILE A 155 2.72 23.39 -32.68
N LEU A 156 3.94 23.91 -32.63
CA LEU A 156 4.60 24.31 -31.40
C LEU A 156 4.89 25.81 -31.35
N SER A 157 3.94 26.62 -31.80
CA SER A 157 4.06 28.06 -31.70
C SER A 157 2.75 28.69 -31.25
N PHE A 158 1.77 27.88 -30.84
CA PHE A 158 0.60 28.39 -30.15
C PHE A 158 1.00 29.03 -28.82
N ILE A 159 2.06 28.53 -28.20
CA ILE A 159 2.54 29.05 -26.91
C ILE A 159 3.48 30.20 -27.25
N ASP A 160 2.90 31.40 -27.37
CA ASP A 160 3.70 32.60 -27.62
C ASP A 160 4.43 32.92 -26.32
N VAL A 161 5.72 32.63 -26.29
CA VAL A 161 6.50 32.75 -25.05
C VAL A 161 6.46 34.17 -24.51
N GLU A 162 6.44 35.17 -25.40
CA GLU A 162 6.43 36.55 -24.95
C GLU A 162 5.13 36.94 -24.23
N PHE A 163 4.06 36.18 -24.42
CA PHE A 163 2.74 36.51 -23.89
C PHE A 163 2.37 35.64 -22.70
N ILE A 164 3.37 35.30 -21.88
CA ILE A 164 3.08 34.52 -20.67
C ILE A 164 2.10 35.31 -19.79
N PRO A 165 0.97 34.73 -19.37
CA PRO A 165 -0.04 35.54 -18.65
C PRO A 165 0.42 36.10 -17.32
N SER A 166 1.60 35.75 -16.84
CA SER A 166 2.25 36.29 -15.66
C SER A 166 1.68 35.74 -14.35
N TRP A 167 0.67 34.88 -14.38
CA TRP A 167 0.27 34.22 -13.14
C TRP A 167 1.17 33.03 -12.81
N VAL A 168 1.88 32.47 -13.79
CA VAL A 168 2.86 31.45 -13.51
C VAL A 168 4.20 32.06 -13.08
N SER A 169 4.53 33.25 -13.59
CA SER A 169 5.79 33.88 -13.22
C SER A 169 5.81 34.28 -11.75
N ASN A 170 4.67 34.70 -11.22
CA ASN A 170 4.60 35.08 -9.81
C ASN A 170 4.90 33.92 -8.89
N TRP A 171 4.70 32.68 -9.33
CA TRP A 171 5.10 31.52 -8.56
C TRP A 171 6.50 31.03 -8.93
N PHE A 172 6.94 31.32 -10.15
CA PHE A 172 8.19 30.76 -10.60
C PHE A 172 9.37 31.55 -10.07
N SER A 173 9.28 32.88 -10.06
CA SER A 173 10.37 33.66 -9.45
C SER A 173 10.47 33.38 -7.96
N ASN A 174 9.33 33.29 -7.27
CA ASN A 174 9.32 32.93 -5.86
C ASN A 174 10.00 31.59 -5.63
N TRP A 175 9.79 30.64 -6.55
CA TRP A 175 10.26 29.29 -6.31
C TRP A 175 11.74 29.18 -6.68
N TYR A 176 12.14 29.83 -7.77
CA TYR A 176 13.55 29.83 -8.12
C TYR A 176 14.38 30.47 -7.02
N ASN A 177 13.92 31.60 -6.47
CA ASN A 177 14.67 32.23 -5.38
C ASN A 177 14.72 31.33 -4.15
N LEU A 178 13.57 30.75 -3.75
CA LEU A 178 13.57 29.92 -2.55
C LEU A 178 14.42 28.66 -2.74
N ASN A 179 14.41 28.09 -3.95
CA ASN A 179 15.20 26.89 -4.21
C ASN A 179 16.68 27.22 -4.24
N LYS A 180 17.05 28.39 -4.78
CA LYS A 180 18.43 28.81 -4.74
C LYS A 180 18.90 28.96 -3.29
N LEU A 181 18.06 29.56 -2.45
CA LEU A 181 18.39 29.67 -1.03
C LEU A 181 18.60 28.30 -0.41
N ILE A 182 17.68 27.37 -0.67
CA ILE A 182 17.79 26.05 -0.05
C ILE A 182 19.02 25.31 -0.57
N LEU A 183 19.35 25.49 -1.85
CA LEU A 183 20.55 24.85 -2.37
C LEU A 183 21.82 25.43 -1.74
N GLU A 184 21.83 26.74 -1.49
CA GLU A 184 22.97 27.31 -0.76
C GLU A 184 23.07 26.74 0.64
N PHE A 185 21.91 26.50 1.27
CA PHE A 185 21.90 25.89 2.59
C PHE A 185 22.49 24.49 2.54
N ARG A 186 22.02 23.68 1.59
CA ARG A 186 22.53 22.32 1.43
C ARG A 186 24.04 22.33 1.19
N ARG A 187 24.49 23.21 0.30
CA ARG A 187 25.92 23.25 -0.04
C ARG A 187 26.76 23.60 1.18
N GLU A 188 26.30 24.55 2.00
CA GLU A 188 27.10 24.93 3.16
C GLU A 188 26.93 23.97 4.33
N GLU A 189 25.88 23.14 4.33
CA GLU A 189 25.65 22.21 5.43
C GLU A 189 26.26 20.85 5.16
N VAL A 190 26.52 20.53 3.89
CA VAL A 190 27.37 19.37 3.60
C VAL A 190 28.77 19.63 4.11
N ILE A 191 29.21 20.89 4.12
CA ILE A 191 30.55 21.22 4.57
C ILE A 191 30.60 21.33 6.08
N ARG A 192 29.79 22.24 6.65
CA ARG A 192 29.72 22.39 8.10
C ARG A 192 28.58 21.52 8.63
N THR A 193 28.87 20.73 9.67
CA THR A 193 27.84 19.91 10.29
C THR A 193 26.75 20.73 10.96
N GLY A 194 26.95 22.04 11.11
CA GLY A 194 25.90 22.94 11.56
C GLY A 194 26.21 24.34 11.10
N SER A 195 25.22 25.02 10.51
CA SER A 195 25.42 26.35 9.96
C SER A 195 24.12 27.12 10.06
N ILE A 196 24.24 28.42 10.24
CA ILE A 196 23.09 29.32 10.28
C ILE A 196 23.23 30.27 9.10
N LEU A 197 22.35 30.11 8.12
CA LEU A 197 22.36 30.88 6.87
C LEU A 197 21.33 31.99 6.93
N CYS A 198 21.78 33.24 6.92
CA CYS A 198 20.87 34.39 6.95
C CYS A 198 20.81 34.99 5.56
N ARG A 199 19.63 34.96 4.95
CA ARG A 199 19.46 35.36 3.56
C ARG A 199 18.28 36.33 3.44
N SER A 200 18.49 37.42 2.72
CA SER A 200 17.43 38.37 2.46
C SER A 200 16.67 37.98 1.21
N LEU A 201 15.37 38.27 1.20
CA LEU A 201 14.50 37.95 0.08
C LEU A 201 13.35 38.96 0.10
N GLY A 202 13.42 39.95 -0.79
CA GLY A 202 12.46 41.04 -0.74
C GLY A 202 12.36 41.59 0.68
N LYS A 203 11.12 41.70 1.16
CA LYS A 203 10.85 42.15 2.52
C LYS A 203 10.74 41.00 3.51
N LEU A 204 11.37 39.87 3.23
CA LEU A 204 11.27 38.67 4.07
C LEU A 204 12.68 38.10 4.24
N VAL A 205 13.33 38.47 5.34
CA VAL A 205 14.68 38.02 5.65
C VAL A 205 14.58 36.69 6.41
N PHE A 206 15.05 35.61 5.79
CA PHE A 206 15.02 34.31 6.45
C PHE A 206 16.34 34.07 7.17
N ILE A 207 16.30 33.07 8.05
CA ILE A 207 17.45 32.51 8.76
C ILE A 207 17.20 31.01 8.81
N VAL A 208 18.11 30.22 8.26
CA VAL A 208 17.91 28.79 8.12
C VAL A 208 18.96 28.04 8.93
N SER A 209 18.54 26.89 9.45
CA SER A 209 19.43 25.91 10.06
C SER A 209 18.76 24.55 9.97
N SER A 210 19.58 23.50 9.90
CA SER A 210 19.06 22.14 9.79
C SER A 210 17.97 21.83 10.81
N TYR A 211 18.03 22.45 12.00
CA TYR A 211 17.10 22.17 13.08
C TYR A 211 16.11 23.29 13.36
N GLY A 212 16.38 24.51 12.89
CA GLY A 212 15.48 25.62 13.13
C GLY A 212 15.59 26.66 12.04
N CYS A 213 14.59 27.54 12.01
CA CYS A 213 14.59 28.63 11.06
C CYS A 213 13.62 29.73 11.52
N ILE A 214 13.95 30.96 11.13
CA ILE A 214 13.21 32.15 11.52
C ILE A 214 12.97 33.00 10.28
N VAL A 215 11.83 33.68 10.27
CA VAL A 215 11.44 34.58 9.19
C VAL A 215 11.05 35.92 9.79
N LYS A 216 11.64 37.00 9.29
CA LYS A 216 11.26 38.34 9.75
C LYS A 216 10.77 39.14 8.56
N SER A 217 9.65 39.85 8.76
CA SER A 217 9.04 40.69 7.72
C SER A 217 9.27 42.15 8.06
N ASN A 218 10.17 42.81 7.32
CA ASN A 218 10.40 44.23 7.55
C ASN A 218 9.24 45.11 7.10
N LYS A 219 8.34 44.59 6.26
CA LYS A 219 7.19 45.38 5.84
C LYS A 219 6.09 45.40 6.90
N SER A 220 5.88 44.28 7.57
CA SER A 220 4.74 44.07 8.45
C SER A 220 5.12 44.00 9.92
N LYS A 221 6.42 43.97 10.23
CA LYS A 221 6.89 43.90 11.62
C LYS A 221 6.33 42.69 12.34
N ARG A 222 6.67 41.51 11.82
CA ARG A 222 6.26 40.26 12.43
C ARG A 222 7.28 39.16 12.12
N VAL A 223 7.65 38.44 13.18
CA VAL A 223 8.55 37.30 13.14
C VAL A 223 7.76 36.01 13.24
N SER A 224 8.25 34.97 12.57
CA SER A 224 7.70 33.63 12.66
C SER A 224 8.82 32.62 12.81
N PHE A 225 8.76 31.80 13.86
CA PHE A 225 9.70 30.71 14.07
C PHE A 225 9.09 29.40 13.61
N PHE A 226 9.85 28.63 12.85
CA PHE A 226 9.43 27.34 12.33
C PHE A 226 10.69 26.58 11.93
N THR A 227 10.53 25.45 11.26
CA THR A 227 11.65 24.56 10.96
C THR A 227 11.63 24.19 9.47
N TYR A 228 12.61 23.37 9.10
CA TYR A 228 12.83 23.03 7.69
C TYR A 228 11.55 22.48 7.07
N ASN A 229 10.94 21.53 7.75
CA ASN A 229 9.54 21.23 7.50
C ASN A 229 8.70 22.42 7.95
N GLN A 230 7.86 22.94 7.05
CA GLN A 230 7.33 24.30 6.96
C GLN A 230 8.27 25.36 6.39
N LEU A 231 9.52 25.04 6.04
CA LEU A 231 10.25 25.92 5.13
C LEU A 231 10.22 25.41 3.69
N LEU A 232 10.65 24.17 3.47
CA LEU A 232 10.58 23.59 2.14
C LEU A 232 9.19 23.08 1.75
N THR A 233 8.18 23.22 2.62
CA THR A 233 6.85 22.86 2.17
C THR A 233 6.17 24.00 1.44
N TRP A 234 6.50 25.25 1.76
CA TRP A 234 6.09 26.32 0.88
C TRP A 234 6.85 26.28 -0.44
N LYS A 235 7.92 25.50 -0.51
CA LYS A 235 8.64 25.32 -1.76
C LYS A 235 7.95 24.27 -2.61
N ASP A 236 7.60 23.13 -2.00
CA ASP A 236 6.79 22.17 -2.72
C ASP A 236 5.45 22.77 -3.12
N VAL A 237 4.89 23.65 -2.28
CA VAL A 237 3.64 24.31 -2.60
C VAL A 237 3.81 25.17 -3.86
N MET A 238 4.85 26.02 -3.89
CA MET A 238 5.00 26.89 -5.04
C MET A 238 5.39 26.12 -6.29
N LEU A 239 6.12 25.01 -6.15
CA LEU A 239 6.47 24.19 -7.29
C LEU A 239 5.22 23.54 -7.90
N SER A 240 4.39 22.96 -7.04
CA SER A 240 3.15 22.35 -7.50
C SER A 240 2.23 23.40 -8.11
N ARG A 241 2.20 24.59 -7.50
CA ARG A 241 1.47 25.72 -8.04
C ARG A 241 1.91 26.03 -9.47
N PHE A 242 3.22 26.16 -9.66
CA PHE A 242 3.74 26.55 -10.97
C PHE A 242 3.46 25.49 -12.02
N ASN A 243 3.76 24.22 -11.71
CA ASN A 243 3.58 23.17 -12.71
C ASN A 243 2.13 22.72 -12.84
N ALA A 244 1.22 23.26 -12.03
CA ALA A 244 -0.20 23.03 -12.21
C ALA A 244 -0.88 24.16 -12.97
N ASN A 245 -0.39 25.40 -12.83
CA ASN A 245 -0.88 26.48 -13.67
C ASN A 245 -0.27 26.44 -15.06
N PHE A 246 0.98 26.00 -15.18
CA PHE A 246 1.63 25.93 -16.48
C PHE A 246 1.04 24.81 -17.32
N CYS A 247 0.78 23.66 -16.70
CA CYS A 247 0.23 22.51 -17.42
C CYS A 247 -1.18 22.75 -17.93
N ILE A 248 -1.87 23.78 -17.44
CA ILE A 248 -3.22 24.11 -17.90
C ILE A 248 -3.14 25.29 -18.84
N TRP A 249 -2.17 26.18 -18.63
CA TRP A 249 -1.95 27.26 -19.58
C TRP A 249 -1.58 26.69 -20.95
N VAL A 250 -0.62 25.76 -20.99
CA VAL A 250 -0.25 25.12 -22.25
C VAL A 250 -1.45 24.40 -22.84
N SER A 251 -2.27 23.78 -21.99
CA SER A 251 -3.40 22.99 -22.47
C SER A 251 -4.43 23.87 -23.14
N ASN A 252 -4.79 24.99 -22.50
CA ASN A 252 -5.79 25.86 -23.10
C ASN A 252 -5.20 26.62 -24.30
N SER A 253 -3.90 26.92 -24.27
CA SER A 253 -3.29 27.56 -25.43
C SER A 253 -3.28 26.63 -26.64
N LEU A 254 -3.21 25.32 -26.42
CA LEU A 254 -3.30 24.38 -27.53
C LEU A 254 -4.74 23.97 -27.84
N ASN A 255 -5.68 24.24 -26.95
CA ASN A 255 -7.09 23.91 -27.16
C ASN A 255 -7.87 25.06 -27.77
N GLU A 256 -7.32 26.27 -27.71
CA GLU A 256 -7.93 27.41 -28.39
C GLU A 256 -7.60 27.41 -29.88
N ASN A 257 -6.55 26.68 -30.28
CA ASN A 257 -6.13 26.59 -31.67
C ASN A 257 -6.28 25.21 -32.28
N GLN A 258 -6.42 24.16 -31.46
CA GLN A 258 -6.74 22.83 -31.97
C GLN A 258 -7.42 22.06 -30.85
N GLU A 259 -8.73 21.81 -30.99
CA GLU A 259 -9.44 21.15 -29.91
C GLU A 259 -9.05 19.68 -29.89
N GLY A 260 -8.43 19.26 -28.79
CA GLY A 260 -8.06 17.88 -28.54
C GLY A 260 -6.59 17.72 -28.23
N LEU A 261 -5.76 18.66 -28.71
CA LEU A 261 -4.32 18.60 -28.49
C LEU A 261 -3.98 18.74 -27.01
N GLY A 262 -4.74 19.55 -26.29
CA GLY A 262 -4.52 19.77 -24.88
C GLY A 262 -5.40 18.87 -24.03
N LEU A 263 -5.09 18.85 -22.74
CA LEU A 263 -5.94 18.15 -21.79
C LEU A 263 -7.37 18.66 -21.92
N ARG A 264 -8.32 17.74 -21.77
CA ARG A 264 -9.73 18.14 -21.86
C ARG A 264 -10.09 18.76 -20.52
N SER A 265 -9.87 20.07 -20.43
CA SER A 265 -10.14 20.84 -19.23
C SER A 265 -10.07 22.31 -19.59
N ASN A 266 -11.02 23.09 -19.08
CA ASN A 266 -11.06 24.54 -19.29
C ASN A 266 -11.05 25.19 -17.92
N LEU A 267 -9.87 25.45 -17.40
CA LEU A 267 -9.67 26.12 -16.13
C LEU A 267 -9.11 27.52 -16.37
N GLN A 268 -9.64 28.49 -15.64
CA GLN A 268 -9.18 29.87 -15.74
C GLN A 268 -8.01 30.08 -14.80
N GLY A 269 -6.85 30.43 -15.36
CA GLY A 269 -5.67 30.64 -14.53
C GLY A 269 -5.85 31.79 -13.56
N MET A 270 -6.46 32.89 -14.01
CA MET A 270 -6.70 34.02 -13.13
C MET A 270 -7.64 33.63 -11.99
N LEU A 271 -8.66 32.84 -12.31
CA LEU A 271 -9.65 32.47 -11.30
C LEU A 271 -9.03 31.53 -10.27
N THR A 272 -8.22 30.57 -10.71
CA THR A 272 -7.61 29.67 -9.75
C THR A 272 -6.51 30.37 -8.95
N ASN A 273 -5.82 31.35 -9.54
CA ASN A 273 -4.91 32.17 -8.75
C ASN A 273 -5.65 32.95 -7.67
N LYS A 274 -6.84 33.45 -8.01
CA LYS A 274 -7.68 34.10 -7.00
C LYS A 274 -8.06 33.11 -5.90
N LEU A 275 -8.38 31.88 -6.29
CA LEU A 275 -8.70 30.84 -5.31
C LEU A 275 -7.54 30.62 -4.35
N TYR A 276 -6.33 30.45 -4.91
CA TYR A 276 -5.15 30.22 -4.10
C TYR A 276 -4.92 31.37 -3.13
N GLU A 277 -5.00 32.60 -3.62
CA GLU A 277 -4.75 33.74 -2.74
C GLU A 277 -5.81 33.84 -1.66
N THR A 278 -7.07 33.58 -1.99
CA THR A 278 -8.14 33.71 -0.99
C THR A 278 -7.99 32.67 0.10
N VAL A 279 -7.77 31.41 -0.28
CA VAL A 279 -7.63 30.39 0.75
C VAL A 279 -6.31 30.55 1.51
N ASP A 280 -5.27 31.12 0.87
CA ASP A 280 -4.07 31.42 1.61
C ASP A 280 -4.32 32.51 2.65
N TYR A 281 -5.22 33.44 2.34
CA TYR A 281 -5.53 34.49 3.30
C TYR A 281 -6.37 33.93 4.44
N MET A 282 -7.38 33.12 4.13
CA MET A 282 -8.14 32.48 5.20
C MET A 282 -7.27 31.57 6.05
N LEU A 283 -6.27 30.93 5.46
CA LEU A 283 -5.35 30.09 6.22
C LEU A 283 -4.41 30.93 7.07
N SER A 284 -4.07 32.12 6.60
CA SER A 284 -3.31 33.04 7.41
C SER A 284 -4.13 33.51 8.61
N LEU A 285 -5.42 33.75 8.39
CA LEU A 285 -6.26 34.32 9.43
C LEU A 285 -6.60 33.28 10.50
N CYS A 286 -7.01 32.08 10.09
CA CYS A 286 -7.19 30.98 11.04
C CYS A 286 -5.86 30.26 11.20
N CYS A 287 -5.35 30.22 12.44
CA CYS A 287 -3.94 29.90 12.65
C CYS A 287 -3.56 28.53 12.13
N ASN A 288 -4.18 27.47 12.67
CA ASN A 288 -3.81 26.11 12.32
C ASN A 288 -5.02 25.20 12.13
N GLU A 289 -6.15 25.77 11.71
CA GLU A 289 -7.39 25.00 11.54
C GLU A 289 -8.04 25.20 10.19
N GLY A 290 -7.54 26.12 9.36
CA GLY A 290 -8.01 26.20 8.00
C GLY A 290 -7.69 24.98 7.18
N PHE A 291 -6.76 24.13 7.65
CA PHE A 291 -6.50 22.86 6.99
C PHE A 291 -7.60 21.85 7.30
N SER A 292 -7.96 21.72 8.57
CA SER A 292 -9.08 20.87 8.94
C SER A 292 -10.38 21.39 8.33
N LEU A 293 -10.44 22.67 8.00
CA LEU A 293 -11.60 23.21 7.28
C LEU A 293 -11.47 23.07 5.77
N VAL A 294 -10.26 22.96 5.23
CA VAL A 294 -10.07 22.68 3.82
C VAL A 294 -10.27 21.20 3.50
N LYS A 295 -10.27 20.33 4.52
CA LYS A 295 -10.61 18.93 4.28
C LYS A 295 -12.00 18.78 3.66
N GLU A 296 -12.88 19.75 3.87
CA GLU A 296 -14.22 19.75 3.28
C GLU A 296 -14.22 19.95 1.77
N PHE A 297 -13.14 20.51 1.21
CA PHE A 297 -13.06 20.76 -0.22
C PHE A 297 -13.37 19.51 -1.04
N GLU A 298 -12.80 18.37 -0.66
CA GLU A 298 -13.05 17.14 -1.40
C GLU A 298 -14.53 16.78 -1.37
N GLY A 299 -15.19 17.01 -0.23
CA GLY A 299 -16.60 16.73 -0.13
C GLY A 299 -17.41 17.65 -1.02
N PHE A 300 -17.15 18.95 -0.93
CA PHE A 300 -17.76 19.91 -1.83
C PHE A 300 -17.63 19.50 -3.29
N ILE A 301 -16.43 19.16 -3.73
CA ILE A 301 -16.22 18.80 -5.13
C ILE A 301 -17.02 17.56 -5.49
N MET A 302 -17.08 16.59 -4.57
CA MET A 302 -17.88 15.41 -4.83
C MET A 302 -19.36 15.77 -4.93
N SER A 303 -19.81 16.72 -4.11
CA SER A 303 -21.21 17.15 -4.17
C SER A 303 -21.51 17.85 -5.49
N GLU A 304 -20.56 18.62 -5.99
CA GLU A 304 -20.77 19.27 -7.28
C GLU A 304 -20.83 18.24 -8.40
N ILE A 305 -19.96 17.24 -8.35
CA ILE A 305 -20.01 16.17 -9.34
C ILE A 305 -21.36 15.45 -9.26
N LEU A 306 -21.88 15.25 -8.05
CA LEU A 306 -23.18 14.60 -7.90
C LEU A 306 -24.30 15.47 -8.45
N ARG A 307 -24.25 16.79 -8.20
CA ARG A 307 -25.24 17.68 -8.77
C ARG A 307 -25.23 17.60 -10.29
N ILE A 308 -24.05 17.46 -10.88
CA ILE A 308 -23.95 17.39 -12.34
C ILE A 308 -24.48 16.06 -12.86
N THR A 309 -24.08 14.95 -12.22
CA THR A 309 -24.28 13.62 -12.79
C THR A 309 -25.47 12.87 -12.21
N GLU A 310 -26.28 13.50 -11.37
CA GLU A 310 -27.44 12.87 -10.77
C GLU A 310 -28.53 13.93 -10.66
N HIS A 311 -29.61 13.59 -9.97
CA HIS A 311 -30.70 14.52 -9.73
C HIS A 311 -30.64 15.01 -8.28
N ALA A 312 -31.58 15.88 -7.92
CA ALA A 312 -31.52 16.54 -6.61
C ALA A 312 -31.54 15.54 -5.46
N GLN A 313 -32.25 14.42 -5.64
CA GLN A 313 -32.53 13.51 -4.53
C GLN A 313 -31.28 12.99 -3.82
N PHE A 314 -30.11 13.08 -4.44
CA PHE A 314 -28.86 12.71 -3.81
C PHE A 314 -27.92 13.89 -3.64
N SER A 315 -27.82 14.77 -4.65
CA SER A 315 -26.90 15.89 -4.54
C SER A 315 -27.28 16.82 -3.40
N THR A 316 -28.58 17.06 -3.19
CA THR A 316 -28.96 17.95 -2.09
C THR A 316 -28.80 17.25 -0.75
N ARG A 317 -28.70 15.93 -0.76
CA ARG A 317 -28.57 15.17 0.47
C ARG A 317 -27.13 15.20 0.93
N PHE A 318 -26.21 14.90 0.01
CA PHE A 318 -24.79 15.02 0.32
C PHE A 318 -24.42 16.46 0.65
N ARG A 319 -24.96 17.42 -0.11
CA ARG A 319 -24.66 18.82 0.16
C ARG A 319 -25.11 19.23 1.56
N ASN A 320 -26.37 18.96 1.91
CA ASN A 320 -26.82 19.35 3.24
C ASN A 320 -26.17 18.51 4.33
N THR A 321 -25.65 17.33 4.00
CA THR A 321 -24.97 16.54 5.01
C THR A 321 -23.57 17.09 5.33
N LEU A 322 -22.85 17.55 4.30
CA LEU A 322 -21.52 18.09 4.57
C LEU A 322 -21.53 19.54 5.02
N LEU A 323 -22.53 20.32 4.60
CA LEU A 323 -22.53 21.73 4.95
C LEU A 323 -22.75 21.92 6.45
N ASN A 324 -23.59 21.08 7.06
CA ASN A 324 -23.83 21.19 8.49
C ASN A 324 -22.55 20.92 9.27
N GLY A 325 -21.81 19.87 8.89
CA GLY A 325 -20.55 19.59 9.57
C GLY A 325 -19.52 20.68 9.35
N LEU A 326 -19.48 21.25 8.15
CA LEU A 326 -18.55 22.35 7.88
C LEU A 326 -18.88 23.56 8.77
N THR A 327 -20.15 23.92 8.84
CA THR A 327 -20.56 25.03 9.70
C THR A 327 -20.28 24.74 11.16
N ASP A 328 -20.38 23.48 11.58
CA ASP A 328 -20.09 23.14 12.97
C ASP A 328 -18.61 23.29 13.27
N GLN A 329 -17.75 22.83 12.36
CA GLN A 329 -16.32 23.02 12.53
C GLN A 329 -15.98 24.51 12.57
N LEU A 330 -16.66 25.30 11.74
CA LEU A 330 -16.37 26.72 11.65
C LEU A 330 -16.73 27.43 12.93
N THR A 331 -17.89 27.10 13.50
CA THR A 331 -18.26 27.68 14.80
C THR A 331 -17.26 27.26 15.89
N LYS A 332 -16.93 25.96 15.94
CA LYS A 332 -16.05 25.45 17.00
C LYS A 332 -14.66 26.05 16.95
N LEU A 333 -14.19 26.44 15.76
CA LEU A 333 -12.81 26.90 15.58
C LEU A 333 -12.35 27.89 16.65
N LYS A 334 -13.06 29.01 16.78
CA LYS A 334 -12.71 30.03 17.77
C LYS A 334 -12.42 29.42 19.15
N ASN A 335 -13.30 28.56 19.62
CA ASN A 335 -13.10 27.94 20.93
C ASN A 335 -11.84 27.08 20.94
N LYS A 336 -11.61 26.33 19.86
CA LYS A 336 -10.39 25.53 19.78
C LYS A 336 -9.15 26.40 19.93
N ASN A 337 -9.09 27.47 19.13
CA ASN A 337 -7.94 28.37 19.18
C ASN A 337 -7.74 28.97 20.56
N ARG A 338 -8.82 29.47 21.17
CA ARG A 338 -8.67 30.11 22.47
C ARG A 338 -8.32 29.11 23.57
N LEU A 339 -8.65 27.83 23.38
CA LEU A 339 -8.15 26.80 24.29
C LEU A 339 -6.66 26.59 24.09
N ARG A 340 -6.23 26.50 22.82
CA ARG A 340 -4.83 26.21 22.52
C ARG A 340 -3.90 27.36 22.94
N VAL A 341 -4.40 28.60 22.94
CA VAL A 341 -3.54 29.77 23.07
C VAL A 341 -3.38 30.26 24.51
N HIS A 342 -4.07 29.62 25.46
CA HIS A 342 -4.00 30.05 26.85
C HIS A 342 -2.58 29.90 27.41
N SER A 343 -2.10 30.95 28.09
CA SER A 343 -0.76 30.97 28.70
C SER A 343 0.34 31.07 27.66
N THR A 344 0.05 31.69 26.52
CA THR A 344 0.93 31.73 25.37
C THR A 344 1.10 33.19 24.92
N VAL A 345 1.80 33.43 23.82
CA VAL A 345 2.13 34.78 23.37
C VAL A 345 1.19 35.23 22.26
N LEU A 346 0.03 34.58 22.14
CA LEU A 346 -0.95 34.90 21.11
C LEU A 346 -2.33 35.14 21.72
N GLU A 347 -2.44 35.10 23.05
CA GLU A 347 -3.65 35.55 23.72
C GLU A 347 -3.84 37.06 23.61
N ASN A 348 -2.76 37.78 23.30
CA ASN A 348 -2.84 39.21 23.01
C ASN A 348 -2.98 39.47 21.51
N ASN A 349 -3.45 38.47 20.77
CA ASN A 349 -3.88 38.56 19.39
C ASN A 349 -5.32 38.07 19.34
N ASP A 350 -5.94 38.12 18.17
CA ASP A 350 -7.37 37.86 18.07
C ASP A 350 -7.68 37.06 16.82
N TYR A 351 -8.76 36.32 16.90
CA TYR A 351 -9.24 35.30 15.99
C TYR A 351 -10.34 35.84 15.11
N PRO A 352 -10.35 35.55 13.80
CA PRO A 352 -11.29 36.20 12.90
C PRO A 352 -12.74 35.88 13.26
N MET A 353 -13.56 36.92 13.30
CA MET A 353 -14.95 36.79 13.72
C MET A 353 -15.79 36.22 12.58
N TYR A 354 -16.81 35.45 12.97
CA TYR A 354 -17.47 34.48 12.09
C TYR A 354 -17.73 34.97 10.67
N GLU A 355 -18.36 36.15 10.52
CA GLU A 355 -18.84 36.58 9.22
C GLU A 355 -17.72 36.73 8.19
N VAL A 356 -16.50 37.11 8.61
CA VAL A 356 -15.44 37.28 7.60
C VAL A 356 -14.98 35.93 7.09
N VAL A 357 -14.88 34.94 7.98
CA VAL A 357 -14.49 33.61 7.54
C VAL A 357 -15.57 33.03 6.67
N LEU A 358 -16.83 33.37 6.94
CA LEU A 358 -17.90 32.87 6.07
C LEU A 358 -17.86 33.54 4.71
N LYS A 359 -17.53 34.83 4.67
CA LYS A 359 -17.38 35.49 3.37
C LYS A 359 -16.20 34.91 2.59
N LEU A 360 -15.16 34.46 3.29
CA LEU A 360 -14.02 33.89 2.59
C LEU A 360 -14.33 32.50 2.05
N LEU A 361 -14.96 31.66 2.87
CA LEU A 361 -15.49 30.40 2.37
C LEU A 361 -16.39 30.62 1.16
N GLY A 362 -17.23 31.66 1.22
CA GLY A 362 -18.10 31.94 0.09
C GLY A 362 -17.33 32.29 -1.17
N ASP A 363 -16.28 33.12 -1.03
CA ASP A 363 -15.51 33.49 -2.22
C ASP A 363 -14.77 32.30 -2.80
N THR A 364 -14.32 31.38 -1.95
CA THR A 364 -13.50 30.29 -2.47
C THR A 364 -14.35 29.15 -2.99
N LEU A 365 -15.59 29.02 -2.55
CA LEU A 365 -16.48 28.05 -3.16
C LEU A 365 -17.19 28.63 -4.37
N ARG A 366 -17.36 29.95 -4.42
CA ARG A 366 -17.68 30.61 -5.68
C ARG A 366 -16.63 30.31 -6.73
N CYS A 367 -15.35 30.35 -6.33
CA CYS A 367 -14.28 30.05 -7.28
C CYS A 367 -14.29 28.57 -7.68
N ILE A 368 -14.45 27.67 -6.71
CA ILE A 368 -14.47 26.24 -7.02
C ILE A 368 -15.71 25.86 -7.83
N LYS A 369 -16.75 26.70 -7.86
CA LYS A 369 -17.92 26.45 -8.68
C LYS A 369 -17.84 27.10 -10.04
N LEU A 370 -17.16 28.23 -10.16
CA LEU A 370 -17.02 28.88 -11.45
C LEU A 370 -15.97 28.15 -12.29
N LEU A 371 -14.86 27.74 -11.68
CA LEU A 371 -13.93 26.85 -12.35
C LEU A 371 -14.63 25.61 -12.90
N ILE A 372 -15.56 25.04 -12.12
CA ILE A 372 -16.31 23.86 -12.55
C ILE A 372 -17.59 24.38 -13.19
N ASN A 373 -17.55 24.54 -14.51
CA ASN A 373 -18.70 25.06 -15.25
C ASN A 373 -19.54 23.89 -15.79
N LYS A 374 -20.09 23.14 -14.85
CA LYS A 374 -20.92 21.97 -15.13
C LYS A 374 -20.11 20.83 -15.76
N ASN A 375 -18.79 20.85 -15.62
CA ASN A 375 -17.91 19.96 -16.34
C ASN A 375 -17.26 18.94 -15.41
N LEU A 376 -17.41 17.67 -15.77
CA LEU A 376 -16.95 16.53 -14.99
C LEU A 376 -15.55 16.10 -15.40
N GLU A 377 -14.85 16.95 -16.15
CA GLU A 377 -13.42 16.82 -16.39
C GLU A 377 -12.65 17.96 -15.75
N ASN A 378 -13.26 19.14 -15.67
CA ASN A 378 -12.74 20.21 -14.83
C ASN A 378 -12.78 19.78 -13.37
N ALA A 379 -13.94 19.29 -12.91
CA ALA A 379 -14.04 18.87 -11.52
C ALA A 379 -13.10 17.72 -11.23
N ALA A 380 -12.89 16.83 -12.19
CA ALA A 380 -11.94 15.74 -12.00
C ALA A 380 -10.51 16.27 -11.86
N GLU A 381 -10.09 17.15 -12.78
CA GLU A 381 -8.72 17.67 -12.70
C GLU A 381 -8.49 18.54 -11.48
N LEU A 382 -9.54 19.12 -10.90
CA LEU A 382 -9.36 20.06 -9.80
C LEU A 382 -8.83 19.43 -8.52
N TYR A 383 -8.69 18.10 -8.44
CA TYR A 383 -8.47 17.46 -7.15
C TYR A 383 -7.12 17.83 -6.52
N TYR A 384 -6.17 18.34 -7.29
CA TYR A 384 -4.85 18.68 -6.74
C TYR A 384 -4.91 19.69 -5.59
N ILE A 385 -6.01 20.43 -5.47
CA ILE A 385 -6.05 21.50 -4.48
C ILE A 385 -5.90 20.98 -3.07
N PHE A 386 -6.24 19.72 -2.82
CA PHE A 386 -6.06 19.19 -1.47
C PHE A 386 -4.62 19.37 -0.99
N ARG A 387 -3.67 18.81 -1.75
CA ARG A 387 -2.27 18.96 -1.40
C ARG A 387 -1.67 20.32 -1.74
N ILE A 388 -2.27 21.10 -2.65
CA ILE A 388 -1.62 22.35 -3.06
C ILE A 388 -1.29 23.23 -1.85
N PHE A 389 -2.31 23.61 -1.07
CA PHE A 389 -2.17 24.67 -0.06
C PHE A 389 -1.07 24.39 0.96
N GLY A 390 -0.70 23.12 1.16
CA GLY A 390 0.33 22.77 2.12
C GLY A 390 -0.20 21.84 3.20
N HIS A 391 0.69 21.03 3.77
CA HIS A 391 0.30 20.10 4.82
C HIS A 391 0.13 20.83 6.16
N PRO A 392 -0.77 20.36 7.02
CA PRO A 392 -0.95 21.01 8.32
C PRO A 392 0.18 20.71 9.29
N MET A 393 0.28 21.56 10.32
CA MET A 393 1.20 21.36 11.44
C MET A 393 0.56 20.38 12.42
N VAL A 394 0.68 19.09 12.10
CA VAL A 394 0.10 18.04 12.93
C VAL A 394 0.63 18.15 14.35
N ASP A 395 -0.28 18.24 15.31
CA ASP A 395 0.10 18.26 16.71
C ASP A 395 0.25 16.84 17.21
N GLU A 396 1.24 16.63 18.08
CA GLU A 396 1.69 15.28 18.35
C GLU A 396 0.76 14.55 19.30
N ARG A 397 0.32 15.21 20.38
CA ARG A 397 -0.47 14.55 21.40
C ARG A 397 -1.93 14.97 21.39
N ASP A 398 -2.37 15.78 20.44
CA ASP A 398 -3.75 16.25 20.45
C ASP A 398 -4.65 15.34 19.62
N ALA A 399 -4.14 14.80 18.52
CA ALA A 399 -4.84 13.71 17.86
C ALA A 399 -4.96 12.52 18.78
N MET A 400 -3.91 12.25 19.56
CA MET A 400 -3.92 11.10 20.46
C MET A 400 -4.90 11.32 21.60
N ASP A 401 -4.97 12.52 22.15
CA ASP A 401 -5.94 12.75 23.22
C ASP A 401 -7.37 12.76 22.67
N ALA A 402 -7.56 13.32 21.47
CA ALA A 402 -8.87 13.23 20.83
C ALA A 402 -9.32 11.78 20.71
N VAL A 403 -8.47 10.92 20.15
CA VAL A 403 -8.86 9.51 20.00
C VAL A 403 -8.83 8.74 21.32
N LYS A 404 -8.35 9.34 22.40
CA LYS A 404 -8.47 8.71 23.72
C LYS A 404 -9.92 8.42 24.06
N LEU A 405 -10.75 9.48 24.02
CA LEU A 405 -12.16 9.36 24.34
C LEU A 405 -12.84 8.32 23.46
N ASN A 406 -12.38 8.15 22.23
CA ASN A 406 -12.96 7.15 21.33
C ASN A 406 -12.44 5.75 21.66
N ASN A 407 -11.24 5.63 22.23
CA ASN A 407 -10.64 4.34 22.52
C ASN A 407 -11.05 3.78 23.87
N GLU A 408 -11.51 4.62 24.79
CA GLU A 408 -11.71 4.20 26.18
C GLU A 408 -13.16 3.80 26.49
N ILE A 409 -14.06 3.93 25.53
CA ILE A 409 -15.48 3.73 25.79
C ILE A 409 -15.77 2.23 25.93
N THR A 410 -16.71 1.92 26.82
CA THR A 410 -17.40 0.65 26.78
C THR A 410 -18.49 0.70 25.71
N LYS A 411 -18.69 -0.41 25.01
CA LYS A 411 -19.65 -0.46 23.91
C LYS A 411 -20.51 -1.70 24.07
N ILE A 412 -21.82 -1.49 24.17
CA ILE A 412 -22.76 -2.59 24.25
C ILE A 412 -22.82 -3.31 22.91
N LEU A 413 -22.95 -4.63 22.98
CA LEU A 413 -23.02 -5.50 21.82
C LEU A 413 -24.32 -6.30 21.85
N ARG A 414 -24.62 -6.92 20.72
CA ARG A 414 -25.71 -7.88 20.60
C ARG A 414 -25.13 -9.21 20.19
N LEU A 415 -25.35 -10.23 21.01
CA LEU A 415 -24.72 -11.52 20.78
C LEU A 415 -25.23 -12.16 19.49
N GLU A 416 -26.47 -11.89 19.12
CA GLU A 416 -27.03 -12.47 17.89
C GLU A 416 -26.26 -12.00 16.67
N SER A 417 -26.14 -10.69 16.47
CA SER A 417 -25.36 -10.19 15.34
C SER A 417 -23.89 -10.56 15.49
N LEU A 418 -23.40 -10.60 16.73
CA LEU A 418 -22.00 -10.95 16.95
C LEU A 418 -21.69 -12.37 16.45
N THR A 419 -22.63 -13.30 16.64
CA THR A 419 -22.43 -14.65 16.13
C THR A 419 -22.81 -14.78 14.66
N GLU A 420 -23.73 -13.95 14.18
CA GLU A 420 -24.01 -13.93 12.75
C GLU A 420 -22.77 -13.55 11.96
N LEU A 421 -21.96 -12.65 12.53
CA LEU A 421 -20.67 -12.33 11.92
C LEU A 421 -19.80 -13.58 11.79
N ARG A 422 -19.71 -14.37 12.87
CA ARG A 422 -18.91 -15.60 12.83
C ARG A 422 -19.47 -16.55 11.78
N GLY A 423 -20.79 -16.67 11.70
CA GLY A 423 -21.39 -17.53 10.69
C GLY A 423 -21.04 -17.11 9.28
N ALA A 424 -21.09 -15.80 9.01
CA ALA A 424 -20.73 -15.32 7.69
C ALA A 424 -19.26 -15.59 7.37
N PHE A 425 -18.39 -15.37 8.35
CA PHE A 425 -16.98 -15.66 8.17
C PHE A 425 -16.76 -17.12 7.82
N ILE A 426 -17.41 -18.02 8.58
CA ILE A 426 -17.31 -19.45 8.30
C ILE A 426 -17.81 -19.74 6.90
N LEU A 427 -18.88 -19.06 6.47
CA LEU A 427 -19.43 -19.34 5.15
C LEU A 427 -18.46 -18.92 4.05
N ARG A 428 -17.81 -17.77 4.20
CA ARG A 428 -16.83 -17.35 3.20
C ARG A 428 -15.68 -18.35 3.15
N ILE A 429 -15.23 -18.82 4.31
CA ILE A 429 -14.16 -19.80 4.33
C ILE A 429 -14.60 -21.08 3.60
N ILE A 430 -15.82 -21.53 3.88
CA ILE A 430 -16.29 -22.77 3.29
C ILE A 430 -16.42 -22.64 1.77
N LYS A 431 -16.93 -21.49 1.30
CA LYS A 431 -16.99 -21.29 -0.15
C LYS A 431 -15.60 -21.26 -0.76
N GLY A 432 -14.62 -20.76 -0.01
CA GLY A 432 -13.27 -20.71 -0.54
C GLY A 432 -12.68 -22.09 -0.66
N PHE A 433 -12.85 -22.91 0.36
CA PHE A 433 -12.30 -24.25 0.33
C PHE A 433 -13.02 -25.12 -0.69
N VAL A 434 -14.35 -25.04 -0.76
CA VAL A 434 -15.08 -25.78 -1.78
C VAL A 434 -14.59 -25.40 -3.17
N ASP A 435 -14.37 -24.11 -3.43
CA ASP A 435 -13.94 -23.70 -4.76
C ASP A 435 -12.52 -24.16 -5.06
N ASN A 436 -11.58 -23.92 -4.14
CA ASN A 436 -10.16 -24.15 -4.42
C ASN A 436 -9.79 -25.63 -4.31
N ASN A 437 -10.26 -26.29 -3.25
CA ASN A 437 -9.80 -27.62 -2.85
C ASN A 437 -10.78 -28.73 -3.23
N LYS A 438 -12.08 -28.44 -3.28
CA LYS A 438 -13.14 -29.42 -3.51
C LYS A 438 -13.43 -30.30 -2.30
N ARG A 439 -12.95 -29.92 -1.11
CA ARG A 439 -13.22 -30.68 0.10
C ARG A 439 -13.57 -29.72 1.24
N TRP A 440 -14.16 -30.29 2.27
CA TRP A 440 -14.65 -29.57 3.44
C TRP A 440 -13.54 -29.37 4.46
N PRO A 441 -13.32 -28.16 4.98
CA PRO A 441 -12.28 -27.95 5.99
C PRO A 441 -12.49 -28.82 7.22
N LYS A 442 -11.50 -29.65 7.53
CA LYS A 442 -11.52 -30.57 8.66
C LYS A 442 -12.04 -29.91 9.93
N ILE A 443 -12.92 -30.64 10.63
CA ILE A 443 -13.61 -30.14 11.82
C ILE A 443 -13.36 -31.10 12.98
N LYS A 444 -13.17 -30.53 14.17
CA LYS A 444 -12.98 -31.32 15.37
C LYS A 444 -14.15 -32.27 15.60
N ASN A 445 -15.35 -31.71 15.77
CA ASN A 445 -16.53 -32.46 16.19
C ASN A 445 -17.62 -32.35 15.15
N LEU A 446 -17.98 -33.47 14.54
CA LEU A 446 -19.12 -33.52 13.62
C LEU A 446 -20.39 -33.90 14.38
N LYS A 447 -20.68 -33.12 15.43
CA LYS A 447 -21.99 -33.18 16.07
C LYS A 447 -22.57 -31.81 16.38
N VAL A 448 -21.88 -30.72 16.06
CA VAL A 448 -22.39 -29.37 16.28
C VAL A 448 -23.18 -28.90 15.07
N LEU A 449 -23.40 -29.79 14.11
CA LEU A 449 -24.10 -29.47 12.88
C LEU A 449 -25.46 -30.18 12.84
N SER A 450 -26.44 -29.54 12.22
CA SER A 450 -27.74 -30.15 12.00
C SER A 450 -27.66 -31.14 10.84
N LYS A 451 -28.79 -31.79 10.55
CA LYS A 451 -28.84 -32.69 9.40
C LYS A 451 -28.61 -31.94 8.10
N ARG A 452 -29.05 -30.68 8.02
CA ARG A 452 -28.81 -29.88 6.82
C ARG A 452 -27.33 -29.74 6.56
N TRP A 453 -26.58 -29.30 7.56
CA TRP A 453 -25.15 -29.07 7.39
C TRP A 453 -24.38 -30.37 7.35
N THR A 454 -24.97 -31.47 7.80
CA THR A 454 -24.32 -32.78 7.67
C THR A 454 -24.44 -33.28 6.24
N MET A 455 -25.64 -33.25 5.67
CA MET A 455 -25.75 -33.67 4.28
C MET A 455 -24.98 -32.72 3.37
N TYR A 456 -24.99 -31.41 3.65
CA TYR A 456 -24.08 -30.52 2.93
C TYR A 456 -22.60 -30.88 3.14
N PHE A 457 -22.24 -31.38 4.32
CA PHE A 457 -20.88 -31.88 4.55
C PHE A 457 -20.56 -33.00 3.58
N LYS A 458 -21.49 -33.93 3.41
CA LYS A 458 -21.28 -35.07 2.52
C LYS A 458 -21.47 -34.71 1.05
N ALA A 459 -22.08 -33.57 0.77
CA ALA A 459 -22.27 -33.08 -0.59
C ALA A 459 -21.11 -32.24 -1.08
N LYS A 460 -20.43 -31.52 -0.19
CA LYS A 460 -19.26 -30.71 -0.51
C LYS A 460 -19.60 -29.43 -1.27
N ASN A 461 -20.83 -28.95 -1.15
CA ASN A 461 -21.30 -27.77 -1.87
C ASN A 461 -21.85 -26.76 -0.85
N TYR A 462 -22.31 -25.61 -1.36
CA TYR A 462 -22.51 -24.42 -0.52
C TYR A 462 -23.80 -23.71 -0.90
N PRO A 463 -24.77 -23.59 0.03
CA PRO A 463 -26.10 -23.08 -0.35
C PRO A 463 -26.07 -21.66 -0.92
N SER A 464 -26.68 -21.52 -2.09
CA SER A 464 -26.90 -20.23 -2.72
C SER A 464 -27.56 -19.26 -1.75
N GLN A 465 -27.28 -17.96 -1.94
CA GLN A 465 -27.51 -16.95 -0.92
C GLN A 465 -28.99 -16.66 -0.68
N LEU A 466 -29.90 -17.14 -1.52
CA LEU A 466 -31.32 -17.03 -1.21
C LEU A 466 -31.65 -17.80 0.06
N GLU A 467 -30.90 -18.86 0.32
CA GLU A 467 -30.95 -19.65 1.54
C GLU A 467 -29.95 -19.05 2.54
N LEU A 468 -29.71 -19.75 3.65
CA LEU A 468 -28.84 -19.26 4.73
C LEU A 468 -29.31 -17.92 5.28
N SER A 469 -30.53 -17.94 5.82
CA SER A 469 -31.03 -16.86 6.67
C SER A 469 -30.47 -17.07 8.08
N GLU A 470 -30.97 -16.28 9.03
CA GLU A 470 -30.29 -16.07 10.32
C GLU A 470 -29.90 -17.37 11.01
N GLN A 471 -30.88 -18.24 11.29
CA GLN A 471 -30.63 -19.46 12.06
C GLN A 471 -29.49 -20.29 11.49
N ASP A 472 -29.33 -20.27 10.16
CA ASP A 472 -28.25 -21.03 9.54
C ASP A 472 -26.89 -20.49 9.96
N PHE A 473 -26.71 -19.17 9.92
CA PHE A 473 -25.48 -18.57 10.42
C PHE A 473 -25.31 -18.84 11.91
N LEU A 474 -26.43 -18.81 12.65
CA LEU A 474 -26.33 -18.97 14.10
C LEU A 474 -25.82 -20.36 14.45
N GLU A 475 -26.22 -21.38 13.69
CA GLU A 475 -25.71 -22.72 13.96
C GLU A 475 -24.42 -23.04 13.21
N LEU A 476 -24.10 -22.29 12.14
CA LEU A 476 -22.78 -22.36 11.55
C LEU A 476 -21.70 -21.81 12.47
N ALA A 477 -22.07 -20.96 13.42
CA ALA A 477 -21.07 -20.36 14.30
C ALA A 477 -20.57 -21.33 15.36
N ALA A 478 -21.09 -22.55 15.42
CA ALA A 478 -20.76 -23.50 16.47
C ALA A 478 -19.59 -24.41 16.12
N ILE A 479 -18.93 -24.20 14.99
CA ILE A 479 -17.93 -25.13 14.51
C ILE A 479 -16.56 -24.75 15.04
N GLN A 480 -15.76 -25.76 15.37
CA GLN A 480 -14.36 -25.61 15.75
C GLN A 480 -13.50 -26.40 14.77
N PHE A 481 -12.74 -25.70 13.95
CA PHE A 481 -11.87 -26.37 12.98
C PHE A 481 -10.61 -26.93 13.65
N GLU A 482 -9.97 -27.87 12.96
CA GLU A 482 -8.71 -28.44 13.39
C GLU A 482 -7.57 -27.72 12.66
N GLN A 483 -6.34 -28.13 12.91
CA GLN A 483 -5.19 -27.47 12.28
C GLN A 483 -5.14 -27.92 10.83
N GLU A 484 -5.74 -27.12 9.94
CA GLU A 484 -5.67 -27.38 8.51
C GLU A 484 -4.44 -26.77 7.85
N PHE A 485 -4.01 -25.59 8.32
CA PHE A 485 -2.83 -24.91 7.83
C PHE A 485 -1.65 -25.18 8.76
N SER A 486 -0.52 -24.53 8.49
CA SER A 486 0.65 -24.68 9.33
C SER A 486 1.51 -23.42 9.25
N VAL A 487 2.05 -23.02 10.39
CA VAL A 487 2.93 -21.86 10.51
C VAL A 487 4.31 -22.25 9.98
N PRO A 488 5.00 -21.38 9.23
CA PRO A 488 6.37 -21.70 8.84
C PRO A 488 7.31 -21.68 10.03
N GLU A 489 8.18 -22.68 10.10
CA GLU A 489 9.07 -22.82 11.25
C GLU A 489 10.16 -21.75 11.22
N LYS A 490 10.85 -21.62 10.10
CA LYS A 490 11.93 -20.64 9.98
C LYS A 490 11.36 -19.25 9.70
N THR A 491 12.02 -18.24 10.25
CA THR A 491 11.63 -16.86 10.01
C THR A 491 12.03 -16.45 8.60
N ASN A 492 11.06 -16.04 7.79
CA ASN A 492 11.36 -15.60 6.42
C ASN A 492 12.08 -14.26 6.51
N LEU A 493 13.39 -14.29 6.26
CA LEU A 493 14.19 -13.08 6.38
C LEU A 493 13.78 -12.04 5.35
N GLU A 494 13.41 -12.48 4.14
CA GLU A 494 12.92 -11.55 3.13
C GLU A 494 11.76 -10.71 3.65
N MET A 495 10.96 -11.28 4.55
CA MET A 495 9.82 -10.59 5.14
C MET A 495 10.23 -9.75 6.34
N VAL A 496 10.98 -10.33 7.27
CA VAL A 496 11.30 -9.61 8.49
C VAL A 496 12.24 -8.44 8.23
N LEU A 497 13.12 -8.55 7.24
CA LEU A 497 14.09 -7.52 6.89
C LEU A 497 13.44 -6.50 5.97
N ASN A 498 12.86 -5.46 6.57
CA ASN A 498 12.32 -4.34 5.80
C ASN A 498 12.47 -3.10 6.65
N ASP A 499 13.05 -2.06 6.05
CA ASP A 499 13.52 -0.91 6.82
C ASP A 499 12.34 -0.12 7.34
N LYS A 500 12.08 -0.26 8.63
CA LYS A 500 11.07 0.51 9.33
C LYS A 500 11.59 0.82 10.72
N ALA A 501 11.15 1.96 11.28
CA ALA A 501 11.58 2.31 12.62
C ALA A 501 10.95 1.36 13.63
N ILE A 502 11.75 0.96 14.62
CA ILE A 502 11.34 0.05 15.67
C ILE A 502 11.42 0.79 17.00
N SER A 503 10.32 0.77 17.76
CA SER A 503 10.31 1.45 19.04
C SER A 503 11.25 0.75 20.01
N PRO A 504 11.98 1.48 20.85
CA PRO A 504 12.83 0.82 21.84
C PRO A 504 12.00 0.06 22.85
N PRO A 505 12.64 -0.74 23.70
CA PRO A 505 11.93 -1.41 24.80
C PRO A 505 11.41 -0.45 25.86
N LYS A 506 10.71 -1.01 26.84
CA LYS A 506 10.04 -0.22 27.88
C LYS A 506 11.09 0.48 28.74
N ARG A 507 11.96 -0.28 29.38
CA ARG A 507 12.94 0.31 30.29
C ARG A 507 13.88 1.25 29.53
N LEU A 508 14.38 0.84 28.37
CA LEU A 508 15.29 1.68 27.58
C LEU A 508 14.48 2.41 26.51
N ILE A 509 13.80 3.47 26.95
CA ILE A 509 13.01 4.33 26.08
C ILE A 509 13.59 5.75 26.02
N TRP A 510 14.05 6.27 27.15
CA TRP A 510 14.42 7.67 27.30
C TRP A 510 15.51 8.11 26.34
N SER A 511 16.19 7.17 25.68
CA SER A 511 17.24 7.50 24.72
C SER A 511 16.69 8.17 23.47
N VAL A 512 15.38 8.11 23.25
CA VAL A 512 14.78 8.80 22.11
C VAL A 512 14.72 10.30 22.39
N TYR A 513 14.65 10.71 23.69
CA TYR A 513 14.59 12.11 24.05
C TYR A 513 16.00 12.63 24.36
N PRO A 514 16.28 13.90 24.11
CA PRO A 514 17.64 14.42 24.34
C PRO A 514 18.07 14.26 25.79
N LYS A 515 19.38 14.29 25.99
CA LYS A 515 19.92 14.12 27.33
C LYS A 515 19.76 15.36 28.19
N ASN A 516 19.39 16.50 27.61
CA ASN A 516 19.16 17.70 28.40
C ASN A 516 17.72 17.83 28.87
N TYR A 517 16.79 17.09 28.27
CA TYR A 517 15.38 17.21 28.60
C TYR A 517 14.95 16.32 29.77
N LEU A 518 15.87 15.56 30.38
CA LEU A 518 15.51 14.60 31.41
C LEU A 518 16.11 14.98 32.76
N PRO A 519 15.46 14.61 33.87
CA PRO A 519 16.10 14.78 35.18
C PRO A 519 17.39 14.00 35.32
N GLU A 520 18.09 14.28 36.42
CA GLU A 520 19.36 13.65 36.70
C GLU A 520 19.17 12.22 37.21
N THR A 521 18.12 12.00 38.00
CA THR A 521 17.81 10.65 38.46
C THR A 521 17.52 9.74 37.27
N ILE A 522 16.53 10.11 36.44
CA ILE A 522 16.21 9.32 35.27
C ILE A 522 17.44 9.16 34.37
N LYS A 523 18.26 10.20 34.27
CA LYS A 523 19.45 10.11 33.42
C LYS A 523 20.40 9.03 33.93
N ASN A 524 20.66 9.04 35.24
CA ASN A 524 21.57 8.04 35.82
C ASN A 524 20.99 6.65 35.69
N ARG A 525 19.72 6.47 36.09
CA ARG A 525 19.10 5.15 35.95
C ARG A 525 19.13 4.64 34.53
N TYR A 526 19.04 5.53 33.54
CA TYR A 526 19.11 5.10 32.14
C TYR A 526 20.54 4.68 31.80
N LEU A 527 21.51 5.50 32.19
CA LEU A 527 22.91 5.21 31.90
C LEU A 527 23.31 3.88 32.51
N GLU A 528 22.80 3.56 33.70
CA GLU A 528 23.13 2.27 34.29
C GLU A 528 22.29 1.13 33.72
N GLU A 529 21.03 1.38 33.35
CA GLU A 529 20.22 0.35 32.70
C GLU A 529 20.83 -0.12 31.39
N THR A 530 21.34 0.82 30.58
CA THR A 530 21.79 0.47 29.23
C THR A 530 22.91 -0.56 29.19
N PHE A 531 23.53 -0.89 30.32
CA PHE A 531 24.59 -1.88 30.37
C PHE A 531 24.10 -3.28 30.74
N ASN A 532 22.87 -3.40 31.22
CA ASN A 532 22.29 -4.71 31.49
C ASN A 532 21.83 -5.38 30.20
N ALA A 533 21.32 -4.61 29.25
CA ALA A 533 20.77 -5.14 28.01
C ALA A 533 21.82 -5.15 26.92
N SER A 534 21.65 -6.08 25.98
CA SER A 534 22.61 -6.22 24.88
C SER A 534 22.50 -5.05 23.92
N ASP A 535 23.45 -4.99 22.99
CA ASP A 535 23.49 -3.90 22.03
C ASP A 535 22.33 -3.95 21.04
N SER A 536 21.64 -5.08 20.95
CA SER A 536 20.48 -5.17 20.06
C SER A 536 19.38 -4.20 20.51
N LEU A 537 19.04 -4.21 21.79
CA LEU A 537 17.93 -3.40 22.29
C LEU A 537 18.38 -1.99 22.67
N LYS A 538 19.01 -1.31 21.71
CA LYS A 538 19.17 0.14 21.73
C LYS A 538 18.78 0.80 20.42
N THR A 539 18.67 0.04 19.33
CA THR A 539 18.49 0.57 18.00
C THR A 539 17.02 0.88 17.72
N ARG A 540 16.81 1.80 16.79
CA ARG A 540 15.49 2.15 16.29
C ARG A 540 15.43 1.90 14.80
N ARG A 541 16.03 0.80 14.36
CA ARG A 541 16.07 0.41 12.96
C ARG A 541 16.08 -1.11 12.89
N VAL A 542 15.20 -1.67 12.06
CA VAL A 542 15.05 -3.12 11.99
C VAL A 542 16.33 -3.79 11.51
N LEU A 543 16.97 -3.21 10.49
CA LEU A 543 18.17 -3.81 9.94
C LEU A 543 19.28 -3.86 10.98
N GLU A 544 19.46 -2.77 11.73
CA GLU A 544 20.46 -2.79 12.79
C GLU A 544 20.09 -3.80 13.86
N TYR A 545 18.79 -3.87 14.22
CA TYR A 545 18.34 -4.81 15.22
C TYR A 545 18.70 -6.24 14.85
N TYR A 546 18.55 -6.60 13.57
CA TYR A 546 18.79 -7.98 13.16
C TYR A 546 20.22 -8.24 12.69
N LEU A 547 21.01 -7.21 12.47
CA LEU A 547 22.43 -7.39 12.18
C LEU A 547 23.26 -7.47 13.45
N LYS A 548 23.06 -6.53 14.36
CA LYS A 548 23.84 -6.45 15.59
C LYS A 548 23.41 -7.47 16.64
N ASP A 549 22.49 -8.37 16.31
CA ASP A 549 22.13 -9.43 17.24
C ASP A 549 23.23 -10.48 17.31
N ASN A 550 23.46 -10.98 18.52
CA ASN A 550 24.46 -12.01 18.78
C ASN A 550 23.87 -13.41 18.83
N LYS A 551 22.59 -13.52 19.20
CA LYS A 551 21.96 -14.77 19.62
C LYS A 551 20.70 -15.05 18.81
N PHE A 552 20.78 -14.87 17.50
CA PHE A 552 19.59 -14.93 16.66
C PHE A 552 19.41 -16.35 16.14
N ASP A 553 18.18 -16.86 16.28
CA ASP A 553 17.85 -18.27 16.12
C ASP A 553 16.55 -18.36 15.35
N GLN A 554 16.63 -18.69 14.06
CA GLN A 554 15.50 -18.62 13.13
C GLN A 554 14.28 -19.40 13.61
N LYS A 555 14.44 -20.31 14.56
CA LYS A 555 13.37 -21.17 15.05
C LYS A 555 12.60 -20.54 16.20
N GLU A 556 12.94 -19.32 16.62
CA GLU A 556 12.44 -18.77 17.87
C GLU A 556 10.95 -18.47 17.80
N LEU A 557 10.45 -17.97 16.67
CA LEU A 557 9.06 -17.53 16.61
C LEU A 557 8.10 -18.70 16.79
N LYS A 558 8.50 -19.91 16.40
CA LYS A 558 7.63 -21.07 16.52
C LYS A 558 7.50 -21.49 17.98
N SER A 559 8.52 -21.19 18.78
CA SER A 559 8.42 -21.38 20.23
C SER A 559 7.64 -20.24 20.87
N TYR A 560 7.97 -19.00 20.48
CA TYR A 560 7.39 -17.81 21.09
C TYR A 560 5.87 -17.81 20.94
N VAL A 561 5.38 -17.97 19.71
CA VAL A 561 3.94 -17.87 19.46
C VAL A 561 3.19 -18.96 20.20
N VAL A 562 3.76 -20.16 20.25
CA VAL A 562 3.06 -21.31 20.83
C VAL A 562 3.05 -21.20 22.36
N ARG A 563 4.21 -20.91 22.95
CA ARG A 563 4.33 -20.83 24.39
C ARG A 563 3.72 -19.55 24.95
N GLN A 564 3.36 -18.59 24.09
CA GLN A 564 2.61 -17.40 24.51
C GLN A 564 3.36 -16.64 25.61
N GLU A 565 4.56 -16.19 25.26
CA GLU A 565 5.43 -15.45 26.14
C GLU A 565 5.27 -13.93 25.99
N TYR A 566 4.24 -13.50 25.26
CA TYR A 566 3.95 -12.09 25.01
C TYR A 566 2.67 -11.62 25.72
N LEU A 567 1.84 -12.54 26.21
CA LEU A 567 0.54 -12.17 26.78
C LEU A 567 0.72 -11.26 27.98
N ASN A 568 1.77 -11.45 28.77
CA ASN A 568 2.22 -10.41 29.69
C ASN A 568 3.71 -10.23 29.39
N ASP A 569 3.96 -9.34 28.43
CA ASP A 569 5.26 -8.85 28.05
C ASP A 569 5.56 -7.55 28.79
N LYS A 570 6.42 -7.60 29.81
CA LYS A 570 6.63 -6.42 30.63
C LYS A 570 7.61 -5.44 29.98
N GLU A 571 8.45 -5.91 29.07
CA GLU A 571 9.29 -5.03 28.25
C GLU A 571 8.58 -4.73 26.92
N HIS A 572 7.38 -4.14 27.04
CA HIS A 572 6.48 -3.91 25.93
C HIS A 572 6.00 -2.46 25.95
N ILE A 573 6.05 -1.79 24.80
CA ILE A 573 5.72 -0.38 24.70
C ILE A 573 5.23 -0.09 23.29
N VAL A 574 4.53 1.03 23.13
CA VAL A 574 3.92 1.42 21.86
C VAL A 574 4.14 2.92 21.68
N SER A 575 5.00 3.29 20.75
CA SER A 575 5.33 4.69 20.47
C SER A 575 4.55 5.18 19.26
N LEU A 576 3.84 6.28 19.40
CA LEU A 576 2.93 6.76 18.36
C LEU A 576 3.53 8.04 17.78
N THR A 577 4.27 7.87 16.68
CA THR A 577 5.13 8.94 16.17
C THR A 577 4.36 10.10 15.56
N GLY A 578 3.09 9.92 15.24
CA GLY A 578 2.33 10.99 14.59
C GLY A 578 2.78 11.32 13.18
N LYS A 579 3.37 10.37 12.47
CA LYS A 579 3.64 10.53 11.05
C LYS A 579 2.35 10.31 10.25
N GLU A 580 2.05 11.24 9.34
CA GLU A 580 0.71 11.36 8.79
C GLU A 580 0.81 11.87 7.36
N ARG A 581 -0.33 12.29 6.81
CA ARG A 581 -0.46 12.60 5.39
C ARG A 581 -1.31 13.87 5.25
N GLU A 582 -1.68 14.17 4.00
CA GLU A 582 -2.22 15.47 3.62
C GLU A 582 -3.51 15.84 4.38
N LEU A 583 -3.61 17.13 4.69
CA LEU A 583 -4.87 17.81 5.04
C LEU A 583 -5.71 17.05 6.06
N SER A 584 -5.12 16.86 7.24
CA SER A 584 -5.83 16.38 8.42
C SER A 584 -4.87 16.47 9.60
N VAL A 585 -5.44 16.48 10.79
CA VAL A 585 -4.69 16.80 12.01
C VAL A 585 -4.50 15.55 12.87
N GLY A 586 -4.54 14.37 12.27
CA GLY A 586 -3.93 13.22 12.91
C GLY A 586 -3.93 11.96 12.09
N ARG A 587 -2.78 11.29 12.09
CA ARG A 587 -2.67 9.88 11.72
C ARG A 587 -1.46 9.37 12.46
N MET A 588 -1.65 8.57 13.50
CA MET A 588 -0.59 8.21 14.42
C MET A 588 -0.03 6.86 14.00
N PHE A 589 1.20 6.85 13.49
CA PHE A 589 1.84 5.60 13.12
C PHE A 589 2.45 4.96 14.36
N ALA A 590 2.15 3.68 14.53
CA ALA A 590 2.71 2.93 15.65
C ALA A 590 4.17 2.58 15.41
N MET A 591 4.87 2.35 16.51
CA MET A 591 6.17 1.70 16.53
C MET A 591 6.17 0.75 17.72
N GLN A 592 6.55 -0.49 17.48
CA GLN A 592 6.56 -1.55 18.48
C GLN A 592 7.94 -2.19 18.51
N PRO A 593 8.31 -2.85 19.60
CA PRO A 593 9.61 -3.54 19.64
C PRO A 593 9.67 -4.71 18.66
N GLY A 594 10.89 -5.22 18.48
CA GLY A 594 11.12 -6.22 17.45
C GLY A 594 10.40 -7.53 17.68
N LYS A 595 10.45 -8.04 18.92
CA LYS A 595 9.75 -9.27 19.26
C LYS A 595 8.29 -9.23 18.82
N GLN A 596 7.62 -8.14 19.18
CA GLN A 596 6.22 -7.95 18.82
C GLN A 596 6.05 -7.79 17.31
N ARG A 597 6.87 -6.95 16.69
CA ARG A 597 6.68 -6.64 15.29
C ARG A 597 6.94 -7.86 14.42
N GLN A 598 7.72 -8.83 14.89
CA GLN A 598 7.77 -10.11 14.18
C GLN A 598 6.43 -10.81 14.23
N ILE A 599 5.63 -10.56 15.25
CA ILE A 599 4.35 -11.25 15.39
C ILE A 599 3.31 -10.56 14.54
N GLN A 600 3.36 -9.24 14.51
CA GLN A 600 2.48 -8.49 13.63
C GLN A 600 2.74 -8.86 12.17
N ILE A 601 4.01 -8.82 11.75
CA ILE A 601 4.34 -9.15 10.37
C ILE A 601 4.00 -10.60 10.07
N LEU A 602 4.15 -11.50 11.05
CA LEU A 602 3.83 -12.90 10.82
C LEU A 602 2.34 -13.09 10.60
N ALA A 603 1.52 -12.49 11.47
CA ALA A 603 0.07 -12.59 11.29
C ALA A 603 -0.35 -12.02 9.94
N GLU A 604 0.19 -10.86 9.57
CA GLU A 604 -0.19 -10.25 8.30
C GLU A 604 0.22 -11.13 7.11
N LYS A 605 1.42 -11.72 7.18
CA LYS A 605 1.87 -12.60 6.11
C LYS A 605 1.00 -13.85 6.01
N LEU A 606 0.73 -14.49 7.15
CA LEU A 606 -0.07 -15.71 7.13
C LEU A 606 -1.46 -15.45 6.61
N LEU A 607 -2.06 -14.32 7.01
CA LEU A 607 -3.36 -13.96 6.46
C LEU A 607 -3.26 -13.77 4.95
N ALA A 608 -2.32 -12.94 4.50
CA ALA A 608 -2.19 -12.66 3.08
C ALA A 608 -1.93 -13.92 2.27
N ASP A 609 -1.32 -14.95 2.87
CA ASP A 609 -1.06 -16.16 2.12
C ASP A 609 -2.28 -17.08 2.08
N ASN A 610 -2.94 -17.28 3.23
CA ASN A 610 -3.99 -18.30 3.34
C ASN A 610 -5.40 -17.73 3.41
N ILE A 611 -5.65 -16.75 4.28
CA ILE A 611 -7.00 -16.33 4.61
C ILE A 611 -7.47 -15.14 3.78
N VAL A 612 -6.56 -14.37 3.20
CA VAL A 612 -6.96 -13.26 2.33
C VAL A 612 -7.67 -13.77 1.08
N PRO A 613 -7.14 -14.76 0.36
CA PRO A 613 -7.99 -15.41 -0.63
C PRO A 613 -9.11 -16.13 0.11
N PHE A 614 -10.05 -16.70 -0.66
CA PHE A 614 -11.40 -17.04 -0.18
C PHE A 614 -12.23 -15.77 -0.11
N PHE A 615 -11.73 -14.66 -0.62
CA PHE A 615 -12.33 -13.33 -0.42
C PHE A 615 -11.94 -12.49 -1.63
N PRO A 616 -12.77 -12.48 -2.67
CA PRO A 616 -12.41 -11.75 -3.90
C PRO A 616 -12.27 -10.26 -3.68
N GLU A 617 -13.08 -9.70 -2.78
CA GLU A 617 -13.23 -8.26 -2.64
C GLU A 617 -11.89 -7.57 -2.41
N THR A 618 -10.99 -8.17 -1.64
CA THR A 618 -9.95 -7.45 -0.91
C THR A 618 -8.56 -7.62 -1.51
N LEU A 619 -8.21 -8.78 -2.06
CA LEU A 619 -6.93 -8.90 -2.76
C LEU A 619 -7.05 -8.54 -4.23
N THR A 620 -8.20 -8.81 -4.85
CA THR A 620 -8.42 -8.51 -6.25
C THR A 620 -8.45 -7.02 -6.55
N LYS A 621 -8.43 -6.15 -5.53
CA LYS A 621 -8.80 -4.75 -5.72
C LYS A 621 -7.90 -4.07 -6.76
N TYR A 622 -6.60 -4.04 -6.53
CA TYR A 622 -5.68 -3.22 -7.33
C TYR A 622 -5.18 -4.04 -8.50
N GLY A 623 -5.92 -3.97 -9.60
CA GLY A 623 -5.43 -4.41 -10.89
C GLY A 623 -6.41 -5.24 -11.70
N ASP A 624 -7.31 -5.97 -11.05
CA ASP A 624 -8.40 -6.66 -11.75
C ASP A 624 -9.78 -6.13 -11.42
N LEU A 625 -10.13 -6.03 -10.14
CA LEU A 625 -11.52 -5.86 -9.73
C LEU A 625 -12.22 -4.68 -10.41
N ASP A 626 -11.68 -3.47 -10.24
CA ASP A 626 -12.42 -2.26 -10.58
C ASP A 626 -12.36 -1.96 -12.08
N LEU A 627 -11.18 -2.10 -12.68
CA LEU A 627 -10.95 -1.58 -14.03
C LEU A 627 -11.85 -2.28 -15.05
N GLN A 628 -11.83 -3.61 -15.07
CA GLN A 628 -12.30 -4.39 -16.20
C GLN A 628 -13.60 -5.14 -15.95
N ARG A 629 -13.98 -5.39 -14.70
CA ARG A 629 -14.97 -6.40 -14.36
C ARG A 629 -16.25 -5.83 -13.76
N ILE A 630 -16.16 -4.97 -12.74
CA ILE A 630 -17.35 -4.29 -12.23
C ILE A 630 -18.14 -3.62 -13.36
N MET A 631 -17.44 -3.13 -14.38
CA MET A 631 -18.08 -2.46 -15.50
C MET A 631 -18.51 -3.47 -16.55
N TYR A 651 -38.11 -4.47 -12.50
CA TYR A 651 -37.07 -3.45 -12.43
C TYR A 651 -36.10 -3.75 -11.30
N ILE A 652 -34.82 -3.90 -11.65
CA ILE A 652 -33.77 -4.18 -10.66
C ILE A 652 -33.29 -2.84 -10.11
N ALA A 653 -33.79 -2.47 -8.94
CA ALA A 653 -33.35 -1.26 -8.25
C ALA A 653 -31.87 -1.37 -7.89
N ARG A 654 -31.06 -0.51 -8.50
CA ARG A 654 -29.61 -0.52 -8.36
C ARG A 654 -29.15 0.76 -7.66
N ALA A 655 -28.21 0.62 -6.73
CA ALA A 655 -27.75 1.78 -5.98
C ALA A 655 -26.40 1.45 -5.35
N SER A 656 -25.80 2.45 -4.67
CA SER A 656 -24.45 2.31 -4.16
C SER A 656 -24.27 3.12 -2.89
N ILE A 657 -23.27 2.71 -2.10
CA ILE A 657 -22.83 3.41 -0.90
C ILE A 657 -21.30 3.51 -0.94
N VAL A 658 -20.77 4.58 -0.35
CA VAL A 658 -19.35 4.92 -0.46
C VAL A 658 -18.70 4.96 0.93
N THR A 659 -19.22 4.17 1.87
CA THR A 659 -18.97 4.43 3.29
C THR A 659 -17.47 4.42 3.62
N ASP A 660 -17.04 5.45 4.33
CA ASP A 660 -15.64 5.61 4.73
C ASP A 660 -15.31 4.71 5.91
N LEU A 661 -14.11 4.13 5.87
CA LEU A 661 -13.57 3.30 6.94
C LEU A 661 -12.13 3.72 7.24
N SER A 662 -11.91 5.04 7.35
CA SER A 662 -10.58 5.56 7.64
C SER A 662 -10.35 5.68 9.14
N LYS A 663 -11.22 6.42 9.84
CA LYS A 663 -11.22 6.41 11.29
C LYS A 663 -12.01 5.22 11.81
N PHE A 664 -11.65 4.02 11.37
CA PHE A 664 -12.36 2.80 11.71
C PHE A 664 -11.64 1.94 12.73
N ASN A 665 -10.31 2.03 12.81
CA ASN A 665 -9.55 1.14 13.67
C ASN A 665 -9.82 1.38 15.15
N GLN A 666 -10.35 2.55 15.52
CA GLN A 666 -10.51 2.90 16.93
C GLN A 666 -11.82 2.42 17.53
N ALA A 667 -12.73 1.87 16.72
CA ALA A 667 -14.01 1.39 17.21
C ALA A 667 -14.02 -0.09 17.57
N PHE A 668 -12.92 -0.81 17.40
CA PHE A 668 -12.92 -2.25 17.57
C PHE A 668 -12.49 -2.63 18.98
N ARG A 669 -13.08 -3.71 19.48
CA ARG A 669 -12.71 -4.32 20.74
C ARG A 669 -12.37 -5.79 20.51
N TYR A 670 -11.82 -6.43 21.55
CA TYR A 670 -11.58 -7.86 21.48
C TYR A 670 -12.88 -8.60 21.26
N GLU A 671 -13.90 -8.27 22.04
CA GLU A 671 -15.18 -8.94 21.93
C GLU A 671 -15.79 -8.83 20.54
N THR A 672 -15.34 -7.85 19.74
CA THR A 672 -15.77 -7.71 18.36
C THR A 672 -14.89 -8.45 17.37
N THR A 673 -13.56 -8.46 17.58
CA THR A 673 -12.64 -8.97 16.57
C THR A 673 -12.26 -10.42 16.78
N ALA A 674 -12.10 -10.84 18.04
CA ALA A 674 -11.71 -12.20 18.34
C ALA A 674 -12.68 -13.22 17.80
N ILE A 675 -13.92 -12.84 17.51
CA ILE A 675 -14.92 -13.79 17.04
C ILE A 675 -14.43 -14.48 15.77
N CYS A 676 -13.95 -13.70 14.80
CA CYS A 676 -13.35 -14.25 13.60
C CYS A 676 -11.86 -14.50 13.73
N ALA A 677 -11.16 -13.75 14.59
CA ALA A 677 -9.74 -14.00 14.77
C ALA A 677 -9.49 -15.41 15.29
N ASP A 678 -10.39 -15.91 16.14
CA ASP A 678 -10.23 -17.25 16.67
C ASP A 678 -10.53 -18.32 15.63
N VAL A 679 -11.43 -18.04 14.69
CA VAL A 679 -11.64 -18.98 13.59
C VAL A 679 -10.38 -19.06 12.73
N ALA A 680 -9.82 -17.91 12.39
CA ALA A 680 -8.58 -17.91 11.62
C ALA A 680 -7.47 -18.60 12.39
N ASP A 681 -7.44 -18.40 13.71
CA ASP A 681 -6.39 -19.00 14.52
C ASP A 681 -6.57 -20.50 14.68
N GLU A 682 -7.81 -20.98 14.67
CA GLU A 682 -8.04 -22.41 14.70
C GLU A 682 -7.60 -23.06 13.40
N LEU A 683 -7.90 -22.40 12.27
CA LEU A 683 -7.40 -22.91 11.00
C LEU A 683 -5.88 -22.91 10.96
N HIS A 684 -5.26 -21.84 11.45
CA HIS A 684 -3.80 -21.71 11.39
C HIS A 684 -3.10 -22.55 12.44
N GLY A 685 -3.80 -22.97 13.49
CA GLY A 685 -3.26 -23.93 14.41
C GLY A 685 -2.46 -23.45 15.61
N THR A 686 -2.79 -22.32 16.22
CA THR A 686 -2.23 -22.01 17.55
C THR A 686 -3.29 -21.36 18.42
N GLN A 687 -2.97 -21.25 19.72
CA GLN A 687 -3.94 -20.76 20.69
C GLN A 687 -4.38 -19.33 20.39
N SER A 688 -3.44 -18.39 20.41
CA SER A 688 -3.70 -16.97 20.19
C SER A 688 -2.62 -16.41 19.28
N LEU A 689 -2.95 -16.13 18.01
CA LEU A 689 -1.99 -15.41 17.17
C LEU A 689 -2.56 -14.16 16.51
N PHE A 690 -3.86 -14.14 16.22
CA PHE A 690 -4.45 -13.00 15.53
C PHE A 690 -5.09 -11.96 16.44
N CYS A 691 -5.37 -12.29 17.70
CA CYS A 691 -5.95 -11.34 18.64
C CYS A 691 -4.91 -10.62 19.48
N TRP A 692 -3.62 -10.75 19.13
CA TRP A 692 -2.57 -10.18 19.97
C TRP A 692 -2.75 -8.69 20.17
N LEU A 693 -3.30 -7.99 19.17
CA LEU A 693 -3.40 -6.54 19.25
C LEU A 693 -4.32 -6.13 20.38
N HIS A 694 -5.35 -6.93 20.67
CA HIS A 694 -6.21 -6.66 21.81
C HIS A 694 -5.78 -7.37 23.07
N LEU A 695 -4.90 -8.37 23.00
CA LEU A 695 -4.47 -9.03 24.22
C LEU A 695 -3.35 -8.28 24.94
N ILE A 696 -2.34 -7.79 24.21
CA ILE A 696 -1.16 -7.23 24.88
C ILE A 696 -1.25 -5.72 25.05
N VAL A 697 -1.96 -5.04 24.15
CA VAL A 697 -1.93 -3.57 24.09
C VAL A 697 -2.51 -2.92 25.34
N PRO A 698 -3.67 -3.36 25.87
CA PRO A 698 -4.30 -2.59 26.95
C PRO A 698 -3.47 -2.47 28.20
N MET A 699 -2.54 -3.39 28.45
CA MET A 699 -1.68 -3.27 29.62
C MET A 699 -0.67 -2.14 29.45
N THR A 700 -0.14 -1.98 28.25
CA THR A 700 1.03 -1.13 28.01
C THR A 700 0.61 0.33 27.89
N THR A 701 1.61 1.20 27.69
CA THR A 701 1.42 2.64 27.69
C THR A 701 1.80 3.25 26.34
N MET A 702 0.91 4.09 25.82
CA MET A 702 1.22 4.95 24.69
C MET A 702 2.12 6.10 25.13
N ILE A 703 3.14 6.39 24.34
CA ILE A 703 4.14 7.38 24.67
C ILE A 703 4.03 8.63 23.80
N CYS A 704 3.81 8.47 22.50
CA CYS A 704 3.97 9.56 21.55
C CYS A 704 5.41 10.09 21.58
N ALA A 705 6.35 9.19 21.31
CA ALA A 705 7.77 9.46 21.49
C ALA A 705 8.33 10.12 20.23
N TYR A 706 8.03 11.40 20.10
CA TYR A 706 8.72 12.24 19.12
C TYR A 706 10.04 12.72 19.73
N ARG A 707 10.94 13.15 18.84
CA ARG A 707 12.30 13.48 19.25
C ARG A 707 12.33 14.51 20.38
N HIS A 708 11.41 15.48 20.36
CA HIS A 708 11.45 16.59 21.32
C HIS A 708 10.49 16.39 22.50
N ALA A 709 9.20 16.17 22.22
CA ALA A 709 8.17 16.14 23.25
C ALA A 709 8.45 15.09 24.32
N PRO A 710 8.77 15.48 25.56
CA PRO A 710 8.87 14.49 26.63
C PRO A 710 7.54 14.32 27.35
N PRO A 711 7.44 13.36 28.26
CA PRO A 711 6.35 13.33 29.22
C PRO A 711 6.71 14.11 30.48
N GLU A 712 5.68 14.59 31.17
CA GLU A 712 5.86 15.37 32.40
C GLU A 712 6.22 14.40 33.54
N THR A 713 7.43 13.86 33.44
CA THR A 713 7.97 12.96 34.45
C THR A 713 8.14 13.67 35.79
N LYS A 714 8.04 12.88 36.86
CA LYS A 714 8.23 13.36 38.22
C LYS A 714 9.52 12.84 38.85
N GLY A 715 10.20 11.89 38.20
CA GLY A 715 11.43 11.31 38.70
C GLY A 715 11.26 9.83 39.01
N GLU A 716 10.36 9.17 38.29
CA GLU A 716 10.15 7.74 38.36
C GLU A 716 10.35 7.12 36.98
N TYR A 717 11.00 5.97 36.94
CA TYR A 717 11.49 5.41 35.69
C TYR A 717 10.51 4.49 35.00
N ASP A 718 9.64 3.81 35.76
CA ASP A 718 8.67 2.91 35.16
C ASP A 718 7.51 3.72 34.59
N ILE A 719 7.20 3.49 33.32
CA ILE A 719 6.15 4.28 32.68
C ILE A 719 4.77 3.87 33.18
N ASP A 720 4.62 2.61 33.62
CA ASP A 720 3.35 2.17 34.19
C ASP A 720 2.99 2.89 35.48
N LYS A 721 3.94 3.61 36.08
CA LYS A 721 3.71 4.35 37.33
C LYS A 721 3.17 5.74 37.08
N ILE A 722 3.68 6.40 36.03
CA ILE A 722 3.32 7.78 35.71
C ILE A 722 1.81 7.95 35.65
N GLU A 723 1.32 9.00 36.30
CA GLU A 723 -0.09 9.38 36.19
C GLU A 723 -0.42 9.76 34.76
N GLU A 724 -1.66 9.47 34.36
CA GLU A 724 -2.06 9.63 32.97
C GLU A 724 -1.96 11.09 32.53
N GLN A 725 -1.04 11.35 31.63
CA GLN A 725 -0.74 12.68 31.12
C GLN A 725 -1.55 12.95 29.85
N SER A 726 -1.28 14.11 29.23
CA SER A 726 -1.82 14.41 27.91
C SER A 726 -1.15 13.56 26.85
N GLY A 727 0.12 13.20 27.05
CA GLY A 727 0.88 12.43 26.09
C GLY A 727 1.01 10.96 26.40
N LEU A 728 0.47 10.49 27.52
CA LEU A 728 0.39 9.07 27.83
C LEU A 728 -1.02 8.70 28.22
N TYR A 729 -1.34 7.42 28.02
CA TYR A 729 -2.51 6.80 28.62
C TYR A 729 -2.35 5.29 28.49
N ARG A 730 -2.55 4.58 29.59
CA ARG A 730 -2.22 3.16 29.61
C ARG A 730 -3.29 2.32 28.92
N TYR A 731 -4.53 2.40 29.39
CA TYR A 731 -5.59 1.49 28.95
C TYR A 731 -6.12 1.95 27.60
N HIS A 732 -5.53 1.42 26.52
CA HIS A 732 -6.03 1.61 25.17
C HIS A 732 -6.78 0.33 24.79
N MET A 733 -8.08 0.32 25.07
CA MET A 733 -8.95 -0.83 24.84
C MET A 733 -9.18 -1.14 23.37
N GLY A 734 -8.66 -0.35 22.44
CA GLY A 734 -9.11 -0.44 21.06
C GLY A 734 -8.06 -0.99 20.12
N GLY A 735 -8.06 -0.51 18.88
CA GLY A 735 -7.20 -1.06 17.84
C GLY A 735 -6.34 0.02 17.21
N ILE A 736 -5.09 -0.33 16.95
CA ILE A 736 -4.11 0.57 16.34
C ILE A 736 -4.32 0.58 14.83
N GLU A 737 -3.74 1.55 14.15
CA GLU A 737 -3.98 1.81 12.74
C GLU A 737 -3.01 1.00 11.88
N GLY A 738 -3.57 0.10 11.07
CA GLY A 738 -2.76 -0.70 10.17
C GLY A 738 -2.18 -1.99 10.71
N TRP A 739 -2.52 -2.37 11.95
CA TRP A 739 -1.96 -3.58 12.53
C TRP A 739 -2.82 -4.82 12.28
N CYS A 740 -4.14 -4.67 12.17
CA CYS A 740 -5.04 -5.77 11.84
C CYS A 740 -6.02 -5.33 10.76
N GLN A 741 -5.49 -4.66 9.73
CA GLN A 741 -6.33 -4.06 8.71
C GLN A 741 -7.04 -5.13 7.89
N LYS A 742 -6.30 -6.17 7.49
CA LYS A 742 -6.91 -7.23 6.71
C LYS A 742 -8.06 -7.89 7.46
N LEU A 743 -7.85 -8.23 8.74
CA LEU A 743 -8.92 -8.86 9.48
C LEU A 743 -10.10 -7.93 9.72
N TRP A 744 -9.86 -6.62 9.79
CA TRP A 744 -11.00 -5.72 10.00
C TRP A 744 -11.74 -5.49 8.71
N THR A 745 -11.04 -5.56 7.57
CA THR A 745 -11.73 -5.54 6.29
C THR A 745 -12.48 -6.84 6.07
N MET A 746 -11.99 -7.94 6.64
CA MET A 746 -12.68 -9.20 6.50
C MET A 746 -13.97 -9.21 7.29
N GLU A 747 -14.00 -8.55 8.45
CA GLU A 747 -15.26 -8.51 9.18
C GLU A 747 -16.19 -7.42 8.66
N ALA A 748 -15.62 -6.38 8.02
CA ALA A 748 -16.44 -5.36 7.39
C ALA A 748 -17.07 -5.86 6.10
N ILE A 749 -16.47 -6.88 5.49
CA ILE A 749 -17.10 -7.54 4.35
C ILE A 749 -18.06 -8.61 4.83
N SER A 750 -17.67 -9.39 5.83
CA SER A 750 -18.52 -10.46 6.31
C SER A 750 -19.81 -9.96 6.94
N LEU A 751 -19.90 -8.68 7.30
CA LEU A 751 -21.20 -8.19 7.77
C LEU A 751 -22.16 -7.90 6.61
N LEU A 752 -21.63 -7.56 5.44
CA LEU A 752 -22.51 -7.37 4.28
C LEU A 752 -23.31 -8.62 3.97
N ASP A 753 -22.73 -9.80 4.21
CA ASP A 753 -23.49 -11.03 3.98
C ASP A 753 -24.63 -11.17 4.96
N VAL A 754 -24.38 -10.83 6.23
CA VAL A 754 -25.44 -10.83 7.24
C VAL A 754 -26.59 -9.93 6.79
N VAL A 755 -26.24 -8.72 6.34
CA VAL A 755 -27.28 -7.79 5.91
C VAL A 755 -27.99 -8.33 4.67
N SER A 756 -27.26 -8.98 3.77
CA SER A 756 -27.85 -9.51 2.55
C SER A 756 -28.82 -10.65 2.84
N VAL A 757 -28.57 -11.42 3.90
CA VAL A 757 -29.52 -12.49 4.23
C VAL A 757 -30.69 -11.96 5.06
N LYS A 758 -30.47 -10.89 5.83
CA LYS A 758 -31.59 -10.26 6.53
C LYS A 758 -32.56 -9.65 5.52
N THR A 759 -32.02 -8.92 4.55
CA THR A 759 -32.75 -8.46 3.39
C THR A 759 -32.63 -9.55 2.31
N ARG A 760 -33.07 -9.26 1.09
CA ARG A 760 -32.99 -10.21 -0.01
C ARG A 760 -32.48 -9.52 -1.26
N CYS A 761 -31.50 -8.62 -1.08
CA CYS A 761 -30.81 -7.94 -2.16
C CYS A 761 -29.49 -8.65 -2.47
N GLN A 762 -28.84 -8.19 -3.53
CA GLN A 762 -27.58 -8.72 -4.02
C GLN A 762 -26.55 -7.61 -3.82
N MET A 763 -25.73 -7.77 -2.77
CA MET A 763 -24.71 -6.80 -2.39
C MET A 763 -23.33 -7.28 -2.82
N THR A 764 -22.51 -6.34 -3.29
CA THR A 764 -21.10 -6.57 -3.55
C THR A 764 -20.31 -5.44 -2.90
N SER A 765 -19.03 -5.70 -2.61
CA SER A 765 -18.18 -4.68 -2.00
C SER A 765 -16.86 -4.56 -2.74
N LEU A 766 -16.38 -3.32 -2.84
CA LEU A 766 -15.06 -2.95 -3.33
C LEU A 766 -14.40 -2.08 -2.29
N LEU A 767 -13.16 -2.37 -1.92
CA LEU A 767 -12.47 -1.58 -0.90
C LEU A 767 -11.19 -1.03 -1.50
N ASN A 768 -11.29 0.15 -2.11
CA ASN A 768 -10.12 0.87 -2.60
C ASN A 768 -9.44 1.53 -1.40
N GLY A 769 -8.40 0.90 -0.89
CA GLY A 769 -7.65 1.46 0.21
C GLY A 769 -8.46 1.56 1.49
N ASP A 770 -8.77 2.78 1.90
CA ASP A 770 -9.32 3.05 3.23
C ASP A 770 -10.84 2.93 3.33
N ASN A 771 -11.57 2.86 2.22
CA ASN A 771 -13.03 2.92 2.27
C ASN A 771 -13.65 1.58 1.90
N GLN A 772 -14.97 1.50 2.10
CA GLN A 772 -15.79 0.38 1.67
C GLN A 772 -16.90 0.94 0.79
N SER A 773 -16.94 0.50 -0.46
CA SER A 773 -17.94 0.93 -1.42
C SER A 773 -18.79 -0.27 -1.78
N ILE A 774 -20.09 -0.14 -1.57
CA ILE A 774 -21.03 -1.24 -1.71
C ILE A 774 -21.93 -0.96 -2.90
N ASP A 775 -22.30 -2.01 -3.60
CA ASP A 775 -23.24 -1.97 -4.71
C ASP A 775 -24.40 -2.88 -4.37
N VAL A 776 -25.62 -2.36 -4.49
CA VAL A 776 -26.83 -3.07 -4.12
C VAL A 776 -27.70 -3.21 -5.36
N SER A 777 -28.31 -4.39 -5.50
CA SER A 777 -29.18 -4.69 -6.63
C SER A 777 -30.33 -5.55 -6.13
N LYS A 778 -31.54 -5.03 -6.23
CA LYS A 778 -32.72 -5.71 -5.66
C LYS A 778 -33.91 -5.58 -6.59
N PRO A 779 -34.48 -6.67 -7.11
CA PRO A 779 -35.69 -6.52 -7.93
C PRO A 779 -36.85 -5.97 -7.11
N VAL A 780 -37.47 -4.91 -7.60
CA VAL A 780 -38.53 -4.25 -6.86
C VAL A 780 -39.85 -4.99 -7.01
N LYS A 781 -40.19 -5.39 -8.23
CA LYS A 781 -41.50 -5.99 -8.53
C LYS A 781 -42.64 -5.09 -8.08
N LEU A 782 -42.44 -3.78 -8.24
CA LEU A 782 -43.46 -2.77 -7.98
C LEU A 782 -43.08 -1.58 -8.85
N SER A 783 -43.86 -1.33 -9.90
CA SER A 783 -43.49 -0.42 -10.97
C SER A 783 -44.75 0.31 -11.42
N GLU A 784 -44.63 1.01 -12.55
CA GLU A 784 -45.71 1.69 -13.27
C GLU A 784 -46.15 2.99 -12.59
N GLY A 785 -45.61 3.34 -11.43
CA GLY A 785 -45.91 4.61 -10.79
C GLY A 785 -44.70 5.53 -10.83
N LEU A 786 -44.01 5.67 -9.70
CA LEU A 786 -42.72 6.33 -9.67
C LEU A 786 -41.67 5.39 -10.26
N ASP A 787 -41.07 5.77 -11.39
CA ASP A 787 -40.51 4.75 -12.26
C ASP A 787 -39.15 4.24 -11.78
N GLU A 788 -38.14 5.13 -11.64
CA GLU A 788 -36.86 4.66 -11.12
C GLU A 788 -36.33 5.42 -9.92
N VAL A 789 -36.55 6.74 -9.83
CA VAL A 789 -35.67 7.51 -8.94
C VAL A 789 -36.14 7.44 -7.50
N LYS A 790 -37.44 7.48 -7.26
CA LYS A 790 -37.94 7.30 -5.89
C LYS A 790 -37.72 5.86 -5.42
N ALA A 791 -37.76 4.91 -6.35
CA ALA A 791 -37.52 3.52 -6.00
C ALA A 791 -36.07 3.32 -5.56
N ASP A 792 -35.12 3.75 -6.38
CA ASP A 792 -33.71 3.68 -6.01
C ASP A 792 -33.45 4.46 -4.73
N TYR A 793 -34.12 5.60 -4.55
CA TYR A 793 -33.89 6.41 -3.36
C TYR A 793 -34.38 5.70 -2.10
N ARG A 794 -35.57 5.10 -2.14
CA ARG A 794 -36.07 4.41 -0.95
C ARG A 794 -35.25 3.16 -0.68
N LEU A 795 -34.82 2.45 -1.72
CA LEU A 795 -33.93 1.31 -1.53
C LEU A 795 -32.64 1.75 -0.88
N ALA A 796 -32.06 2.85 -1.36
CA ALA A 796 -30.80 3.34 -0.81
C ALA A 796 -30.95 3.72 0.65
N VAL A 797 -32.03 4.43 0.99
CA VAL A 797 -32.21 4.87 2.36
C VAL A 797 -32.45 3.67 3.28
N LYS A 798 -33.24 2.69 2.82
CA LYS A 798 -33.47 1.51 3.63
C LYS A 798 -32.17 0.73 3.87
N MET A 799 -31.42 0.48 2.79
CA MET A 799 -30.12 -0.18 2.93
C MET A 799 -29.20 0.57 3.87
N LEU A 800 -29.17 1.90 3.75
CA LEU A 800 -28.32 2.70 4.63
C LEU A 800 -28.72 2.53 6.08
N LYS A 801 -30.03 2.57 6.36
CA LYS A 801 -30.48 2.39 7.73
C LYS A 801 -30.13 1.00 8.25
N GLU A 802 -30.27 -0.02 7.40
CA GLU A 802 -29.96 -1.37 7.82
C GLU A 802 -28.47 -1.54 8.12
N ILE A 803 -27.62 -1.00 7.24
CA ILE A 803 -26.18 -1.09 7.47
C ILE A 803 -25.79 -0.33 8.74
N ARG A 804 -26.42 0.82 8.97
CA ARG A 804 -26.09 1.59 10.17
C ARG A 804 -26.52 0.86 11.42
N ASP A 805 -27.67 0.17 11.36
CA ASP A 805 -28.09 -0.63 12.51
C ASP A 805 -27.14 -1.81 12.73
N ALA A 806 -26.71 -2.45 11.64
CA ALA A 806 -25.77 -3.56 11.77
C ALA A 806 -24.47 -3.11 12.41
N TYR A 807 -24.01 -1.91 12.08
CA TYR A 807 -22.80 -1.40 12.70
C TYR A 807 -23.02 -0.91 14.13
N ARG A 808 -24.20 -0.37 14.42
CA ARG A 808 -24.51 0.07 15.78
C ARG A 808 -24.64 -1.11 16.72
N ASN A 809 -25.10 -2.26 16.23
CA ASN A 809 -25.14 -3.48 17.03
C ASN A 809 -23.75 -4.02 17.33
N ILE A 810 -22.72 -3.49 16.67
CA ILE A 810 -21.35 -3.94 16.89
C ILE A 810 -20.51 -2.89 17.63
N GLY A 811 -20.85 -1.62 17.51
CA GLY A 811 -20.16 -0.60 18.29
C GLY A 811 -19.70 0.64 17.55
N HIS A 812 -19.82 0.69 16.22
CA HIS A 812 -19.34 1.85 15.49
C HIS A 812 -20.45 2.88 15.40
N LYS A 813 -20.11 4.13 15.70
CA LYS A 813 -21.01 5.27 15.53
C LYS A 813 -20.75 5.95 14.19
N LEU A 814 -21.03 5.23 13.10
CA LEU A 814 -20.92 5.82 11.76
C LEU A 814 -21.52 7.21 11.74
N LYS A 815 -20.80 8.14 11.11
CA LYS A 815 -21.21 9.52 11.06
C LYS A 815 -22.01 9.80 9.79
N GLU A 816 -22.63 10.99 9.75
CA GLU A 816 -23.40 11.37 8.58
C GLU A 816 -22.51 11.94 7.50
N GLY A 817 -21.46 12.67 7.87
CA GLY A 817 -20.62 13.33 6.89
C GLY A 817 -19.60 12.43 6.22
N GLU A 818 -19.31 11.27 6.81
CA GLU A 818 -18.41 10.31 6.19
C GLU A 818 -19.15 9.49 5.13
N THR A 819 -20.20 8.78 5.52
CA THR A 819 -20.96 7.96 4.59
C THR A 819 -21.95 8.82 3.82
N TYR A 820 -22.25 8.39 2.60
CA TYR A 820 -23.21 9.08 1.76
C TYR A 820 -23.72 8.10 0.72
N ILE A 821 -24.51 8.61 -0.22
CA ILE A 821 -25.28 7.78 -1.13
C ILE A 821 -25.12 8.28 -2.56
N SER A 822 -25.25 7.36 -3.52
CA SER A 822 -25.30 7.68 -4.93
C SER A 822 -25.85 6.48 -5.68
N ARG A 823 -26.27 6.71 -6.93
CA ARG A 823 -26.90 5.64 -7.70
C ARG A 823 -25.86 4.68 -8.27
N ASP A 824 -24.93 5.19 -9.08
CA ASP A 824 -23.75 4.43 -9.45
C ASP A 824 -22.64 4.70 -8.44
N LEU A 825 -21.72 3.74 -8.32
CA LEU A 825 -20.48 4.00 -7.59
C LEU A 825 -19.56 4.82 -8.48
N GLN A 826 -19.33 6.08 -8.12
CA GLN A 826 -18.50 6.99 -8.90
C GLN A 826 -17.07 7.10 -8.40
N PHE A 827 -16.67 6.28 -7.43
CA PHE A 827 -15.41 6.47 -6.72
C PHE A 827 -14.62 5.17 -6.60
N ILE A 828 -14.54 4.43 -7.70
CA ILE A 828 -13.80 3.16 -7.72
C ILE A 828 -12.33 3.50 -7.95
N SER A 829 -11.55 3.53 -6.85
CA SER A 829 -10.12 3.80 -6.87
C SER A 829 -9.81 5.27 -7.17
N LYS A 830 -10.72 6.18 -6.81
CA LYS A 830 -10.45 7.62 -6.87
C LYS A 830 -10.30 8.12 -8.31
N VAL A 831 -10.91 7.42 -9.26
CA VAL A 831 -10.98 7.87 -10.66
C VAL A 831 -12.45 8.01 -11.01
N ILE A 832 -12.81 9.17 -11.56
CA ILE A 832 -14.21 9.60 -11.64
C ILE A 832 -14.78 9.00 -12.93
N GLN A 833 -15.32 7.79 -12.81
CA GLN A 833 -15.99 7.15 -13.92
C GLN A 833 -17.45 7.57 -13.93
N SER A 834 -17.96 7.91 -15.10
CA SER A 834 -19.36 8.29 -15.26
C SER A 834 -19.84 7.79 -16.61
N GLU A 835 -20.84 6.91 -16.60
CA GLU A 835 -21.41 6.35 -17.82
C GLU A 835 -20.39 5.53 -18.60
N GLY A 836 -19.34 5.07 -17.93
CA GLY A 836 -18.33 4.21 -18.51
C GLY A 836 -17.07 4.93 -18.97
N VAL A 837 -17.11 6.25 -19.08
CA VAL A 837 -15.93 7.04 -19.41
C VAL A 837 -15.20 7.42 -18.13
N MET A 838 -13.88 7.20 -18.11
CA MET A 838 -13.06 7.39 -16.92
C MET A 838 -12.40 8.77 -17.02
N HIS A 839 -12.97 9.74 -16.33
CA HIS A 839 -12.45 11.10 -16.39
C HIS A 839 -11.16 11.17 -15.57
N PRO A 840 -10.02 11.50 -16.16
CA PRO A 840 -8.74 11.35 -15.45
C PRO A 840 -8.60 12.35 -14.30
N THR A 841 -7.60 12.09 -13.46
CA THR A 841 -7.01 13.07 -12.56
C THR A 841 -5.55 13.25 -12.97
N PRO A 842 -5.30 13.87 -14.11
CA PRO A 842 -3.93 13.88 -14.65
C PRO A 842 -2.93 14.58 -13.76
N ILE A 843 -3.20 15.81 -13.33
CA ILE A 843 -2.26 16.52 -12.47
C ILE A 843 -2.62 16.16 -11.03
N LYS A 844 -2.05 15.07 -10.56
CA LYS A 844 -1.82 14.81 -9.13
C LYS A 844 -0.36 14.45 -8.92
N LYS A 845 0.25 13.84 -9.94
CA LYS A 845 1.60 13.29 -9.89
C LYS A 845 2.66 14.23 -10.44
N VAL A 846 2.26 15.21 -11.25
CA VAL A 846 3.18 16.10 -11.95
C VAL A 846 3.35 17.37 -11.11
N LEU A 847 2.90 17.32 -9.86
CA LEU A 847 3.00 18.46 -8.97
C LEU A 847 4.41 18.64 -8.44
N ARG A 848 5.14 17.54 -8.28
CA ARG A 848 6.43 17.51 -7.59
C ARG A 848 7.48 16.86 -8.48
N VAL A 849 7.50 17.28 -9.75
CA VAL A 849 8.41 16.75 -10.75
C VAL A 849 9.62 17.67 -10.96
N GLY A 850 9.86 18.58 -10.02
CA GLY A 850 11.04 19.41 -10.04
C GLY A 850 12.31 18.59 -9.97
N PRO A 851 13.45 19.25 -10.00
CA PRO A 851 14.73 18.53 -9.99
C PRO A 851 15.02 17.88 -8.65
N TRP A 852 15.79 16.80 -8.70
CA TRP A 852 16.18 16.02 -7.52
C TRP A 852 14.96 15.47 -6.79
N ILE A 853 14.16 14.67 -7.51
CA ILE A 853 12.96 14.05 -6.97
C ILE A 853 13.22 12.56 -6.77
N ASN A 854 12.68 12.03 -5.67
CA ASN A 854 12.67 10.59 -5.42
C ASN A 854 14.07 10.00 -5.36
N THR A 855 15.04 10.81 -4.94
CA THR A 855 16.44 10.39 -4.86
C THR A 855 16.84 10.13 -3.41
N ILE A 856 17.58 9.04 -3.20
CA ILE A 856 18.25 8.82 -1.92
C ILE A 856 19.53 9.64 -1.87
N LEU A 857 20.21 9.80 -3.00
CA LEU A 857 21.32 10.72 -3.13
C LEU A 857 21.19 11.38 -4.50
N ASP A 858 21.79 12.56 -4.63
CA ASP A 858 21.45 13.41 -5.76
C ASP A 858 22.08 12.83 -7.03
N ASP A 859 21.30 12.03 -7.76
CA ASP A 859 21.75 11.31 -8.93
C ASP A 859 20.91 11.74 -10.12
N ILE A 860 21.57 12.27 -11.15
CA ILE A 860 20.87 12.86 -12.28
C ILE A 860 20.09 11.78 -13.03
N LYS A 861 20.65 10.58 -13.12
CA LYS A 861 19.98 9.49 -13.84
C LYS A 861 18.63 9.17 -13.19
N THR A 862 18.64 8.88 -11.89
CA THR A 862 17.40 8.51 -11.22
C THR A 862 16.43 9.67 -11.16
N SER A 863 16.93 10.90 -11.01
CA SER A 863 16.05 12.06 -11.00
C SER A 863 15.33 12.20 -12.34
N ALA A 864 16.08 12.14 -13.43
CA ALA A 864 15.48 12.25 -14.76
C ALA A 864 14.51 11.11 -15.01
N GLU A 865 14.86 9.89 -14.57
CA GLU A 865 13.95 8.77 -14.79
C GLU A 865 12.65 8.95 -14.02
N SER A 866 12.74 9.48 -12.80
CA SER A 866 11.52 9.75 -12.03
C SER A 866 10.69 10.81 -12.71
N ILE A 867 11.33 11.84 -13.27
CA ILE A 867 10.59 12.87 -13.99
C ILE A 867 9.88 12.25 -15.19
N GLY A 868 10.58 11.39 -15.93
CA GLY A 868 9.96 10.76 -17.08
C GLY A 868 8.79 9.89 -16.70
N SER A 869 8.88 9.24 -15.53
CA SER A 869 7.89 8.26 -15.14
C SER A 869 6.64 8.95 -14.61
N LEU A 870 6.82 9.96 -13.77
CA LEU A 870 5.69 10.79 -13.35
C LEU A 870 5.04 11.43 -14.57
N CYS A 871 5.79 12.25 -15.32
CA CYS A 871 5.19 13.03 -16.41
C CYS A 871 4.49 12.15 -17.45
N GLN A 872 5.00 10.94 -17.73
CA GLN A 872 4.31 10.06 -18.68
C GLN A 872 2.88 9.71 -18.28
N GLU A 873 2.47 10.02 -17.05
CA GLU A 873 1.07 9.84 -16.68
C GLU A 873 0.15 10.79 -17.43
N LEU A 874 0.69 11.91 -17.93
CA LEU A 874 -0.03 12.78 -18.85
C LEU A 874 -0.09 12.23 -20.27
N GLU A 875 0.38 11.01 -20.47
CA GLU A 875 0.17 10.23 -21.69
C GLU A 875 -0.59 8.95 -21.43
N PHE A 876 -0.46 8.36 -20.23
CA PHE A 876 -1.14 7.12 -19.90
C PHE A 876 -2.51 7.38 -19.29
N ARG A 877 -2.54 8.14 -18.20
CA ARG A 877 -3.81 8.60 -17.67
C ARG A 877 -4.32 9.79 -18.45
N GLY A 878 -3.43 10.72 -18.78
CA GLY A 878 -3.80 11.94 -19.47
C GLY A 878 -3.46 11.95 -20.94
N GLU A 879 -4.16 12.83 -21.64
CA GLU A 879 -3.95 13.21 -23.03
C GLU A 879 -3.00 14.41 -23.05
N SER A 880 -2.83 15.03 -24.22
CA SER A 880 -1.80 16.04 -24.44
C SER A 880 -0.39 15.52 -24.14
N ILE A 881 -0.05 14.51 -24.93
CA ILE A 881 1.35 14.13 -25.12
C ILE A 881 2.22 15.34 -25.39
N ILE A 882 1.69 16.35 -26.11
CA ILE A 882 2.47 17.55 -26.35
C ILE A 882 2.79 18.26 -25.03
N VAL A 883 1.82 18.27 -24.12
CA VAL A 883 2.05 18.85 -22.80
C VAL A 883 3.08 18.03 -22.05
N SER A 884 3.05 16.70 -22.22
CA SER A 884 4.00 15.88 -21.50
C SER A 884 5.41 16.10 -22.04
N LEU A 885 5.55 16.24 -23.36
CA LEU A 885 6.88 16.51 -23.92
C LEU A 885 7.40 17.87 -23.47
N ILE A 886 6.51 18.83 -23.24
CA ILE A 886 6.98 20.16 -22.93
C ILE A 886 7.35 20.24 -21.46
N LEU A 887 6.52 19.69 -20.59
CA LEU A 887 6.78 19.72 -19.17
C LEU A 887 7.85 18.71 -18.77
N ARG A 888 8.13 17.72 -19.62
CA ARG A 888 9.34 16.93 -19.44
C ARG A 888 10.58 17.75 -19.77
N ASN A 889 10.66 18.25 -21.01
CA ASN A 889 11.91 18.84 -21.47
C ASN A 889 12.27 20.10 -20.70
N PHE A 890 11.28 20.92 -20.33
CA PHE A 890 11.54 22.06 -19.46
C PHE A 890 12.35 21.67 -18.23
N TRP A 891 11.91 20.61 -17.55
CA TRP A 891 12.56 20.30 -16.29
C TRP A 891 13.84 19.50 -16.48
N LEU A 892 13.89 18.61 -17.47
CA LEU A 892 15.17 17.99 -17.80
C LEU A 892 16.22 19.04 -18.14
N TYR A 893 15.83 20.13 -18.80
CA TYR A 893 16.77 21.22 -19.04
C TYR A 893 17.21 21.86 -17.74
N ASN A 894 16.24 22.14 -16.85
CA ASN A 894 16.61 22.76 -15.59
C ASN A 894 17.50 21.88 -14.75
N LEU A 895 17.38 20.56 -14.91
CA LEU A 895 18.22 19.63 -14.17
C LEU A 895 19.62 19.53 -14.77
N TYR A 896 19.72 19.47 -16.10
CA TYR A 896 21.00 19.25 -16.73
C TYR A 896 21.82 20.53 -16.79
N MET A 897 21.30 21.57 -17.44
CA MET A 897 22.11 22.71 -17.85
C MET A 897 22.06 23.89 -16.89
N HIS A 898 21.30 23.82 -15.80
CA HIS A 898 21.27 24.92 -14.84
C HIS A 898 21.50 24.49 -13.39
N GLU A 899 21.21 23.23 -13.07
CA GLU A 899 21.34 22.73 -11.70
C GLU A 899 22.47 21.72 -11.52
N SER A 900 23.01 21.15 -12.60
CA SER A 900 24.08 20.19 -12.46
C SER A 900 25.40 20.85 -12.06
N LYS A 901 25.51 22.18 -12.23
CA LYS A 901 26.74 22.86 -11.86
C LYS A 901 26.94 22.80 -10.35
N GLN A 902 25.98 23.33 -9.58
CA GLN A 902 26.05 23.34 -8.13
C GLN A 902 25.48 22.04 -7.57
N HIS A 903 26.23 20.97 -7.77
CA HIS A 903 25.89 19.69 -7.15
C HIS A 903 26.47 19.66 -5.74
N PRO A 904 25.66 19.41 -4.70
CA PRO A 904 26.18 19.51 -3.32
C PRO A 904 27.41 18.67 -3.04
N LEU A 905 27.62 17.58 -3.77
CA LEU A 905 28.67 16.62 -3.46
C LEU A 905 29.92 16.77 -4.32
N ALA A 906 29.77 16.97 -5.63
CA ALA A 906 30.89 17.00 -6.55
C ALA A 906 31.16 18.36 -7.18
N GLY A 907 30.21 19.29 -7.10
CA GLY A 907 30.46 20.63 -7.62
C GLY A 907 30.42 20.66 -9.13
N LYS A 908 31.42 21.32 -9.73
CA LYS A 908 31.49 21.47 -11.18
C LYS A 908 31.91 20.19 -11.91
N GLN A 909 32.13 19.08 -11.19
CA GLN A 909 32.54 17.84 -11.84
C GLN A 909 31.50 17.38 -12.85
N LEU A 910 30.22 17.42 -12.44
CA LEU A 910 29.14 16.97 -13.31
C LEU A 910 29.10 17.78 -14.59
N PHE A 911 29.16 19.11 -14.46
CA PHE A 911 29.06 19.93 -15.65
C PHE A 911 30.29 19.80 -16.55
N LYS A 912 31.49 19.62 -15.97
CA LYS A 912 32.64 19.37 -16.84
C LYS A 912 32.48 18.06 -17.60
N GLN A 913 31.85 17.07 -16.98
CA GLN A 913 31.65 15.80 -17.67
C GLN A 913 30.64 15.96 -18.79
N LEU A 914 29.52 16.60 -18.47
CA LEU A 914 28.48 16.80 -19.48
C LEU A 914 29.00 17.63 -20.64
N ASN A 915 29.82 18.66 -20.38
CA ASN A 915 30.38 19.39 -21.51
C ASN A 915 31.50 18.63 -22.21
N LYS A 916 31.94 17.51 -21.63
CA LYS A 916 32.96 16.75 -22.34
C LYS A 916 32.31 15.75 -23.27
N THR A 917 31.21 15.14 -22.85
CA THR A 917 30.48 14.31 -23.80
C THR A 917 29.68 15.15 -24.79
N LEU A 918 29.41 16.42 -24.46
CA LEU A 918 28.81 17.30 -25.46
C LEU A 918 29.81 17.69 -26.53
N THR A 919 31.07 17.89 -26.15
CA THR A 919 32.05 18.21 -27.20
C THR A 919 32.41 16.96 -27.99
N SER A 920 32.49 15.81 -27.33
CA SER A 920 32.66 14.54 -28.05
C SER A 920 31.57 14.36 -29.11
N VAL A 921 30.29 14.48 -28.73
CA VAL A 921 29.22 14.25 -29.69
C VAL A 921 29.25 15.30 -30.79
N GLN A 922 29.54 16.55 -30.44
CA GLN A 922 29.64 17.59 -31.46
C GLN A 922 30.71 17.25 -32.49
N ARG A 923 31.93 16.96 -32.04
CA ARG A 923 33.00 16.58 -32.95
C ARG A 923 32.68 15.31 -33.73
N PHE A 924 31.81 14.45 -33.20
CA PHE A 924 31.44 13.23 -33.91
C PHE A 924 30.44 13.52 -35.03
N PHE A 925 29.39 14.28 -34.72
CA PHE A 925 28.28 14.47 -35.64
C PHE A 925 28.41 15.74 -36.47
N GLU A 926 29.50 16.48 -36.33
CA GLU A 926 29.78 17.66 -37.14
C GLU A 926 28.61 18.66 -37.08
N ILE A 927 28.32 19.12 -35.88
CA ILE A 927 27.32 20.17 -35.66
C ILE A 927 28.05 21.51 -35.66
N LYS A 928 27.40 22.53 -36.23
CA LYS A 928 27.99 23.86 -36.27
C LYS A 928 27.57 24.73 -35.08
N ARG A 929 26.34 24.58 -34.61
CA ARG A 929 25.80 25.38 -33.52
C ARG A 929 25.62 24.51 -32.28
N GLU A 930 26.15 24.97 -31.15
CA GLU A 930 26.01 24.27 -29.89
C GLU A 930 24.59 24.32 -29.32
N ASN A 931 23.71 25.14 -29.89
CA ASN A 931 22.35 25.22 -29.36
C ASN A 931 21.57 23.95 -29.65
N GLU A 932 21.94 23.19 -30.68
CA GLU A 932 21.22 21.98 -31.05
C GLU A 932 21.93 20.69 -30.62
N VAL A 933 23.16 20.77 -30.12
CA VAL A 933 23.80 19.54 -29.69
C VAL A 933 23.28 19.09 -28.34
N VAL A 934 22.78 20.03 -27.53
CA VAL A 934 22.09 19.63 -26.31
C VAL A 934 20.76 18.97 -26.67
N ASP A 935 20.14 19.42 -27.76
CA ASP A 935 18.89 18.80 -28.22
C ASP A 935 19.15 17.38 -28.69
N LEU A 936 20.22 17.19 -29.47
CA LEU A 936 20.54 15.85 -29.96
C LEU A 936 20.97 14.94 -28.82
N TRP A 937 21.63 15.48 -27.78
CA TRP A 937 22.02 14.64 -26.66
C TRP A 937 20.86 14.35 -25.73
N MET A 938 19.84 15.21 -25.71
CA MET A 938 18.70 15.03 -24.83
C MET A 938 17.56 14.26 -25.47
N ASN A 939 17.55 14.12 -26.79
CA ASN A 939 16.73 13.11 -27.45
C ASN A 939 17.48 11.80 -27.63
N ILE A 940 18.01 11.23 -26.55
CA ILE A 940 18.74 9.97 -26.62
C ILE A 940 18.47 9.18 -25.34
N PRO A 941 18.21 7.88 -25.42
CA PRO A 941 17.95 7.08 -24.20
C PRO A 941 19.09 7.13 -23.20
N MET A 942 18.76 6.64 -21.99
CA MET A 942 19.68 6.69 -20.86
C MET A 942 20.77 5.65 -21.01
N GLN A 943 20.44 4.48 -21.54
CA GLN A 943 21.38 3.36 -21.72
C GLN A 943 22.47 3.66 -22.75
N PHE A 944 22.41 4.82 -23.41
CA PHE A 944 23.45 5.29 -24.32
C PHE A 944 24.00 6.64 -23.86
N GLY A 945 23.86 6.96 -22.57
CA GLY A 945 24.44 8.14 -21.97
C GLY A 945 23.81 9.46 -22.36
N GLY A 946 22.72 9.45 -23.12
CA GLY A 946 21.95 10.64 -23.40
C GLY A 946 20.74 10.72 -22.50
N GLY A 947 20.38 11.95 -22.11
CA GLY A 947 19.27 12.10 -21.19
C GLY A 947 17.94 12.22 -21.90
N ASP A 948 17.19 11.12 -21.93
CA ASP A 948 15.82 11.10 -22.41
C ASP A 948 15.12 9.87 -21.84
N PRO A 949 14.67 9.90 -20.59
CA PRO A 949 14.01 8.72 -20.02
C PRO A 949 12.53 8.63 -20.38
N VAL A 950 12.23 8.79 -21.66
CA VAL A 950 11.02 8.28 -22.28
C VAL A 950 11.48 7.60 -23.55
N VAL A 951 11.62 6.27 -23.52
CA VAL A 951 11.91 5.54 -24.73
C VAL A 951 10.70 5.65 -25.65
N PHE A 952 10.95 5.55 -26.96
CA PHE A 952 9.88 5.77 -27.92
C PHE A 952 8.78 4.72 -27.83
N TYR A 953 9.03 3.59 -27.18
CA TYR A 953 7.97 2.62 -26.98
C TYR A 953 7.07 2.97 -25.80
N ARG A 954 7.64 3.62 -24.79
CA ARG A 954 6.84 4.01 -23.62
C ARG A 954 5.65 4.88 -24.01
N SER A 955 5.74 5.61 -25.11
CA SER A 955 4.70 6.54 -25.50
C SER A 955 3.54 5.89 -26.24
N PHE A 956 3.66 4.63 -26.67
CA PHE A 956 2.54 3.94 -27.31
C PHE A 956 2.17 2.60 -26.67
N TYR A 957 3.11 1.85 -26.12
CA TYR A 957 2.80 0.66 -25.35
C TYR A 957 3.69 0.56 -24.12
N ARG A 958 3.06 0.45 -22.95
CA ARG A 958 3.75 0.64 -21.67
C ARG A 958 4.90 -0.33 -21.48
N ARG A 959 4.73 -1.60 -21.87
CA ARG A 959 5.67 -2.67 -21.51
C ARG A 959 6.19 -3.34 -22.78
N THR A 960 7.39 -3.95 -22.67
CA THR A 960 8.00 -4.52 -23.86
C THR A 960 9.22 -5.40 -23.58
N PRO A 961 9.41 -6.47 -24.36
CA PRO A 961 10.75 -7.04 -24.54
C PRO A 961 11.71 -6.10 -25.25
N ASP A 962 13.00 -6.38 -25.07
CA ASP A 962 14.09 -5.74 -25.82
C ASP A 962 14.01 -4.21 -25.84
N PHE A 963 14.11 -3.67 -24.62
CA PHE A 963 14.27 -2.22 -24.47
C PHE A 963 15.41 -1.73 -25.34
N LEU A 964 16.53 -2.46 -25.34
CA LEU A 964 17.68 -2.10 -26.18
C LEU A 964 17.28 -1.84 -27.63
N THR A 965 16.57 -2.79 -28.26
CA THR A 965 16.23 -2.60 -29.67
C THR A 965 15.22 -1.48 -29.85
N GLU A 966 14.34 -1.27 -28.87
CA GLU A 966 13.42 -0.15 -28.98
C GLU A 966 14.17 1.17 -28.96
N ALA A 967 15.16 1.28 -28.07
CA ALA A 967 16.01 2.47 -28.02
C ALA A 967 16.80 2.63 -29.31
N ILE A 968 17.27 1.51 -29.87
CA ILE A 968 18.03 1.56 -31.12
C ILE A 968 17.16 2.14 -32.22
N SER A 969 15.92 1.66 -32.35
CA SER A 969 15.03 2.18 -33.37
C SER A 969 14.69 3.64 -33.13
N HIS A 970 14.57 4.03 -31.85
CA HIS A 970 14.34 5.43 -31.50
C HIS A 970 15.45 6.32 -32.06
N VAL A 971 16.69 6.00 -31.68
CA VAL A 971 17.82 6.83 -32.13
C VAL A 971 17.98 6.75 -33.64
N ASP A 972 17.62 5.61 -34.24
CA ASP A 972 17.71 5.47 -35.68
C ASP A 972 16.78 6.45 -36.37
N ILE A 973 15.51 6.48 -35.97
CA ILE A 973 14.58 7.39 -36.63
C ILE A 973 14.95 8.84 -36.32
N LEU A 974 15.48 9.11 -35.13
CA LEU A 974 15.98 10.44 -34.83
C LEU A 974 17.05 10.87 -35.83
N LEU A 975 18.07 10.04 -36.01
CA LEU A 975 19.17 10.37 -36.91
C LEU A 975 18.72 10.41 -38.36
N LYS A 976 17.64 9.70 -38.69
CA LYS A 976 17.14 9.72 -40.05
C LYS A 976 16.41 11.03 -40.33
N ILE A 977 15.65 11.53 -39.35
CA ILE A 977 14.92 12.78 -39.58
C ILE A 977 15.77 14.02 -39.36
N SER A 978 16.89 13.90 -38.64
CA SER A 978 17.67 15.07 -38.25
C SER A 978 18.47 15.54 -39.47
N ALA A 979 17.85 16.43 -40.25
CA ALA A 979 18.47 16.97 -41.46
C ALA A 979 19.28 18.22 -41.16
N ASN A 980 20.21 18.08 -40.23
CA ASN A 980 21.24 19.05 -39.91
C ASN A 980 22.62 18.43 -39.99
N ILE A 981 22.76 17.16 -39.61
CA ILE A 981 24.02 16.47 -39.72
C ILE A 981 24.21 15.97 -41.16
N LYS A 982 25.44 15.59 -41.47
CA LYS A 982 25.76 14.96 -42.74
C LYS A 982 25.66 13.46 -42.62
N ASN A 983 25.32 12.81 -43.74
CA ASN A 983 25.22 11.36 -43.77
C ASN A 983 26.61 10.74 -43.61
N GLU A 984 26.65 9.41 -43.56
CA GLU A 984 27.83 8.63 -43.23
C GLU A 984 28.30 8.86 -41.79
N THR A 985 27.46 9.45 -40.95
CA THR A 985 27.67 9.52 -39.51
C THR A 985 26.51 8.96 -38.72
N LYS A 986 25.28 9.14 -39.21
CA LYS A 986 24.14 8.44 -38.64
C LYS A 986 24.25 6.94 -38.85
N VAL A 987 25.02 6.51 -39.86
CA VAL A 987 25.31 5.10 -40.06
C VAL A 987 26.57 4.67 -39.33
N SER A 988 27.49 5.61 -39.04
CA SER A 988 28.68 5.30 -38.28
C SER A 988 28.41 5.20 -36.78
N PHE A 989 27.33 5.83 -36.31
CA PHE A 989 26.95 5.70 -34.90
C PHE A 989 26.73 4.24 -34.53
N PHE A 990 26.09 3.48 -35.42
CA PHE A 990 25.81 2.07 -35.12
C PHE A 990 27.09 1.24 -35.13
N LYS A 991 28.02 1.55 -36.04
CA LYS A 991 29.32 0.89 -36.01
C LYS A 991 30.06 1.22 -34.73
N ALA A 992 29.89 2.44 -34.22
CA ALA A 992 30.48 2.79 -32.93
C ALA A 992 29.87 1.97 -31.81
N LEU A 993 28.55 1.82 -31.83
CA LEU A 993 27.87 0.97 -30.85
C LEU A 993 28.40 -0.46 -30.90
N LEU A 994 28.66 -0.96 -32.11
CA LEU A 994 29.06 -2.35 -32.29
C LEU A 994 30.55 -2.60 -32.04
N SER A 995 31.37 -1.54 -32.08
CA SER A 995 32.80 -1.69 -31.86
C SER A 995 33.06 -1.80 -30.36
N ILE A 996 33.37 -3.02 -29.90
CA ILE A 996 33.34 -3.40 -28.49
C ILE A 996 34.73 -3.92 -28.11
N GLU A 997 34.94 -4.06 -26.80
CA GLU A 997 36.17 -4.52 -26.18
C GLU A 997 35.90 -5.82 -25.44
N LYS A 998 35.11 -6.67 -26.09
CA LYS A 998 34.39 -7.79 -25.48
C LYS A 998 35.26 -8.76 -24.69
N ASN A 999 36.58 -8.76 -24.87
CA ASN A 999 37.40 -9.86 -24.36
C ASN A 999 37.55 -9.65 -22.86
N GLU A 1000 36.49 -10.04 -22.15
CA GLU A 1000 36.34 -9.81 -20.72
C GLU A 1000 35.68 -11.07 -20.14
N ARG A 1001 35.24 -11.00 -18.88
CA ARG A 1001 34.60 -12.15 -18.25
C ARG A 1001 33.18 -12.35 -18.77
N ALA A 1002 32.85 -13.61 -19.07
CA ALA A 1002 31.52 -13.99 -19.55
C ALA A 1002 30.59 -14.36 -18.38
N THR A 1003 30.48 -13.42 -17.43
CA THR A 1003 29.69 -13.66 -16.24
C THR A 1003 28.20 -13.70 -16.55
N LEU A 1004 27.53 -14.74 -16.05
CA LEU A 1004 26.14 -15.04 -16.36
C LEU A 1004 25.17 -14.56 -15.28
N THR A 1005 25.66 -14.26 -14.08
CA THR A 1005 24.77 -13.73 -13.06
C THR A 1005 24.19 -12.39 -13.48
N THR A 1006 24.91 -11.65 -14.33
CA THR A 1006 24.36 -10.43 -14.92
C THR A 1006 23.08 -10.74 -15.69
N LEU A 1007 23.12 -11.76 -16.56
CA LEU A 1007 21.93 -12.13 -17.30
C LEU A 1007 20.85 -12.65 -16.37
N MET A 1008 21.23 -13.45 -15.37
CA MET A 1008 20.25 -13.98 -14.44
C MET A 1008 19.51 -12.85 -13.71
N ARG A 1009 20.21 -11.76 -13.40
CA ARG A 1009 19.58 -10.66 -12.70
C ARG A 1009 18.87 -9.69 -13.65
N ASP A 1010 19.26 -9.65 -14.92
CA ASP A 1010 18.65 -8.76 -15.92
C ASP A 1010 18.83 -9.43 -17.27
N PRO A 1011 17.91 -10.34 -17.64
CA PRO A 1011 18.04 -11.06 -18.91
C PRO A 1011 18.22 -10.23 -20.17
N GLN A 1012 17.91 -8.94 -20.13
CA GLN A 1012 17.98 -8.09 -21.30
C GLN A 1012 19.23 -7.20 -21.31
N ALA A 1013 20.26 -7.55 -20.56
CA ALA A 1013 21.39 -6.66 -20.41
C ALA A 1013 22.42 -6.84 -21.52
N VAL A 1014 23.08 -5.74 -21.85
CA VAL A 1014 24.38 -5.75 -22.51
C VAL A 1014 25.45 -5.80 -21.43
N GLY A 1015 26.66 -6.20 -21.81
CA GLY A 1015 27.80 -6.07 -20.90
C GLY A 1015 28.94 -5.31 -21.53
N SER A 1016 30.15 -5.80 -21.27
CA SER A 1016 31.42 -5.15 -21.61
C SER A 1016 31.33 -3.65 -21.35
N GLU A 1017 31.01 -3.32 -20.10
CA GLU A 1017 30.98 -1.97 -19.56
C GLU A 1017 29.99 -1.05 -20.29
N ARG A 1018 29.12 -1.60 -21.15
CA ARG A 1018 28.10 -0.79 -21.79
C ARG A 1018 26.92 -0.51 -20.88
N GLN A 1019 26.54 -1.49 -20.06
CA GLN A 1019 25.42 -1.31 -19.16
C GLN A 1019 25.73 -0.21 -18.15
N ALA A 1020 24.76 0.65 -17.90
CA ALA A 1020 24.93 1.70 -16.92
C ALA A 1020 24.85 1.09 -15.52
N LYS A 1021 25.90 1.30 -14.74
CA LYS A 1021 25.97 0.72 -13.40
C LYS A 1021 24.94 1.38 -12.49
N VAL A 1022 24.21 0.59 -11.72
CA VAL A 1022 23.21 1.11 -10.80
C VAL A 1022 23.72 0.97 -9.36
N THR A 1023 22.99 1.63 -8.45
CA THR A 1023 23.34 1.59 -7.02
C THR A 1023 23.42 0.16 -6.49
N SER A 1024 22.73 -0.79 -7.11
CA SER A 1024 22.63 -2.11 -6.51
C SER A 1024 23.90 -2.90 -6.77
N ASP A 1025 24.40 -2.80 -7.99
CA ASP A 1025 25.63 -3.49 -8.33
C ASP A 1025 26.80 -2.77 -7.71
N ILE A 1026 26.90 -1.45 -7.94
CA ILE A 1026 28.02 -0.72 -7.36
C ILE A 1026 28.12 -0.87 -5.85
N ASN A 1027 26.98 -0.99 -5.13
CA ASN A 1027 27.03 -1.17 -3.69
C ASN A 1027 27.05 -2.63 -3.24
N ARG A 1028 26.96 -3.60 -4.16
CA ARG A 1028 26.99 -4.99 -3.74
C ARG A 1028 28.25 -5.33 -2.95
N THR A 1029 29.42 -4.89 -3.42
CA THR A 1029 30.62 -5.31 -2.72
C THR A 1029 30.84 -4.55 -1.42
N ALA A 1030 30.25 -3.37 -1.28
CA ALA A 1030 30.40 -2.62 -0.04
C ALA A 1030 29.46 -3.19 1.02
N VAL A 1031 28.26 -3.56 0.62
CA VAL A 1031 27.33 -4.11 1.59
C VAL A 1031 27.72 -5.53 1.95
N THR A 1032 28.32 -6.30 1.03
CA THR A 1032 28.88 -7.58 1.44
C THR A 1032 30.03 -7.40 2.41
N SER A 1033 30.88 -6.40 2.17
CA SER A 1033 31.99 -6.14 3.09
C SER A 1033 31.49 -5.81 4.47
N ILE A 1034 30.42 -5.01 4.56
CA ILE A 1034 29.92 -4.59 5.87
C ILE A 1034 29.14 -5.71 6.54
N LEU A 1035 28.26 -6.38 5.80
CA LEU A 1035 27.57 -7.57 6.31
C LEU A 1035 28.56 -8.58 6.89
N SER A 1036 29.74 -8.72 6.26
CA SER A 1036 30.70 -9.72 6.71
C SER A 1036 31.10 -9.49 8.17
N LEU A 1037 31.29 -8.24 8.57
CA LEU A 1037 31.61 -7.92 9.97
C LEU A 1037 30.31 -7.52 10.65
N SER A 1038 29.59 -8.54 11.11
CA SER A 1038 28.30 -8.42 11.76
C SER A 1038 28.18 -9.50 12.82
N PRO A 1039 27.94 -9.18 14.09
CA PRO A 1039 27.90 -10.25 15.12
C PRO A 1039 26.88 -11.35 14.88
N ASN A 1040 26.00 -11.22 13.89
CA ASN A 1040 25.13 -12.31 13.48
C ASN A 1040 25.95 -13.34 12.70
N GLN A 1041 26.25 -14.47 13.36
CA GLN A 1041 26.99 -15.55 12.73
C GLN A 1041 26.37 -15.95 11.40
N LEU A 1042 25.04 -16.08 11.36
CA LEU A 1042 24.36 -16.52 10.14
C LEU A 1042 24.65 -15.58 8.99
N PHE A 1043 24.53 -14.28 9.22
CA PHE A 1043 24.68 -13.33 8.13
C PHE A 1043 26.13 -13.21 7.70
N SER A 1044 27.07 -13.18 8.67
CA SER A 1044 28.47 -13.23 8.29
C SER A 1044 28.80 -14.45 7.46
N ASP A 1045 28.23 -15.61 7.83
CA ASP A 1045 28.53 -16.85 7.14
C ASP A 1045 27.96 -16.86 5.73
N SER A 1046 26.81 -16.21 5.53
CA SER A 1046 26.27 -16.16 4.18
C SER A 1046 26.94 -15.08 3.35
N ALA A 1047 27.46 -14.03 3.99
CA ALA A 1047 27.99 -12.92 3.21
C ALA A 1047 29.42 -13.19 2.76
N ILE A 1048 30.26 -13.80 3.60
CA ILE A 1048 31.57 -14.21 3.12
C ILE A 1048 31.44 -15.15 1.92
N HIS A 1049 30.42 -16.02 1.94
CA HIS A 1049 30.17 -16.95 0.83
C HIS A 1049 29.45 -16.30 -0.35
N TYR A 1050 28.89 -15.10 -0.18
CA TYR A 1050 28.17 -14.44 -1.25
C TYR A 1050 28.97 -14.40 -2.56
N SER A 1051 30.16 -13.81 -2.53
CA SER A 1051 30.92 -13.68 -3.77
C SER A 1051 31.34 -15.02 -4.37
N ARG A 1052 31.34 -16.08 -3.57
CA ARG A 1052 31.75 -17.37 -4.07
C ARG A 1052 30.59 -18.05 -4.76
N ASN A 1053 29.41 -17.96 -4.17
CA ASN A 1053 28.21 -18.42 -4.85
C ASN A 1053 27.96 -17.61 -6.11
N GLU A 1054 28.17 -16.29 -6.05
CA GLU A 1054 27.96 -15.46 -7.23
C GLU A 1054 28.92 -15.83 -8.36
N GLU A 1055 30.15 -16.23 -8.04
CA GLU A 1055 31.06 -16.68 -9.08
C GLU A 1055 30.89 -18.15 -9.44
N GLU A 1056 30.13 -18.91 -8.65
CA GLU A 1056 29.89 -20.33 -8.93
C GLU A 1056 28.58 -20.59 -9.65
N VAL A 1057 27.62 -19.67 -9.58
CA VAL A 1057 26.35 -19.86 -10.25
C VAL A 1057 26.53 -19.92 -11.76
N GLY A 1058 27.26 -18.95 -12.32
CA GLY A 1058 27.53 -18.93 -13.75
C GLY A 1058 27.99 -20.27 -14.30
N ILE A 1059 28.93 -20.91 -13.60
CA ILE A 1059 29.45 -22.23 -13.95
C ILE A 1059 28.31 -23.18 -14.29
N ILE A 1060 27.29 -23.23 -13.43
CA ILE A 1060 26.21 -24.23 -13.52
C ILE A 1060 25.65 -24.34 -14.94
N ALA A 1061 25.61 -23.23 -15.68
CA ALA A 1061 25.17 -23.25 -17.06
C ALA A 1061 26.10 -22.43 -17.95
N GLU A 1062 27.40 -22.48 -17.65
CA GLU A 1062 28.38 -21.90 -18.55
C GLU A 1062 28.45 -22.66 -19.87
N ASN A 1063 28.68 -23.97 -19.78
CA ASN A 1063 28.88 -24.81 -20.97
C ASN A 1063 27.54 -25.31 -21.52
N ILE A 1064 26.66 -24.36 -21.85
CA ILE A 1064 25.39 -24.68 -22.47
C ILE A 1064 25.27 -23.87 -23.76
N THR A 1065 24.57 -24.44 -24.73
CA THR A 1065 24.34 -23.82 -26.03
C THR A 1065 22.97 -24.25 -26.54
N PRO A 1066 21.99 -23.35 -26.69
CA PRO A 1066 21.95 -21.89 -26.48
C PRO A 1066 21.52 -21.48 -25.08
N VAL A 1067 22.14 -20.41 -24.58
CA VAL A 1067 21.86 -19.89 -23.24
C VAL A 1067 20.52 -19.15 -23.29
N TYR A 1068 19.47 -19.77 -22.74
CA TYR A 1068 18.18 -19.11 -22.59
C TYR A 1068 18.18 -18.28 -21.30
N PRO A 1069 18.32 -16.95 -21.37
CA PRO A 1069 18.46 -16.18 -20.12
C PRO A 1069 17.24 -16.25 -19.22
N HIS A 1070 16.04 -16.38 -19.77
CA HIS A 1070 14.89 -16.59 -18.90
C HIS A 1070 14.96 -17.94 -18.20
N GLY A 1071 15.52 -18.95 -18.87
CA GLY A 1071 15.79 -20.19 -18.18
C GLY A 1071 16.79 -20.02 -17.05
N LEU A 1072 17.83 -19.22 -17.28
CA LEU A 1072 18.74 -18.89 -16.19
C LEU A 1072 18.05 -18.13 -15.07
N ARG A 1073 17.06 -17.31 -15.41
CA ARG A 1073 16.29 -16.60 -14.38
C ARG A 1073 15.46 -17.57 -13.56
N VAL A 1074 14.94 -18.60 -14.20
CA VAL A 1074 14.22 -19.65 -13.50
C VAL A 1074 15.17 -20.40 -12.57
N LEU A 1075 16.35 -20.73 -13.07
CA LEU A 1075 17.37 -21.40 -12.25
C LEU A 1075 17.81 -20.52 -11.10
N TYR A 1076 17.72 -19.20 -11.27
CA TYR A 1076 18.05 -18.26 -10.21
C TYR A 1076 16.96 -18.24 -9.14
N GLU A 1077 15.71 -18.20 -9.57
CA GLU A 1077 14.60 -18.12 -8.62
C GLU A 1077 14.42 -19.43 -7.87
N SER A 1078 14.71 -20.56 -8.52
CA SER A 1078 14.57 -21.86 -7.86
C SER A 1078 15.56 -22.00 -6.71
N LEU A 1079 16.70 -21.35 -6.78
CA LEU A 1079 17.71 -21.45 -5.74
C LEU A 1079 17.46 -20.44 -4.62
N PRO A 1080 18.00 -20.68 -3.42
CA PRO A 1080 17.84 -19.71 -2.33
C PRO A 1080 18.51 -18.37 -2.59
N PHE A 1081 19.49 -18.32 -3.49
CA PHE A 1081 20.28 -17.10 -3.71
C PHE A 1081 19.42 -15.90 -4.03
N HIS A 1082 18.27 -16.11 -4.67
CA HIS A 1082 17.40 -15.01 -5.07
C HIS A 1082 17.00 -14.14 -3.88
N LYS A 1083 16.53 -14.78 -2.80
CA LYS A 1083 16.09 -14.03 -1.63
C LYS A 1083 17.24 -13.24 -1.02
N ALA A 1084 18.45 -13.81 -1.02
CA ALA A 1084 19.61 -13.11 -0.48
C ALA A 1084 19.95 -11.90 -1.32
N GLU A 1085 19.91 -12.06 -2.64
CA GLU A 1085 20.16 -10.92 -3.52
C GLU A 1085 19.11 -9.84 -3.33
N LYS A 1086 17.86 -10.25 -3.09
CA LYS A 1086 16.80 -9.26 -2.86
C LYS A 1086 17.03 -8.52 -1.54
N VAL A 1087 17.50 -9.22 -0.52
CA VAL A 1087 17.80 -8.59 0.75
C VAL A 1087 18.92 -7.57 0.56
N VAL A 1088 19.95 -7.95 -0.20
CA VAL A 1088 21.07 -7.05 -0.45
C VAL A 1088 20.59 -5.81 -1.21
N ASN A 1089 19.73 -6.00 -2.22
CA ASN A 1089 19.23 -4.85 -2.97
C ASN A 1089 18.38 -3.95 -2.08
N MET A 1090 17.71 -4.52 -1.08
CA MET A 1090 16.87 -3.72 -0.21
C MET A 1090 17.72 -2.92 0.77
N ILE A 1091 18.80 -3.51 1.30
CA ILE A 1091 19.65 -2.78 2.24
C ILE A 1091 20.66 -1.89 1.56
N SER A 1092 20.80 -1.98 0.24
CA SER A 1092 21.65 -1.03 -0.49
C SER A 1092 21.02 0.36 -0.49
N GLY A 1093 19.82 0.48 -1.02
CA GLY A 1093 19.17 1.77 -1.22
C GLY A 1093 18.60 2.38 0.05
N THR A 1094 19.50 2.72 0.98
CA THR A 1094 19.12 3.21 2.30
C THR A 1094 19.59 4.64 2.57
N LYS A 1095 20.45 5.21 1.73
CA LYS A 1095 21.04 6.54 1.82
C LYS A 1095 22.15 6.61 2.87
N SER A 1096 22.40 5.53 3.62
CA SER A 1096 23.61 5.45 4.43
C SER A 1096 23.96 3.97 4.53
N ILE A 1097 24.94 3.52 3.74
CA ILE A 1097 25.16 2.09 3.60
C ILE A 1097 26.16 1.57 4.61
N THR A 1098 27.26 2.28 4.84
CA THR A 1098 28.33 1.82 5.71
C THR A 1098 28.28 2.46 7.10
N ASN A 1099 27.09 2.76 7.60
CA ASN A 1099 26.92 3.13 9.00
C ASN A 1099 25.72 2.41 9.59
N LEU A 1100 25.55 1.13 9.25
CA LEU A 1100 24.45 0.35 9.81
C LEU A 1100 24.75 -0.01 11.26
N LEU A 1101 25.97 -0.43 11.53
CA LEU A 1101 26.39 -0.86 12.85
C LEU A 1101 26.87 0.31 13.72
N GLN A 1102 26.51 1.54 13.37
CA GLN A 1102 26.93 2.72 14.11
C GLN A 1102 25.81 3.74 14.10
N ARG A 1103 25.51 4.29 15.27
CA ARG A 1103 24.47 5.31 15.47
C ARG A 1103 24.98 6.66 15.03
N THR A 1104 24.88 6.95 13.72
CA THR A 1104 25.30 8.24 13.20
C THR A 1104 24.18 8.94 12.42
N SER A 1105 23.36 8.16 11.72
CA SER A 1105 22.29 8.71 10.89
C SER A 1105 22.86 9.71 9.88
N ALA A 1106 24.05 9.40 9.37
CA ALA A 1106 24.80 10.30 8.49
C ALA A 1106 25.35 9.52 7.32
N ILE A 1107 25.58 10.23 6.22
CA ILE A 1107 26.15 9.65 5.02
C ILE A 1107 27.66 9.77 5.08
N ASN A 1108 28.36 8.77 4.56
CA ASN A 1108 29.81 8.67 4.65
C ASN A 1108 30.48 9.11 3.37
N GLY A 1109 31.73 9.59 3.51
CA GLY A 1109 32.48 10.03 2.36
C GLY A 1109 32.70 8.95 1.34
N GLU A 1110 32.81 7.70 1.79
CA GLU A 1110 32.97 6.58 0.86
C GLU A 1110 31.76 6.46 -0.05
N ASP A 1111 30.56 6.42 0.53
CA ASP A 1111 29.34 6.35 -0.27
C ASP A 1111 29.19 7.59 -1.15
N ILE A 1112 29.56 8.75 -0.64
CA ILE A 1112 29.50 9.98 -1.42
C ILE A 1112 30.37 9.84 -2.68
N ASP A 1113 31.62 9.43 -2.50
CA ASP A 1113 32.53 9.28 -3.63
C ASP A 1113 32.05 8.20 -4.58
N ARG A 1114 31.44 7.13 -4.04
CA ARG A 1114 30.95 6.05 -4.88
C ARG A 1114 29.81 6.54 -5.77
N ALA A 1115 28.85 7.26 -5.19
CA ALA A 1115 27.75 7.81 -5.99
C ALA A 1115 28.25 8.83 -7.00
N VAL A 1116 29.24 9.63 -6.62
CA VAL A 1116 29.80 10.62 -7.52
C VAL A 1116 30.47 9.92 -8.71
N SER A 1117 31.28 8.91 -8.43
CA SER A 1117 31.94 8.17 -9.49
C SER A 1117 30.91 7.48 -10.38
N MET A 1118 29.81 7.00 -9.81
CA MET A 1118 28.76 6.38 -10.62
C MET A 1118 28.17 7.38 -11.59
N MET A 1119 27.70 8.53 -11.08
CA MET A 1119 27.07 9.52 -11.95
C MET A 1119 28.09 10.18 -12.88
N LEU A 1120 29.40 10.04 -12.59
CA LEU A 1120 30.44 10.58 -13.46
C LEU A 1120 30.76 9.61 -14.60
N GLU A 1121 30.87 8.32 -14.30
CA GLU A 1121 31.21 7.29 -15.28
C GLU A 1121 29.98 6.70 -15.93
N ASN A 1122 28.80 7.28 -15.69
CA ASN A 1122 27.57 6.91 -16.38
C ASN A 1122 27.17 7.93 -17.43
N LEU A 1123 27.37 9.23 -17.16
CA LEU A 1123 27.05 10.24 -18.16
C LEU A 1123 27.96 10.15 -19.38
N GLY A 1124 29.27 10.10 -19.16
CA GLY A 1124 30.22 10.05 -20.25
C GLY A 1124 30.26 8.76 -21.05
N LEU A 1125 29.36 7.84 -20.77
CA LEU A 1125 29.25 6.63 -21.57
C LEU A 1125 29.10 6.92 -23.06
N LEU A 1126 28.51 8.06 -23.42
CA LEU A 1126 28.37 8.37 -24.83
C LEU A 1126 29.72 8.67 -25.46
N SER A 1127 30.59 9.37 -24.74
CA SER A 1127 31.97 9.54 -25.22
C SER A 1127 32.68 8.20 -25.25
N ARG A 1128 32.41 7.34 -24.27
CA ARG A 1128 33.10 6.05 -24.23
C ARG A 1128 32.76 5.21 -25.46
N ILE A 1129 31.49 5.25 -25.89
CA ILE A 1129 31.10 4.51 -27.10
C ILE A 1129 31.32 5.30 -28.39
N LEU A 1130 31.63 6.58 -28.31
CA LEU A 1130 31.97 7.39 -29.49
C LEU A 1130 33.46 7.67 -29.61
N SER A 1131 34.29 7.01 -28.80
CA SER A 1131 35.72 7.30 -28.86
C SER A 1131 36.42 6.50 -29.95
N VAL A 1132 35.96 5.29 -30.24
CA VAL A 1132 36.47 4.53 -31.38
C VAL A 1132 35.37 4.43 -32.43
N VAL A 1133 35.80 4.22 -33.67
CA VAL A 1133 34.90 3.95 -34.79
C VAL A 1133 35.58 2.93 -35.69
N VAL A 1134 35.00 1.75 -35.81
CA VAL A 1134 35.50 0.74 -36.74
C VAL A 1134 34.64 0.79 -38.00
N ASP A 1135 35.30 0.71 -39.16
CA ASP A 1135 34.62 0.71 -40.45
C ASP A 1135 34.42 -0.68 -41.02
N SER A 1136 35.07 -1.70 -40.48
CA SER A 1136 35.05 -3.03 -41.08
C SER A 1136 33.89 -3.87 -40.55
N ILE A 1137 32.66 -3.35 -40.69
CA ILE A 1137 31.44 -4.12 -40.48
C ILE A 1137 30.53 -3.80 -41.65
N GLU A 1138 30.24 -4.81 -42.47
CA GLU A 1138 29.08 -4.73 -43.35
C GLU A 1138 27.83 -4.59 -42.49
N ILE A 1139 27.12 -3.49 -42.65
CA ILE A 1139 26.00 -3.19 -41.77
C ILE A 1139 24.77 -3.88 -42.37
N PRO A 1140 23.86 -4.43 -41.55
CA PRO A 1140 22.67 -5.08 -42.12
C PRO A 1140 21.68 -4.07 -42.66
N ILE A 1141 22.05 -3.36 -43.73
CA ILE A 1141 21.19 -2.32 -44.26
C ILE A 1141 20.08 -2.97 -45.10
N LYS A 1142 19.03 -2.18 -45.37
CA LYS A 1142 17.84 -2.56 -46.10
C LYS A 1142 17.82 -1.84 -47.45
N SER A 1143 16.82 -2.18 -48.26
CA SER A 1143 16.56 -1.51 -49.53
C SER A 1143 15.13 -1.00 -49.53
N ASN A 1144 14.76 -0.43 -48.39
CA ASN A 1144 13.52 0.29 -48.16
C ASN A 1144 13.76 1.73 -47.73
N GLY A 1145 15.01 2.12 -47.47
CA GLY A 1145 15.32 3.43 -46.90
C GLY A 1145 15.63 3.46 -45.41
N ARG A 1146 15.58 2.33 -44.71
CA ARG A 1146 15.84 2.31 -43.27
C ARG A 1146 16.64 1.07 -42.89
N LEU A 1147 17.09 1.05 -41.64
CA LEU A 1147 17.93 0.00 -41.08
C LEU A 1147 17.10 -0.99 -40.26
N ILE A 1148 17.41 -2.27 -40.41
CA ILE A 1148 16.72 -3.32 -39.65
C ILE A 1148 17.39 -3.40 -38.27
N CYS A 1149 16.68 -2.94 -37.24
CA CYS A 1149 17.25 -2.80 -35.91
C CYS A 1149 17.47 -4.13 -35.19
N CYS A 1150 16.83 -5.21 -35.64
CA CYS A 1150 16.96 -6.48 -34.92
C CYS A 1150 18.24 -7.21 -35.26
N GLN A 1151 18.81 -6.93 -36.44
CA GLN A 1151 20.04 -7.52 -36.90
C GLN A 1151 21.24 -6.74 -36.41
N ILE A 1152 21.00 -5.55 -35.86
CA ILE A 1152 22.03 -4.78 -35.16
C ILE A 1152 21.98 -5.06 -33.67
N SER A 1153 20.78 -5.17 -33.09
CA SER A 1153 20.68 -5.47 -31.67
C SER A 1153 21.15 -6.89 -31.38
N ARG A 1154 20.82 -7.86 -32.22
CA ARG A 1154 21.29 -9.22 -32.01
C ARG A 1154 22.81 -9.28 -32.06
N THR A 1155 23.42 -8.69 -33.08
CA THR A 1155 24.88 -8.72 -33.20
C THR A 1155 25.54 -7.96 -32.05
N LEU A 1156 24.94 -6.84 -31.63
CA LEU A 1156 25.50 -6.08 -30.51
C LEU A 1156 25.48 -6.92 -29.24
N ARG A 1157 24.39 -7.63 -29.01
CA ARG A 1157 24.29 -8.43 -27.80
C ARG A 1157 25.26 -9.61 -27.86
N GLU A 1158 25.31 -10.30 -29.01
CA GLU A 1158 26.23 -11.43 -29.15
C GLU A 1158 27.69 -11.00 -29.06
N THR A 1159 27.99 -9.73 -29.36
CA THR A 1159 29.37 -9.28 -29.38
C THR A 1159 29.80 -8.73 -28.04
N SER A 1160 28.87 -8.16 -27.28
CA SER A 1160 29.09 -7.91 -25.87
C SER A 1160 29.00 -9.18 -25.03
N TRP A 1161 28.63 -10.30 -25.66
CA TRP A 1161 28.38 -11.57 -24.98
C TRP A 1161 29.33 -12.70 -25.39
N ASN A 1162 30.28 -12.47 -26.32
CA ASN A 1162 31.13 -13.54 -26.87
C ASN A 1162 30.47 -14.49 -27.87
N ASN A 1163 29.34 -14.14 -28.48
CA ASN A 1163 28.69 -15.05 -29.43
C ASN A 1163 28.34 -16.39 -28.81
N MET A 1164 27.49 -16.26 -27.80
CA MET A 1164 26.92 -17.32 -26.98
C MET A 1164 25.49 -17.64 -27.44
N GLU A 1165 25.03 -17.00 -28.52
CA GLU A 1165 23.78 -17.34 -29.21
C GLU A 1165 22.57 -17.33 -28.29
N ILE A 1166 22.33 -16.16 -27.69
CA ILE A 1166 21.16 -15.98 -26.83
C ILE A 1166 19.92 -16.01 -27.71
N VAL A 1167 19.00 -16.93 -27.38
CA VAL A 1167 17.81 -17.25 -28.18
C VAL A 1167 16.56 -16.93 -27.37
N GLY A 1168 15.81 -15.91 -27.79
CA GLY A 1168 14.56 -15.60 -27.10
C GLY A 1168 14.35 -14.16 -26.67
N VAL A 1169 15.43 -13.42 -26.43
CA VAL A 1169 15.34 -12.15 -25.72
C VAL A 1169 14.90 -10.99 -26.60
N THR A 1170 14.93 -11.14 -27.92
CA THR A 1170 14.73 -10.01 -28.81
C THR A 1170 13.35 -10.05 -29.42
N SER A 1171 12.81 -8.86 -29.69
CA SER A 1171 11.51 -8.66 -30.32
C SER A 1171 11.65 -7.62 -31.43
N PRO A 1172 11.19 -7.90 -32.65
CA PRO A 1172 11.12 -6.83 -33.66
C PRO A 1172 10.26 -5.67 -33.19
N SER A 1173 10.87 -4.51 -33.03
CA SER A 1173 10.15 -3.34 -32.55
C SER A 1173 9.02 -2.97 -33.50
N ILE A 1174 7.87 -2.62 -32.93
CA ILE A 1174 6.73 -2.15 -33.72
C ILE A 1174 7.02 -0.84 -34.43
N THR A 1175 8.06 -0.11 -34.01
CA THR A 1175 8.24 1.26 -34.49
C THR A 1175 8.80 1.30 -35.90
N THR A 1176 9.70 0.38 -36.25
CA THR A 1176 10.43 0.42 -37.51
C THR A 1176 9.86 -0.53 -38.55
N CYS A 1177 9.47 -1.74 -38.16
CA CYS A 1177 8.97 -2.73 -39.11
C CYS A 1177 7.50 -2.47 -39.46
N MET A 1178 6.63 -2.48 -38.46
CA MET A 1178 5.19 -2.38 -38.70
C MET A 1178 4.85 -0.94 -39.02
N ASP A 1179 4.88 -0.59 -40.31
CA ASP A 1179 4.57 0.76 -40.72
C ASP A 1179 3.05 0.94 -40.82
N VAL A 1180 2.60 2.20 -40.83
CA VAL A 1180 1.18 2.55 -40.84
C VAL A 1180 0.81 3.16 -42.18
N ILE A 1181 -0.40 2.85 -42.66
CA ILE A 1181 -1.03 3.61 -43.74
C ILE A 1181 -2.53 3.69 -43.47
N TYR A 1182 -3.09 4.90 -43.56
CA TYR A 1182 -4.51 5.14 -43.28
C TYR A 1182 -5.33 4.91 -44.54
N ALA A 1183 -6.44 4.20 -44.39
CA ALA A 1183 -7.21 3.74 -45.55
C ALA A 1183 -8.59 3.31 -45.07
N THR A 1184 -9.39 2.72 -45.97
CA THR A 1184 -10.75 2.29 -45.65
C THR A 1184 -11.01 0.93 -46.31
N SER A 1185 -10.79 -0.15 -45.55
CA SER A 1185 -11.30 -1.48 -45.88
C SER A 1185 -10.76 -2.00 -47.22
N SER A 1186 -9.60 -1.52 -47.64
CA SER A 1186 -9.04 -1.93 -48.92
C SER A 1186 -7.53 -1.84 -48.84
N HIS A 1187 -6.85 -2.98 -48.80
CA HIS A 1187 -5.40 -3.03 -48.75
C HIS A 1187 -4.97 -4.47 -49.04
N LEU A 1188 -3.66 -4.71 -49.11
CA LEU A 1188 -3.12 -6.06 -49.26
C LEU A 1188 -2.88 -6.73 -47.90
N LYS A 1189 -3.98 -6.96 -47.19
CA LYS A 1189 -4.03 -7.92 -46.08
C LYS A 1189 -3.03 -7.58 -44.96
N GLY A 1190 -3.16 -6.37 -44.43
CA GLY A 1190 -2.42 -5.93 -43.26
C GLY A 1190 -3.32 -5.87 -42.04
N ILE A 1191 -2.72 -5.77 -40.87
CA ILE A 1191 -3.53 -5.83 -39.65
C ILE A 1191 -4.28 -4.52 -39.51
N ILE A 1192 -5.61 -4.61 -39.48
CA ILE A 1192 -6.50 -3.46 -39.67
C ILE A 1192 -7.13 -3.05 -38.35
N ILE A 1193 -7.26 -1.74 -38.15
CA ILE A 1193 -7.92 -1.15 -36.98
C ILE A 1193 -9.01 -0.22 -37.47
N GLU A 1194 -10.24 -0.44 -37.01
CA GLU A 1194 -11.41 0.31 -37.41
C GLU A 1194 -12.10 0.95 -36.22
N LYS A 1195 -12.62 2.16 -36.44
CA LYS A 1195 -13.37 2.94 -35.47
C LYS A 1195 -14.88 2.69 -35.60
N PHE A 1196 -15.59 2.70 -34.46
CA PHE A 1196 -17.01 2.37 -34.48
C PHE A 1196 -17.91 3.58 -34.67
N SER A 1197 -17.40 4.79 -34.44
CA SER A 1197 -18.21 5.99 -34.42
C SER A 1197 -18.07 6.72 -35.75
N THR A 1198 -18.69 7.91 -35.82
CA THR A 1198 -18.45 8.84 -36.91
C THR A 1198 -18.30 10.25 -36.37
N ASP A 1199 -17.90 10.40 -35.10
CA ASP A 1199 -17.52 11.68 -34.55
C ASP A 1199 -16.07 11.98 -34.91
N ARG A 1200 -15.81 13.23 -35.31
CA ARG A 1200 -14.46 13.69 -35.60
C ARG A 1200 -13.44 13.21 -34.56
N THR A 1201 -13.67 13.52 -33.30
CA THR A 1201 -12.81 13.06 -32.22
C THR A 1201 -13.32 11.74 -31.65
N THR A 1202 -12.40 10.98 -31.07
CA THR A 1202 -12.70 9.70 -30.44
C THR A 1202 -12.50 9.73 -28.93
N ARG A 1203 -12.79 10.85 -28.28
CA ARG A 1203 -12.59 10.97 -26.85
C ARG A 1203 -13.91 10.75 -26.11
N GLY A 1204 -13.87 10.93 -24.79
CA GLY A 1204 -15.04 11.11 -23.95
C GLY A 1204 -16.16 10.11 -24.13
N GLN A 1205 -15.88 8.92 -24.66
CA GLN A 1205 -16.92 7.94 -24.92
C GLN A 1205 -16.46 6.56 -24.50
N ARG A 1206 -17.44 5.69 -24.23
CA ARG A 1206 -17.26 4.25 -24.16
C ARG A 1206 -18.11 3.63 -25.26
N GLY A 1207 -17.52 2.74 -26.05
CA GLY A 1207 -18.27 2.08 -27.10
C GLY A 1207 -18.85 0.76 -26.64
N PRO A 1208 -19.43 0.00 -27.57
CA PRO A 1208 -20.04 -1.29 -27.18
C PRO A 1208 -19.05 -2.30 -26.64
N LYS A 1209 -17.82 -2.28 -27.13
CA LYS A 1209 -16.86 -3.35 -26.85
C LYS A 1209 -16.57 -3.47 -25.36
N SER A 1210 -15.94 -4.59 -25.01
CA SER A 1210 -15.21 -4.76 -23.76
C SER A 1210 -13.73 -4.51 -24.02
N PRO A 1211 -13.02 -3.83 -23.12
CA PRO A 1211 -11.76 -3.17 -23.54
C PRO A 1211 -10.71 -4.15 -24.02
N TRP A 1212 -9.64 -3.58 -24.54
CA TRP A 1212 -8.46 -4.30 -25.01
C TRP A 1212 -7.36 -4.28 -23.95
N VAL A 1213 -7.24 -5.34 -23.19
CA VAL A 1213 -6.00 -5.60 -22.47
C VAL A 1213 -5.45 -6.93 -22.98
N GLY A 1214 -4.13 -6.97 -23.18
CA GLY A 1214 -3.50 -8.06 -23.86
C GLY A 1214 -2.92 -9.09 -22.92
N SER A 1215 -3.55 -10.26 -22.83
CA SER A 1215 -3.10 -11.33 -21.97
C SER A 1215 -2.16 -12.26 -22.73
N SER A 1216 -0.97 -12.49 -22.16
CA SER A 1216 0.05 -13.30 -22.82
C SER A 1216 -0.42 -14.70 -23.20
N THR A 1217 -1.50 -15.20 -22.58
CA THR A 1217 -2.01 -16.57 -22.78
C THR A 1217 -0.95 -17.60 -22.38
N GLN A 1218 -0.32 -17.33 -21.24
CA GLN A 1218 0.83 -18.05 -20.73
C GLN A 1218 0.42 -19.33 -20.00
N GLU A 1219 1.40 -20.22 -19.84
CA GLU A 1219 1.37 -21.32 -18.88
C GLU A 1219 0.05 -22.10 -18.90
N LYS A 1220 -0.24 -22.70 -20.06
CA LYS A 1220 -1.40 -23.56 -20.14
C LYS A 1220 -1.16 -24.73 -19.20
N LYS A 1221 -1.97 -24.79 -18.14
CA LYS A 1221 -1.63 -25.46 -16.90
C LYS A 1221 -2.48 -26.71 -16.69
N LEU A 1222 -1.83 -27.86 -16.61
CA LEU A 1222 -2.45 -29.09 -16.09
C LEU A 1222 -2.11 -29.19 -14.61
N VAL A 1223 -2.63 -28.21 -13.87
CA VAL A 1223 -2.27 -27.91 -12.48
C VAL A 1223 -2.34 -29.16 -11.61
N PRO A 1224 -1.51 -29.27 -10.57
CA PRO A 1224 -1.73 -30.31 -9.56
C PRO A 1224 -3.12 -30.24 -8.94
N VAL A 1225 -3.73 -31.39 -8.74
CA VAL A 1225 -5.01 -31.51 -8.06
C VAL A 1225 -4.84 -32.10 -6.67
N TYR A 1226 -3.61 -32.14 -6.15
CA TYR A 1226 -3.35 -32.45 -4.76
C TYR A 1226 -3.46 -31.17 -3.91
N ASN A 1227 -3.51 -31.37 -2.60
CA ASN A 1227 -3.54 -30.26 -1.65
C ASN A 1227 -2.45 -29.23 -1.94
N ARG A 1228 -2.85 -27.96 -1.99
CA ARG A 1228 -1.94 -26.83 -2.09
C ARG A 1228 -1.88 -26.02 -0.79
N GLN A 1229 -2.65 -26.42 0.23
CA GLN A 1229 -2.79 -25.63 1.44
C GLN A 1229 -1.53 -25.72 2.31
N ILE A 1230 -1.12 -26.94 2.65
CA ILE A 1230 -0.09 -27.15 3.67
C ILE A 1230 1.28 -26.62 3.23
N LEU A 1231 1.42 -26.16 1.99
CA LEU A 1231 2.67 -25.63 1.48
C LEU A 1231 2.63 -24.11 1.46
N SER A 1232 3.65 -23.50 2.04
CA SER A 1232 3.78 -22.06 2.07
C SER A 1232 4.01 -21.50 0.67
N LYS A 1233 3.63 -20.23 0.49
CA LYS A 1233 3.82 -19.54 -0.78
C LYS A 1233 5.24 -19.70 -1.31
N GLN A 1234 6.22 -19.66 -0.41
CA GLN A 1234 7.61 -19.91 -0.80
C GLN A 1234 7.75 -21.28 -1.47
N GLN A 1235 7.12 -22.30 -0.88
CA GLN A 1235 7.27 -23.66 -1.38
C GLN A 1235 6.51 -23.84 -2.69
N ARG A 1236 5.33 -23.24 -2.80
CA ARG A 1236 4.58 -23.31 -4.05
C ARG A 1236 5.35 -22.63 -5.18
N GLU A 1237 5.92 -21.44 -4.91
CA GLU A 1237 6.77 -20.78 -5.90
C GLU A 1237 7.93 -21.67 -6.30
N GLN A 1238 8.60 -22.27 -5.32
CA GLN A 1238 9.74 -23.16 -5.63
C GLN A 1238 9.30 -24.31 -6.52
N LEU A 1239 8.18 -24.96 -6.17
CA LEU A 1239 7.67 -26.06 -7.00
C LEU A 1239 7.38 -25.60 -8.42
N GLU A 1240 6.77 -24.42 -8.57
CA GLU A 1240 6.50 -23.89 -9.89
C GLU A 1240 7.80 -23.68 -10.66
N ALA A 1241 8.84 -23.22 -9.97
CA ALA A 1241 10.13 -22.99 -10.62
C ALA A 1241 10.74 -24.31 -11.06
N ILE A 1242 10.64 -25.33 -10.23
CA ILE A 1242 11.22 -26.62 -10.58
C ILE A 1242 10.48 -27.24 -11.76
N GLY A 1243 9.16 -27.07 -11.79
CA GLY A 1243 8.41 -27.53 -12.95
C GLY A 1243 8.76 -26.76 -14.21
N LYS A 1244 9.04 -25.48 -14.06
CA LYS A 1244 9.41 -24.68 -15.23
C LYS A 1244 10.79 -25.07 -15.73
N MET A 1245 11.69 -25.46 -14.83
CA MET A 1245 12.95 -26.05 -15.29
C MET A 1245 12.70 -27.35 -16.03
N ARG A 1246 11.86 -28.22 -15.45
CA ARG A 1246 11.54 -29.50 -16.08
C ARG A 1246 10.95 -29.31 -17.47
N TRP A 1247 10.34 -28.15 -17.73
CA TRP A 1247 9.74 -27.88 -19.03
C TRP A 1247 10.71 -27.17 -19.97
N VAL A 1248 11.51 -26.23 -19.47
CA VAL A 1248 12.40 -25.46 -20.32
C VAL A 1248 13.56 -26.33 -20.78
N TYR A 1249 14.05 -27.21 -19.91
CA TYR A 1249 15.11 -28.14 -20.24
C TYR A 1249 14.53 -29.55 -20.17
N LYS A 1250 14.56 -30.25 -21.31
CA LYS A 1250 14.03 -31.61 -21.39
C LYS A 1250 14.96 -32.41 -22.28
N GLY A 1251 15.28 -33.62 -21.86
CA GLY A 1251 16.26 -34.41 -22.58
C GLY A 1251 17.68 -33.92 -22.42
N THR A 1252 17.94 -32.97 -21.50
CA THR A 1252 19.27 -32.41 -21.33
C THR A 1252 20.06 -33.24 -20.31
N PRO A 1253 21.37 -33.37 -20.45
CA PRO A 1253 22.13 -34.14 -19.46
C PRO A 1253 22.19 -33.46 -18.11
N GLY A 1254 22.16 -34.27 -17.06
CA GLY A 1254 22.35 -33.80 -15.71
C GLY A 1254 21.21 -33.02 -15.11
N LEU A 1255 20.14 -32.77 -15.87
CA LEU A 1255 19.04 -31.97 -15.35
C LEU A 1255 18.35 -32.66 -14.18
N ARG A 1256 18.14 -33.97 -14.27
CA ARG A 1256 17.46 -34.67 -13.19
C ARG A 1256 18.28 -34.65 -11.91
N ARG A 1257 19.59 -34.86 -12.02
CA ARG A 1257 20.44 -34.78 -10.84
C ARG A 1257 20.47 -33.36 -10.28
N LEU A 1258 20.42 -32.37 -11.17
CA LEU A 1258 20.38 -30.98 -10.72
C LEU A 1258 19.12 -30.71 -9.92
N LEU A 1259 17.97 -31.11 -10.44
CA LEU A 1259 16.72 -30.91 -9.73
C LEU A 1259 16.70 -31.68 -8.41
N ASN A 1260 17.30 -32.88 -8.42
CA ASN A 1260 17.31 -33.67 -7.19
C ASN A 1260 18.14 -32.99 -6.12
N LYS A 1261 19.30 -32.44 -6.49
CA LYS A 1261 20.11 -31.73 -5.49
C LYS A 1261 19.41 -30.46 -5.04
N ILE A 1262 18.76 -29.75 -5.97
CA ILE A 1262 18.07 -28.51 -5.61
C ILE A 1262 16.98 -28.79 -4.59
N CYS A 1263 16.07 -29.71 -4.92
CA CYS A 1263 15.09 -30.20 -3.95
C CYS A 1263 15.74 -30.57 -2.62
N LEU A 1264 16.69 -31.51 -2.66
CA LEU A 1264 17.40 -31.96 -1.45
C LEU A 1264 17.85 -30.81 -0.57
N GLY A 1265 18.27 -29.71 -1.16
CA GLY A 1265 18.79 -28.61 -0.37
C GLY A 1265 17.74 -27.61 0.09
N SER A 1266 16.86 -27.23 -0.84
CA SER A 1266 15.83 -26.24 -0.54
C SER A 1266 14.74 -26.83 0.35
N LEU A 1267 14.12 -27.91 -0.11
CA LEU A 1267 12.94 -28.48 0.51
C LEU A 1267 13.24 -29.64 1.45
N GLY A 1268 14.41 -30.29 1.30
CA GLY A 1268 14.72 -31.46 2.09
C GLY A 1268 14.36 -32.78 1.44
N ILE A 1269 13.57 -32.77 0.38
CA ILE A 1269 13.06 -33.98 -0.24
C ILE A 1269 13.80 -34.20 -1.55
N SER A 1270 13.60 -35.37 -2.14
CA SER A 1270 14.16 -35.74 -3.43
C SER A 1270 13.17 -35.33 -4.52
N TYR A 1271 13.53 -35.59 -5.76
CA TYR A 1271 12.75 -35.11 -6.90
C TYR A 1271 11.76 -36.15 -7.41
N LYS A 1272 12.02 -37.43 -7.15
CA LYS A 1272 11.11 -38.49 -7.57
C LYS A 1272 9.98 -38.71 -6.57
N CYS A 1273 10.12 -38.18 -5.35
CA CYS A 1273 9.04 -38.19 -4.38
C CYS A 1273 8.29 -36.87 -4.32
N VAL A 1274 8.63 -35.91 -5.17
CA VAL A 1274 7.82 -34.70 -5.37
C VAL A 1274 7.37 -34.52 -6.81
N LYS A 1275 7.81 -35.38 -7.74
CA LYS A 1275 7.32 -35.34 -9.12
C LYS A 1275 5.80 -35.21 -9.26
N PRO A 1276 4.96 -35.98 -8.57
CA PRO A 1276 3.51 -35.81 -8.75
C PRO A 1276 3.00 -34.46 -8.28
N LEU A 1277 3.68 -33.81 -7.35
CA LEU A 1277 3.24 -32.51 -6.86
C LEU A 1277 3.49 -31.37 -7.84
N LEU A 1278 4.29 -31.59 -8.87
CA LEU A 1278 4.67 -30.50 -9.75
C LEU A 1278 3.59 -30.23 -10.80
N PRO A 1279 3.64 -29.06 -11.45
CA PRO A 1279 2.74 -28.79 -12.58
C PRO A 1279 3.29 -29.36 -13.87
N ARG A 1280 2.47 -30.13 -14.59
CA ARG A 1280 2.85 -30.71 -15.87
C ARG A 1280 2.38 -29.79 -16.98
N PHE A 1281 3.30 -28.99 -17.52
CA PHE A 1281 3.03 -28.22 -18.72
C PHE A 1281 3.15 -29.11 -19.96
N MET A 1282 2.39 -28.78 -20.99
CA MET A 1282 2.43 -29.50 -22.26
C MET A 1282 2.44 -28.47 -23.39
N SER A 1283 3.62 -28.15 -23.90
CA SER A 1283 3.77 -27.23 -25.01
C SER A 1283 5.23 -27.23 -25.44
N VAL A 1284 5.45 -26.89 -26.71
CA VAL A 1284 6.78 -26.87 -27.32
C VAL A 1284 7.18 -25.47 -27.74
N ASN A 1285 6.49 -24.45 -27.23
CA ASN A 1285 6.74 -23.05 -27.55
C ASN A 1285 6.91 -22.26 -26.27
N PHE A 1286 7.70 -22.82 -25.34
CA PHE A 1286 7.96 -22.17 -24.06
C PHE A 1286 8.44 -20.73 -24.22
N LEU A 1287 9.11 -20.41 -25.34
CA LEU A 1287 9.54 -19.04 -25.58
C LEU A 1287 8.37 -18.07 -25.51
N HIS A 1288 7.34 -18.29 -26.33
CA HIS A 1288 6.13 -17.48 -26.25
C HIS A 1288 5.38 -17.69 -24.94
N ARG A 1289 5.26 -18.96 -24.51
CA ARG A 1289 4.36 -19.32 -23.43
C ARG A 1289 4.82 -18.74 -22.09
N LEU A 1290 6.05 -19.04 -21.69
CA LEU A 1290 6.48 -19.06 -20.29
C LEU A 1290 6.69 -17.63 -19.78
N SER A 1291 5.58 -16.92 -19.68
CA SER A 1291 5.59 -15.61 -19.03
C SER A 1291 5.97 -15.77 -17.57
N VAL A 1292 7.13 -15.25 -17.20
CA VAL A 1292 7.72 -15.38 -15.87
C VAL A 1292 8.27 -14.00 -15.52
N SER A 1293 8.69 -13.82 -14.26
CA SER A 1293 9.22 -12.52 -13.88
C SER A 1293 10.35 -12.12 -14.82
N SER A 1294 10.53 -10.81 -14.97
CA SER A 1294 11.42 -10.22 -15.97
C SER A 1294 10.96 -10.61 -17.38
N ARG A 1295 9.68 -10.87 -17.55
CA ARG A 1295 9.06 -11.09 -18.85
C ARG A 1295 7.59 -10.70 -18.73
N PRO A 1296 7.10 -9.69 -19.45
CA PRO A 1296 5.75 -9.19 -19.18
C PRO A 1296 4.69 -10.19 -19.61
N MET A 1297 3.62 -10.27 -18.82
CA MET A 1297 2.50 -11.15 -19.09
C MET A 1297 1.27 -10.38 -19.55
N GLU A 1298 1.36 -9.05 -19.64
CA GLU A 1298 0.28 -8.23 -20.14
C GLU A 1298 0.88 -7.13 -21.01
N PHE A 1299 0.07 -6.67 -21.96
CA PHE A 1299 0.54 -5.72 -22.98
C PHE A 1299 -0.50 -4.63 -23.19
N PRO A 1300 -0.75 -3.81 -22.18
CA PRO A 1300 -1.71 -2.71 -22.33
C PRO A 1300 -1.13 -1.58 -23.16
N ALA A 1301 -2.02 -0.81 -23.78
CA ALA A 1301 -1.60 0.30 -24.63
C ALA A 1301 -1.35 1.54 -23.79
N SER A 1302 -0.90 2.60 -24.45
CA SER A 1302 -0.78 3.91 -23.81
C SER A 1302 -2.04 4.75 -24.00
N VAL A 1303 -3.18 4.19 -23.60
CA VAL A 1303 -4.44 4.94 -23.52
C VAL A 1303 -5.28 4.31 -22.43
N PRO A 1304 -6.23 5.04 -21.84
CA PRO A 1304 -7.14 4.37 -20.90
C PRO A 1304 -8.15 3.45 -21.57
N ALA A 1305 -9.01 2.85 -20.73
CA ALA A 1305 -9.99 1.90 -21.22
C ALA A 1305 -11.06 2.56 -22.07
N TYR A 1306 -11.54 3.75 -21.66
CA TYR A 1306 -12.61 4.37 -22.42
C TYR A 1306 -12.13 4.76 -23.82
N ARG A 1307 -10.89 5.21 -23.95
CA ARG A 1307 -10.32 5.45 -25.26
C ARG A 1307 -10.08 4.14 -26.00
N THR A 1308 -9.90 3.04 -25.28
CA THR A 1308 -9.66 1.76 -25.90
C THR A 1308 -10.95 1.04 -26.30
N THR A 1309 -12.10 1.51 -25.85
CA THR A 1309 -13.37 0.83 -26.08
C THR A 1309 -14.04 1.26 -27.39
N ASN A 1310 -13.28 1.81 -28.34
CA ASN A 1310 -13.86 2.36 -29.56
C ASN A 1310 -13.06 1.98 -30.80
N TYR A 1311 -12.37 0.84 -30.74
CA TYR A 1311 -11.57 0.34 -31.86
C TYR A 1311 -11.68 -1.17 -31.93
N HIS A 1312 -11.96 -1.69 -33.12
CA HIS A 1312 -12.04 -3.13 -33.35
C HIS A 1312 -11.06 -3.52 -34.45
N PHE A 1313 -10.35 -4.60 -34.18
CA PHE A 1313 -9.14 -4.99 -34.89
C PHE A 1313 -9.34 -6.33 -35.57
N ASP A 1314 -8.76 -6.48 -36.76
CA ASP A 1314 -8.61 -7.79 -37.36
C ASP A 1314 -7.14 -8.02 -37.71
N THR A 1315 -6.63 -9.19 -37.34
CA THR A 1315 -5.28 -9.62 -37.67
C THR A 1315 -5.25 -10.85 -38.56
N SER A 1316 -6.40 -11.39 -38.93
CA SER A 1316 -6.41 -12.56 -39.81
C SER A 1316 -5.76 -12.33 -41.17
N PRO A 1317 -5.84 -11.16 -41.81
CA PRO A 1317 -5.27 -11.02 -43.15
C PRO A 1317 -3.76 -11.22 -43.21
N ILE A 1318 -3.05 -11.11 -42.08
CA ILE A 1318 -1.59 -11.18 -42.13
C ILE A 1318 -1.07 -12.61 -42.20
N ASN A 1319 -1.95 -13.60 -42.09
CA ASN A 1319 -1.47 -14.97 -41.97
C ASN A 1319 -1.08 -15.57 -43.32
N GLN A 1320 -1.43 -14.92 -44.43
CA GLN A 1320 -0.98 -15.43 -45.72
C GLN A 1320 0.45 -14.99 -45.99
N ALA A 1321 0.76 -13.73 -45.69
CA ALA A 1321 2.15 -13.27 -45.68
C ALA A 1321 2.99 -14.12 -44.75
N LEU A 1322 2.51 -14.28 -43.50
CA LEU A 1322 3.29 -14.98 -42.49
C LEU A 1322 3.53 -16.42 -42.89
N SER A 1323 2.50 -17.11 -43.38
CA SER A 1323 2.57 -18.55 -43.63
C SER A 1323 3.20 -18.84 -44.98
N GLU A 1324 3.29 -17.86 -45.88
CA GLU A 1324 3.98 -18.07 -47.14
C GLU A 1324 5.47 -17.75 -47.03
N ARG A 1325 5.85 -16.64 -46.39
CA ARG A 1325 7.29 -16.40 -46.22
C ARG A 1325 7.86 -17.29 -45.13
N PHE A 1326 7.33 -17.20 -43.91
CA PHE A 1326 7.73 -18.08 -42.83
C PHE A 1326 6.83 -19.31 -42.78
N GLY A 1327 7.38 -20.41 -42.30
CA GLY A 1327 6.58 -21.59 -42.06
C GLY A 1327 5.52 -21.34 -41.01
N ASN A 1328 4.67 -22.35 -40.80
CA ASN A 1328 3.62 -22.24 -39.80
C ASN A 1328 4.15 -22.15 -38.38
N GLU A 1329 5.44 -22.38 -38.17
CA GLU A 1329 6.04 -22.22 -36.84
C GLU A 1329 5.90 -20.79 -36.34
N ASP A 1330 6.10 -20.62 -35.04
CA ASP A 1330 5.77 -19.37 -34.37
C ASP A 1330 6.70 -18.25 -34.83
N ILE A 1331 6.24 -17.02 -34.60
CA ILE A 1331 6.90 -15.81 -35.09
C ILE A 1331 7.27 -14.92 -33.92
N ASN A 1332 8.37 -14.17 -34.09
CA ASN A 1332 8.89 -13.33 -33.02
C ASN A 1332 7.89 -12.25 -32.61
N LEU A 1333 7.29 -11.59 -33.60
CA LEU A 1333 6.37 -10.47 -33.35
C LEU A 1333 5.30 -10.84 -32.33
N VAL A 1334 4.91 -9.85 -31.52
CA VAL A 1334 3.88 -10.01 -30.49
C VAL A 1334 2.69 -9.13 -30.90
N PHE A 1335 1.66 -9.78 -31.48
CA PHE A 1335 0.54 -9.01 -32.00
C PHE A 1335 -0.25 -8.26 -30.94
N GLN A 1336 -0.17 -8.66 -29.66
CA GLN A 1336 -0.81 -7.85 -28.62
C GLN A 1336 -0.16 -6.49 -28.55
N ASN A 1337 1.16 -6.47 -28.66
CA ASN A 1337 1.89 -5.22 -28.63
C ASN A 1337 1.67 -4.43 -29.91
N ALA A 1338 1.61 -5.13 -31.05
CA ALA A 1338 1.33 -4.44 -32.30
C ALA A 1338 0.00 -3.72 -32.26
N ILE A 1339 -1.05 -4.42 -31.84
CA ILE A 1339 -2.37 -3.81 -31.83
C ILE A 1339 -2.48 -2.72 -30.76
N SER A 1340 -1.76 -2.85 -29.64
CA SER A 1340 -1.82 -1.78 -28.65
C SER A 1340 -1.09 -0.55 -29.16
N CYS A 1341 -0.10 -0.75 -30.01
CA CYS A 1341 0.60 0.39 -30.57
C CYS A 1341 -0.24 1.03 -31.65
N GLY A 1342 -0.95 0.23 -32.45
CA GLY A 1342 -1.89 0.81 -33.39
C GLY A 1342 -2.99 1.63 -32.74
N ILE A 1343 -3.49 1.18 -31.58
CA ILE A 1343 -4.48 2.00 -30.90
C ILE A 1343 -3.85 3.27 -30.35
N SER A 1344 -2.56 3.23 -30.01
CA SER A 1344 -1.91 4.45 -29.57
C SER A 1344 -1.62 5.37 -30.75
N ILE A 1345 -1.39 4.79 -31.92
CA ILE A 1345 -1.32 5.55 -33.16
C ILE A 1345 -2.62 6.29 -33.39
N MET A 1346 -3.74 5.60 -33.23
CA MET A 1346 -5.05 6.22 -33.45
C MET A 1346 -5.29 7.32 -32.43
N SER A 1347 -4.65 7.24 -31.27
CA SER A 1347 -4.84 8.22 -30.22
C SER A 1347 -3.98 9.45 -30.48
N VAL A 1348 -2.68 9.25 -30.72
CA VAL A 1348 -1.78 10.36 -31.03
C VAL A 1348 -2.19 11.05 -32.32
N VAL A 1349 -2.92 10.35 -33.20
CA VAL A 1349 -3.31 10.90 -34.49
C VAL A 1349 -4.57 11.73 -34.32
N GLU A 1350 -5.56 11.19 -33.61
CA GLU A 1350 -6.74 11.99 -33.29
C GLU A 1350 -6.33 13.22 -32.50
N GLN A 1351 -5.39 13.08 -31.57
CA GLN A 1351 -4.94 14.24 -30.79
C GLN A 1351 -4.27 15.28 -31.69
N LEU A 1352 -3.27 14.87 -32.48
CA LEU A 1352 -2.57 15.83 -33.32
C LEU A 1352 -3.52 16.48 -34.32
N THR A 1353 -4.14 15.69 -35.19
CA THR A 1353 -5.14 16.17 -36.12
C THR A 1353 -6.52 15.77 -35.62
N GLY A 1354 -7.43 16.75 -35.49
CA GLY A 1354 -8.74 16.50 -34.96
C GLY A 1354 -9.65 15.62 -35.81
N ARG A 1355 -9.19 15.13 -36.95
CA ARG A 1355 -9.94 14.22 -37.80
C ARG A 1355 -9.33 12.83 -37.61
N SER A 1356 -10.02 11.99 -36.87
CA SER A 1356 -9.52 10.65 -36.64
C SER A 1356 -9.73 9.78 -37.89
N PRO A 1357 -8.78 8.92 -38.26
CA PRO A 1357 -9.02 8.02 -39.38
C PRO A 1357 -10.16 7.05 -39.12
N LYS A 1358 -10.95 6.80 -40.15
CA LYS A 1358 -11.97 5.76 -40.04
C LYS A 1358 -11.34 4.38 -39.95
N GLN A 1359 -10.21 4.18 -40.63
CA GLN A 1359 -9.51 2.92 -40.54
C GLN A 1359 -8.05 3.13 -40.89
N LEU A 1360 -7.19 2.29 -40.30
CA LEU A 1360 -5.78 2.31 -40.65
C LEU A 1360 -5.22 0.91 -40.55
N VAL A 1361 -4.29 0.60 -41.44
CA VAL A 1361 -3.72 -0.74 -41.55
C VAL A 1361 -2.22 -0.65 -41.33
N LEU A 1362 -1.72 -1.57 -40.52
CA LEU A 1362 -0.30 -1.70 -40.19
C LEU A 1362 0.28 -2.89 -40.95
N ILE A 1363 1.39 -2.66 -41.64
CA ILE A 1363 2.01 -3.70 -42.46
C ILE A 1363 3.38 -4.04 -41.86
N PRO A 1364 3.67 -5.32 -41.58
CA PRO A 1364 5.04 -5.74 -41.31
C PRO A 1364 5.94 -5.69 -42.53
N GLN A 1365 7.20 -5.35 -42.30
CA GLN A 1365 8.25 -5.60 -43.28
C GLN A 1365 9.10 -6.73 -42.71
N LEU A 1366 9.04 -7.87 -43.38
CA LEU A 1366 9.57 -9.14 -42.87
C LEU A 1366 11.09 -9.23 -42.87
N GLU A 1367 11.81 -8.22 -43.33
CA GLU A 1367 13.27 -8.22 -43.23
C GLU A 1367 13.74 -7.89 -41.82
N GLU A 1368 12.89 -7.24 -41.02
CA GLU A 1368 13.16 -6.92 -39.64
C GLU A 1368 12.75 -8.04 -38.70
N ILE A 1369 11.73 -8.81 -39.07
CA ILE A 1369 11.15 -9.82 -38.21
C ILE A 1369 11.77 -11.17 -38.56
N ASP A 1370 12.22 -11.87 -37.52
CA ASP A 1370 12.79 -13.21 -37.61
C ASP A 1370 11.81 -14.21 -36.99
N ILE A 1371 12.23 -15.47 -36.94
CA ILE A 1371 11.44 -16.54 -36.34
C ILE A 1371 12.26 -17.15 -35.20
N MET A 1372 11.56 -17.77 -34.27
CA MET A 1372 12.18 -18.48 -33.14
C MET A 1372 11.70 -19.92 -33.15
N PRO A 1373 12.40 -20.83 -33.81
CA PRO A 1373 12.12 -22.26 -33.62
C PRO A 1373 12.53 -22.70 -32.24
N PRO A 1374 11.77 -23.60 -31.59
CA PRO A 1374 12.15 -24.02 -30.24
C PRO A 1374 13.49 -24.74 -30.26
N PRO A 1375 14.46 -24.29 -29.45
CA PRO A 1375 15.83 -24.76 -29.62
C PRO A 1375 16.02 -26.16 -29.06
N VAL A 1376 17.23 -26.68 -29.23
CA VAL A 1376 17.63 -27.98 -28.72
C VAL A 1376 18.88 -27.74 -27.87
N PHE A 1377 18.71 -27.78 -26.56
CA PHE A 1377 19.82 -27.51 -25.64
C PHE A 1377 20.83 -28.64 -25.72
N GLN A 1378 22.09 -28.30 -26.02
CA GLN A 1378 23.17 -29.26 -26.18
C GLN A 1378 24.29 -28.89 -25.21
N GLY A 1379 24.28 -29.51 -24.04
CA GLY A 1379 25.29 -29.24 -23.03
C GLY A 1379 24.92 -29.82 -21.68
N LYS A 1380 25.90 -30.32 -20.94
CA LYS A 1380 25.67 -30.93 -19.64
C LYS A 1380 25.88 -29.90 -18.55
N PHE A 1381 24.92 -29.80 -17.64
CA PHE A 1381 25.03 -28.89 -16.51
C PHE A 1381 26.21 -29.27 -15.62
N ASN A 1382 26.70 -28.29 -14.87
CA ASN A 1382 27.46 -28.53 -13.65
C ASN A 1382 26.49 -28.51 -12.48
N TYR A 1383 26.51 -29.55 -11.66
CA TYR A 1383 25.47 -29.76 -10.66
C TYR A 1383 25.99 -29.73 -9.23
N LYS A 1384 27.16 -30.33 -8.97
CA LYS A 1384 27.76 -30.35 -7.63
C LYS A 1384 27.64 -29.01 -6.89
N LEU A 1385 28.03 -27.91 -7.53
CA LEU A 1385 28.13 -26.61 -6.87
C LEU A 1385 26.84 -26.19 -6.15
N VAL A 1386 25.68 -26.71 -6.59
CA VAL A 1386 24.42 -26.39 -5.93
C VAL A 1386 24.44 -26.88 -4.49
N ASP A 1387 25.15 -27.98 -4.24
CA ASP A 1387 25.21 -28.53 -2.88
C ASP A 1387 25.84 -27.54 -1.92
N LYS A 1388 27.01 -27.01 -2.26
CA LYS A 1388 27.63 -26.00 -1.42
C LYS A 1388 26.79 -24.73 -1.37
N ILE A 1389 26.17 -24.37 -2.50
CA ILE A 1389 25.41 -23.12 -2.52
C ILE A 1389 24.25 -23.19 -1.55
N THR A 1390 23.59 -24.35 -1.46
CA THR A 1390 22.52 -24.52 -0.50
C THR A 1390 23.03 -24.89 0.89
N SER A 1391 24.28 -25.34 1.01
CA SER A 1391 24.89 -25.50 2.32
C SER A 1391 25.15 -24.18 3.00
N ASP A 1392 25.31 -23.10 2.20
CA ASP A 1392 25.67 -21.81 2.77
C ASP A 1392 24.65 -20.70 2.53
N GLN A 1393 23.61 -20.92 1.74
CA GLN A 1393 22.47 -20.02 1.65
C GLN A 1393 21.19 -20.67 2.20
N HIS A 1394 21.34 -21.45 3.27
CA HIS A 1394 20.22 -22.22 3.79
C HIS A 1394 19.31 -21.41 4.71
N ILE A 1395 19.80 -20.31 5.27
CA ILE A 1395 18.96 -19.51 6.15
C ILE A 1395 17.79 -18.90 5.39
N PHE A 1396 17.99 -18.56 4.11
CA PHE A 1396 16.92 -18.03 3.28
C PHE A 1396 16.13 -19.12 2.56
N SER A 1397 16.47 -20.38 2.77
CA SER A 1397 15.72 -21.47 2.16
C SER A 1397 14.39 -21.68 2.88
N PRO A 1398 13.38 -22.20 2.18
CA PRO A 1398 12.09 -22.49 2.85
C PRO A 1398 12.24 -23.61 3.87
N ASP A 1399 11.16 -23.92 4.58
CA ASP A 1399 11.21 -24.90 5.65
C ASP A 1399 11.18 -26.31 5.08
N LYS A 1400 11.94 -27.20 5.71
CA LYS A 1400 12.13 -28.55 5.20
C LYS A 1400 10.92 -29.42 5.54
N ILE A 1401 10.28 -29.96 4.51
CA ILE A 1401 9.13 -30.83 4.72
C ILE A 1401 9.63 -32.16 5.27
N ASP A 1402 9.14 -32.53 6.46
CA ASP A 1402 9.55 -33.82 7.03
C ASP A 1402 8.74 -34.97 6.43
N MET A 1403 7.42 -34.92 6.54
CA MET A 1403 6.54 -35.93 5.96
C MET A 1403 5.20 -35.30 5.67
N LEU A 1404 4.92 -35.03 4.39
CA LEU A 1404 3.57 -34.64 3.98
C LEU A 1404 3.07 -35.52 2.83
N THR A 1405 3.98 -36.03 2.02
CA THR A 1405 3.64 -36.90 0.90
C THR A 1405 4.42 -38.21 0.98
N SER B 194 -49.45 -42.05 28.51
CA SER B 194 -50.63 -41.50 27.84
C SER B 194 -50.50 -39.99 27.67
N LEU B 195 -49.89 -39.34 28.67
CA LEU B 195 -49.70 -37.89 28.68
C LEU B 195 -48.24 -37.47 28.76
N SER B 196 -47.38 -38.27 29.38
CA SER B 196 -45.97 -37.94 29.59
C SER B 196 -45.07 -38.73 28.64
N ILE B 197 -45.53 -38.97 27.41
CA ILE B 197 -44.75 -39.68 26.40
C ILE B 197 -44.45 -38.72 25.25
N GLU B 198 -45.31 -37.73 25.04
CA GLU B 198 -45.19 -36.79 23.95
C GLU B 198 -45.17 -35.33 24.37
N ALA B 199 -45.90 -34.97 25.42
CA ALA B 199 -45.97 -33.56 25.83
C ALA B 199 -44.62 -33.05 26.33
N ARG B 200 -43.73 -33.93 26.76
CA ARG B 200 -42.40 -33.49 27.20
C ARG B 200 -41.66 -32.82 26.06
N LEU B 201 -41.85 -33.31 24.82
CA LEU B 201 -41.22 -32.68 23.66
C LEU B 201 -41.71 -31.26 23.49
N GLU B 202 -43.02 -31.06 23.48
CA GLU B 202 -43.56 -29.73 23.26
C GLU B 202 -43.32 -28.82 24.45
N SER B 203 -43.04 -29.38 25.63
CA SER B 203 -42.66 -28.56 26.77
C SER B 203 -41.22 -28.08 26.65
N ILE B 204 -40.28 -29.00 26.40
CA ILE B 204 -38.89 -28.57 26.25
C ILE B 204 -38.71 -27.69 25.02
N GLU B 205 -39.61 -27.80 24.03
CA GLU B 205 -39.58 -26.88 22.91
C GLU B 205 -39.70 -25.44 23.39
N GLU B 206 -40.76 -25.14 24.16
CA GLU B 206 -40.88 -23.79 24.70
C GLU B 206 -39.78 -23.48 25.70
N LYS B 207 -39.25 -24.50 26.39
CA LYS B 207 -38.14 -24.25 27.32
C LYS B 207 -36.96 -23.64 26.60
N LEU B 208 -36.56 -24.25 25.48
CA LEU B 208 -35.37 -23.75 24.83
C LEU B 208 -35.68 -22.56 23.93
N SER B 209 -36.89 -22.47 23.38
CA SER B 209 -37.27 -21.20 22.77
C SER B 209 -37.13 -20.04 23.74
N MET B 210 -37.62 -20.21 24.99
CA MET B 210 -37.32 -19.25 26.05
C MET B 210 -35.84 -18.93 26.16
N ILE B 211 -35.00 -19.98 26.22
CA ILE B 211 -33.56 -19.76 26.23
C ILE B 211 -33.13 -18.82 25.12
N LEU B 212 -33.66 -19.04 23.92
CA LEU B 212 -33.36 -18.14 22.80
C LEU B 212 -33.87 -16.74 23.05
N GLY B 213 -35.05 -16.62 23.68
CA GLY B 213 -35.56 -15.31 24.04
C GLY B 213 -34.58 -14.53 24.88
N LEU B 214 -33.94 -15.21 25.83
CA LEU B 214 -32.84 -14.61 26.58
C LEU B 214 -31.70 -14.22 25.66
N LEU B 215 -31.13 -15.22 24.97
CA LEU B 215 -29.89 -15.03 24.22
C LEU B 215 -29.98 -13.89 23.20
N ARG B 216 -30.96 -13.98 22.30
CA ARG B 216 -31.11 -13.02 21.21
C ARG B 216 -30.94 -11.56 21.65
N THR B 217 -31.75 -11.13 22.63
CA THR B 217 -31.64 -9.80 23.22
C THR B 217 -30.45 -9.64 24.17
N LEU B 218 -29.81 -10.74 24.58
CA LEU B 218 -28.65 -10.66 25.47
C LEU B 218 -27.63 -9.68 24.94
N ASN B 219 -27.07 -8.86 25.83
CA ASN B 219 -26.10 -7.85 25.44
C ASN B 219 -24.81 -8.05 26.22
N ILE B 220 -23.72 -7.60 25.60
CA ILE B 220 -22.38 -7.74 26.15
C ILE B 220 -21.73 -6.37 26.11
N ALA B 221 -21.58 -5.75 27.26
CA ALA B 221 -20.65 -4.64 27.39
C ALA B 221 -19.23 -5.19 27.38
N THR B 222 -18.32 -4.40 26.81
CA THR B 222 -16.98 -4.87 26.50
C THR B 222 -16.02 -4.32 27.54
N ALA B 223 -14.77 -4.77 27.47
CA ALA B 223 -13.91 -4.53 28.61
C ALA B 223 -13.42 -3.08 28.61
N GLY B 224 -13.24 -2.55 29.82
CA GLY B 224 -12.90 -1.17 30.02
C GLY B 224 -12.18 -0.99 31.35
N PRO B 225 -11.64 0.20 31.60
CA PRO B 225 -11.20 0.52 32.95
C PRO B 225 -12.36 0.42 33.94
N THR B 226 -12.02 0.47 35.23
CA THR B 226 -13.03 0.50 36.28
C THR B 226 -13.39 1.93 36.69
N ALA B 227 -12.97 2.93 35.92
CA ALA B 227 -13.22 4.36 36.12
C ALA B 227 -12.39 4.94 37.24
N ALA B 228 -11.60 4.14 37.95
CA ALA B 228 -10.56 4.62 38.86
C ALA B 228 -9.19 4.68 38.20
N ARG B 229 -9.12 4.47 36.89
CA ARG B 229 -7.86 4.35 36.17
C ARG B 229 -7.01 3.22 36.75
N ASP B 230 -7.67 2.15 37.20
CA ASP B 230 -6.98 0.94 37.62
C ASP B 230 -7.85 -0.25 37.24
N GLY B 231 -7.25 -1.19 36.52
CA GLY B 231 -7.84 -2.47 36.23
C GLY B 231 -8.75 -2.43 35.02
N ILE B 232 -8.61 -3.40 34.12
CA ILE B 232 -9.54 -3.59 33.01
C ILE B 232 -10.77 -4.32 33.54
N ARG B 233 -11.84 -3.58 33.82
CA ARG B 233 -13.13 -4.18 34.14
C ARG B 233 -13.52 -5.24 33.11
N ASP B 234 -13.69 -6.47 33.57
CA ASP B 234 -14.11 -7.57 32.71
C ASP B 234 -15.45 -7.25 32.04
N ALA B 235 -15.73 -7.98 30.96
CA ALA B 235 -16.96 -7.77 30.20
C ALA B 235 -18.19 -7.98 31.08
N MET B 236 -19.27 -7.27 30.72
CA MET B 236 -20.56 -7.37 31.40
C MET B 236 -21.56 -8.11 30.52
N ILE B 237 -22.03 -9.26 30.98
CA ILE B 237 -23.10 -9.98 30.32
C ILE B 237 -24.42 -9.55 30.94
N GLY B 238 -25.19 -8.75 30.22
CA GLY B 238 -26.31 -8.04 30.81
C GLY B 238 -27.33 -7.63 29.78
N ILE B 239 -28.48 -7.22 30.29
CA ILE B 239 -29.53 -6.66 29.45
C ILE B 239 -29.23 -5.17 29.22
N ARG B 240 -29.46 -4.75 27.98
CA ARG B 240 -29.07 -3.43 27.51
C ARG B 240 -29.34 -2.29 28.48
N GLU B 241 -30.61 -2.13 28.89
CA GLU B 241 -30.97 -1.03 29.78
C GLU B 241 -30.14 -1.02 31.06
N GLU B 242 -30.10 -2.15 31.78
CA GLU B 242 -29.36 -2.19 33.04
C GLU B 242 -27.88 -1.91 32.82
N LEU B 243 -27.32 -2.38 31.71
CA LEU B 243 -25.90 -2.15 31.49
C LEU B 243 -25.64 -0.70 31.12
N ILE B 244 -26.58 -0.07 30.42
CA ILE B 244 -26.45 1.35 30.10
C ILE B 244 -26.50 2.16 31.38
N ALA B 245 -27.33 1.75 32.34
CA ALA B 245 -27.46 2.52 33.56
C ALA B 245 -26.22 2.36 34.43
N ASP B 246 -25.79 1.12 34.65
CA ASP B 246 -24.55 0.88 35.38
C ASP B 246 -23.38 1.66 34.78
N ILE B 247 -23.19 1.54 33.47
CA ILE B 247 -22.07 2.20 32.81
C ILE B 247 -22.20 3.72 32.92
N ILE B 248 -23.41 4.25 32.76
CA ILE B 248 -23.61 5.70 32.83
C ILE B 248 -23.25 6.21 34.22
N LYS B 249 -23.60 5.44 35.26
CA LYS B 249 -23.34 5.89 36.62
C LYS B 249 -21.89 5.68 37.02
N GLU B 250 -21.18 4.74 36.39
CA GLU B 250 -19.78 4.52 36.69
C GLU B 250 -18.85 5.39 35.87
N ALA B 251 -19.29 5.89 34.71
CA ALA B 251 -18.44 6.73 33.89
C ALA B 251 -18.41 8.16 34.43
N LYS B 252 -17.36 8.89 34.04
CA LYS B 252 -17.17 10.27 34.48
C LYS B 252 -16.83 11.17 33.30
N GLY B 253 -16.98 12.46 33.55
CA GLY B 253 -16.61 13.52 32.63
C GLY B 253 -17.22 13.39 31.25
N LYS B 254 -16.42 13.72 30.24
CA LYS B 254 -16.91 13.72 28.86
C LYS B 254 -17.35 12.33 28.38
N ALA B 255 -16.68 11.28 28.87
CA ALA B 255 -17.05 9.92 28.48
C ALA B 255 -18.55 9.66 28.62
N ALA B 256 -19.15 10.16 29.71
CA ALA B 256 -20.59 9.99 29.86
C ALA B 256 -21.36 10.59 28.69
N GLU B 257 -20.94 11.76 28.22
CA GLU B 257 -21.60 12.35 27.07
C GLU B 257 -21.34 11.56 25.81
N MET B 258 -20.14 10.97 25.70
CA MET B 258 -19.82 10.12 24.57
C MET B 258 -20.78 8.94 24.50
N MET B 259 -21.01 8.30 25.64
CA MET B 259 -21.88 7.12 25.66
C MET B 259 -23.34 7.50 25.49
N GLU B 260 -23.74 8.65 26.04
CA GLU B 260 -25.14 9.07 25.91
C GLU B 260 -25.46 9.43 24.47
N GLU B 261 -24.52 10.08 23.77
CA GLU B 261 -24.77 10.44 22.38
C GLU B 261 -24.61 9.22 21.46
N GLU B 262 -23.65 8.34 21.75
CA GLU B 262 -23.42 7.25 20.82
C GLU B 262 -24.44 6.13 20.97
N MET B 263 -24.91 5.84 22.18
CA MET B 263 -25.82 4.72 22.37
C MET B 263 -27.28 5.12 22.61
N ASN B 264 -27.57 5.99 23.58
CA ASN B 264 -28.96 6.34 23.83
C ASN B 264 -29.57 7.11 22.68
N GLN B 265 -28.77 7.99 22.06
CA GLN B 265 -29.10 8.67 20.83
C GLN B 265 -28.69 7.81 19.63
N ARG B 266 -29.13 8.22 18.45
CA ARG B 266 -28.78 7.52 17.22
C ARG B 266 -29.17 8.42 16.06
N THR B 267 -28.83 7.97 14.85
CA THR B 267 -29.05 8.78 13.66
C THR B 267 -30.50 8.58 13.22
N LYS B 268 -31.38 9.42 13.76
CA LYS B 268 -32.78 9.38 13.38
C LYS B 268 -32.91 9.97 11.98
N ILE B 269 -33.16 9.11 10.99
CA ILE B 269 -33.30 9.52 9.60
C ILE B 269 -34.54 8.85 9.02
N GLY B 270 -35.39 9.67 8.40
CA GLY B 270 -36.57 9.17 7.72
C GLY B 270 -36.77 9.92 6.42
N ASN B 271 -36.86 9.18 5.31
CA ASN B 271 -37.19 9.69 3.98
C ASN B 271 -36.14 10.68 3.48
N GLY B 272 -34.93 10.58 4.01
CA GLY B 272 -33.77 11.36 3.60
C GLY B 272 -34.03 12.85 3.59
N SER B 273 -33.31 13.54 2.70
CA SER B 273 -33.39 15.00 2.58
C SER B 273 -33.06 15.67 3.91
N VAL B 274 -31.83 15.43 4.38
CA VAL B 274 -31.40 15.98 5.65
C VAL B 274 -31.48 17.49 5.58
N LYS B 275 -32.18 18.08 6.55
CA LYS B 275 -32.36 19.51 6.56
C LYS B 275 -31.04 20.23 6.70
N LEU B 276 -30.81 21.19 5.81
CA LEU B 276 -29.70 22.11 5.97
C LEU B 276 -29.94 22.96 7.21
N THR B 277 -29.03 22.89 8.17
CA THR B 277 -29.12 23.72 9.36
C THR B 277 -29.19 25.19 8.97
N GLU B 278 -29.85 25.99 9.80
CA GLU B 278 -30.10 27.39 9.48
C GLU B 278 -28.80 28.16 9.30
N LYS B 279 -27.75 27.77 10.03
CA LYS B 279 -26.50 28.51 9.99
C LYS B 279 -25.74 28.26 8.68
N ALA B 280 -25.75 27.02 8.20
CA ALA B 280 -25.20 26.68 6.88
C ALA B 280 -26.05 27.20 5.71
N LYS B 281 -27.29 27.61 5.96
CA LYS B 281 -28.11 28.13 4.87
C LYS B 281 -27.52 29.41 4.31
N GLU B 282 -26.75 30.14 5.12
CA GLU B 282 -26.03 31.29 4.62
C GLU B 282 -24.97 30.85 3.64
N LEU B 283 -24.17 29.84 4.00
CA LEU B 283 -23.14 29.37 3.09
C LEU B 283 -23.74 28.80 1.81
N ASN B 284 -24.97 28.32 1.87
CA ASN B 284 -25.50 27.68 0.67
C ASN B 284 -26.14 28.71 -0.26
N LYS B 285 -26.82 29.71 0.31
CA LYS B 285 -27.33 30.77 -0.54
C LYS B 285 -26.20 31.59 -1.11
N ILE B 286 -25.13 31.79 -0.34
CA ILE B 286 -24.00 32.55 -0.86
C ILE B 286 -23.29 31.76 -1.95
N VAL B 287 -23.21 30.44 -1.79
CA VAL B 287 -22.47 29.65 -2.74
C VAL B 287 -23.24 29.52 -4.06
N GLU B 288 -24.51 29.08 -4.00
CA GLU B 288 -25.31 28.92 -5.21
C GLU B 288 -25.93 30.23 -5.72
N ASP B 289 -25.60 31.40 -5.15
CA ASP B 289 -25.94 32.67 -5.77
C ASP B 289 -24.68 33.46 -6.07
N GLU B 290 -24.81 34.42 -6.98
CA GLU B 290 -23.72 35.26 -7.46
C GLU B 290 -22.59 34.41 -8.04
N SER B 291 -22.95 33.66 -9.08
CA SER B 291 -22.01 32.78 -9.76
C SER B 291 -22.35 32.66 -11.25
N SER C 196 -46.11 -35.49 12.64
CA SER C 196 -44.90 -34.71 12.87
C SER C 196 -44.09 -35.27 14.03
N ILE C 197 -44.22 -36.57 14.27
CA ILE C 197 -43.53 -37.21 15.39
C ILE C 197 -42.03 -37.10 15.24
N GLU C 198 -41.53 -37.04 13.99
CA GLU C 198 -40.11 -36.85 13.74
C GLU C 198 -39.76 -35.44 13.25
N ALA C 199 -40.74 -34.65 12.82
CA ALA C 199 -40.49 -33.25 12.49
C ALA C 199 -40.63 -32.32 13.68
N ARG C 200 -40.99 -32.83 14.86
CA ARG C 200 -41.10 -31.99 16.04
C ARG C 200 -39.80 -31.88 16.84
N LEU C 201 -38.82 -32.75 16.57
CA LEU C 201 -37.53 -32.70 17.25
C LEU C 201 -36.40 -32.28 16.35
N GLU C 202 -36.58 -32.27 15.03
CA GLU C 202 -35.57 -31.64 14.18
C GLU C 202 -35.46 -30.15 14.49
N SER C 203 -36.59 -29.51 14.82
CA SER C 203 -36.54 -28.11 15.24
C SER C 203 -36.04 -27.96 16.67
N ILE C 204 -35.94 -29.06 17.40
CA ILE C 204 -35.36 -29.05 18.74
C ILE C 204 -33.86 -29.08 18.60
N GLU C 205 -33.38 -29.95 17.72
CA GLU C 205 -31.96 -30.06 17.44
C GLU C 205 -31.43 -28.76 16.83
N GLU C 206 -32.13 -28.23 15.84
CA GLU C 206 -31.66 -26.99 15.22
C GLU C 206 -31.75 -25.81 16.20
N LYS C 207 -32.83 -25.68 16.96
CA LYS C 207 -32.95 -24.55 17.86
C LYS C 207 -31.99 -24.64 19.05
N LEU C 208 -31.51 -25.83 19.39
CA LEU C 208 -30.45 -25.90 20.40
C LEU C 208 -29.06 -25.78 19.79
N SER C 209 -28.86 -26.14 18.52
CA SER C 209 -27.59 -25.82 17.88
C SER C 209 -27.41 -24.31 17.78
N MET C 210 -28.51 -23.58 17.58
CA MET C 210 -28.41 -22.12 17.58
C MET C 210 -27.84 -21.60 18.89
N ILE C 211 -28.33 -22.09 20.02
CA ILE C 211 -27.82 -21.60 21.29
C ILE C 211 -26.43 -22.17 21.58
N LEU C 212 -26.11 -23.33 21.01
CA LEU C 212 -24.74 -23.84 21.10
C LEU C 212 -23.78 -22.87 20.44
N GLY C 213 -24.22 -22.27 19.33
CA GLY C 213 -23.37 -21.31 18.65
C GLY C 213 -23.29 -20.00 19.39
N LEU C 214 -24.43 -19.50 19.86
CA LEU C 214 -24.40 -18.28 20.67
C LEU C 214 -23.54 -18.46 21.92
N LEU C 215 -23.47 -19.67 22.47
CA LEU C 215 -22.66 -19.89 23.66
C LEU C 215 -21.19 -19.97 23.31
N ARG C 216 -20.84 -20.58 22.17
CA ARG C 216 -19.44 -20.55 21.75
C ARG C 216 -18.99 -19.11 21.52
N THR C 217 -19.83 -18.29 20.89
CA THR C 217 -19.50 -16.89 20.68
C THR C 217 -19.32 -16.17 22.00
N LEU C 218 -20.22 -16.39 22.96
CA LEU C 218 -20.11 -15.71 24.23
C LEU C 218 -18.88 -16.16 25.01
N ASN C 219 -18.48 -17.43 24.88
CA ASN C 219 -17.23 -17.88 25.49
C ASN C 219 -16.05 -17.15 24.87
N ILE C 220 -16.04 -17.04 23.54
CA ILE C 220 -14.91 -16.40 22.89
C ILE C 220 -14.82 -14.93 23.28
N ALA C 221 -15.97 -14.27 23.44
CA ALA C 221 -15.96 -12.88 23.87
C ALA C 221 -15.59 -12.74 25.34
N THR C 222 -15.94 -13.72 26.19
CA THR C 222 -15.59 -13.68 27.60
C THR C 222 -14.24 -14.33 27.89
N ALA C 223 -13.44 -14.59 26.87
CA ALA C 223 -12.07 -15.08 27.05
C ALA C 223 -11.15 -14.19 26.23
N GLY C 224 -10.66 -13.11 26.84
CA GLY C 224 -9.89 -12.11 26.14
C GLY C 224 -8.76 -11.52 26.97
N PRO C 225 -8.61 -10.19 26.98
CA PRO C 225 -7.49 -9.61 27.74
C PRO C 225 -7.54 -9.94 29.20
N THR C 226 -8.72 -10.21 29.73
CA THR C 226 -8.90 -10.35 31.16
C THR C 226 -8.56 -11.76 31.61
N ALA C 227 -8.97 -12.77 30.86
CA ALA C 227 -8.48 -14.11 31.16
C ALA C 227 -6.98 -14.20 30.86
N ALA C 228 -6.56 -13.73 29.70
CA ALA C 228 -5.14 -13.81 29.34
C ALA C 228 -4.22 -12.99 30.24
N ARG C 229 -4.72 -12.02 31.00
CA ARG C 229 -3.86 -11.32 31.95
C ARG C 229 -3.35 -12.26 33.03
N ASP C 230 -4.08 -13.33 33.33
CA ASP C 230 -3.78 -14.24 34.43
C ASP C 230 -3.45 -15.65 33.97
N GLY C 231 -3.98 -16.11 32.84
CA GLY C 231 -3.62 -17.41 32.32
C GLY C 231 -4.73 -18.44 32.27
N ILE C 232 -5.98 -18.00 32.12
CA ILE C 232 -7.10 -18.93 31.99
C ILE C 232 -7.72 -18.90 30.59
N ARG C 233 -7.27 -18.01 29.69
CA ARG C 233 -7.80 -18.00 28.34
C ARG C 233 -7.53 -19.32 27.63
N ASP C 234 -6.37 -19.93 27.90
CA ASP C 234 -6.01 -21.14 27.16
C ASP C 234 -6.92 -22.29 27.53
N ALA C 235 -7.30 -22.38 28.81
CA ALA C 235 -8.24 -23.41 29.20
C ALA C 235 -9.64 -23.09 28.71
N MET C 236 -10.05 -21.82 28.81
CA MET C 236 -11.40 -21.48 28.39
C MET C 236 -11.64 -21.73 26.91
N ILE C 237 -10.60 -21.59 26.08
CA ILE C 237 -10.75 -21.88 24.65
C ILE C 237 -10.50 -23.35 24.33
N GLY C 238 -9.47 -23.96 24.91
CA GLY C 238 -9.05 -25.29 24.55
C GLY C 238 -7.69 -25.29 23.87
N ILE C 239 -7.11 -26.48 23.80
CA ILE C 239 -5.79 -26.68 23.19
C ILE C 239 -5.94 -26.83 21.69
N ARG C 240 -5.05 -26.18 20.95
CA ARG C 240 -5.19 -25.94 19.51
C ARG C 240 -4.07 -26.61 18.71
N GLU C 241 -3.73 -27.84 19.11
CA GLU C 241 -2.85 -28.73 18.35
C GLU C 241 -1.51 -28.11 17.95
N GLU C 242 -1.01 -27.11 18.68
CA GLU C 242 0.42 -26.80 18.62
C GLU C 242 1.12 -26.84 19.96
N LEU C 243 0.45 -26.42 21.04
CA LEU C 243 1.00 -26.67 22.37
C LEU C 243 1.17 -28.17 22.59
N ILE C 244 0.28 -28.96 22.01
CA ILE C 244 0.43 -30.41 22.03
C ILE C 244 1.77 -30.81 21.41
N ALA C 245 2.09 -30.27 20.23
CA ALA C 245 3.34 -30.63 19.60
C ALA C 245 4.54 -30.12 20.39
N ASP C 246 4.41 -28.98 21.05
CA ASP C 246 5.51 -28.45 21.84
C ASP C 246 5.80 -29.35 23.04
N ILE C 247 4.76 -29.71 23.79
CA ILE C 247 4.95 -30.59 24.94
C ILE C 247 5.43 -31.96 24.46
N ILE C 248 4.94 -32.42 23.31
CA ILE C 248 5.40 -33.70 22.76
C ILE C 248 6.90 -33.65 22.51
N LYS C 249 7.37 -32.62 21.81
CA LYS C 249 8.78 -32.55 21.44
C LYS C 249 9.66 -32.39 22.68
N GLU C 250 9.24 -31.56 23.63
CA GLU C 250 10.05 -31.36 24.83
C GLU C 250 10.06 -32.63 25.68
N ALA C 251 8.92 -33.31 25.82
CA ALA C 251 8.85 -34.52 26.61
C ALA C 251 9.66 -35.63 25.98
N LYS C 252 9.63 -35.75 24.65
CA LYS C 252 10.38 -36.81 24.01
C LYS C 252 11.85 -36.45 23.81
N GLY C 253 12.22 -35.19 24.03
CA GLY C 253 13.62 -34.81 24.07
C GLY C 253 14.17 -35.15 25.44
N LYS C 254 13.37 -34.88 26.48
CA LYS C 254 13.77 -35.30 27.82
C LYS C 254 13.72 -36.81 27.98
N ALA C 255 12.95 -37.51 27.15
CA ALA C 255 12.90 -38.97 27.19
C ALA C 255 14.02 -39.59 26.37
N ALA C 256 14.48 -38.91 25.32
CA ALA C 256 15.65 -39.36 24.59
C ALA C 256 16.94 -39.04 25.34
N GLU C 257 16.94 -37.97 26.15
CA GLU C 257 18.12 -37.58 26.91
C GLU C 257 18.38 -38.53 28.08
N MET C 258 17.49 -39.47 28.37
CA MET C 258 17.80 -40.49 29.37
C MET C 258 18.88 -41.43 28.86
N MET C 259 18.87 -41.75 27.57
CA MET C 259 19.86 -42.63 26.96
C MET C 259 21.20 -41.94 26.71
N GLU C 260 21.34 -40.65 27.02
CA GLU C 260 22.55 -39.90 26.72
C GLU C 260 23.56 -39.89 27.86
N GLU C 261 23.31 -40.62 28.95
CA GLU C 261 24.27 -40.69 30.05
C GLU C 261 25.31 -41.76 29.79
N SER D 193 -35.02 -45.47 6.97
CA SER D 193 -35.69 -44.31 7.55
C SER D 193 -35.48 -44.26 9.07
N SER D 194 -34.36 -44.81 9.53
CA SER D 194 -34.03 -44.84 10.96
C SER D 194 -33.08 -43.71 11.35
N LEU D 195 -33.14 -42.58 10.65
CA LEU D 195 -32.41 -41.37 11.02
C LEU D 195 -33.30 -40.33 11.66
N SER D 196 -34.62 -40.42 11.47
CA SER D 196 -35.56 -39.42 11.95
C SER D 196 -36.02 -39.66 13.37
N ILE D 197 -35.80 -40.84 13.94
CA ILE D 197 -36.50 -41.29 15.14
C ILE D 197 -35.57 -41.37 16.35
N GLU D 198 -34.34 -41.89 16.17
CA GLU D 198 -33.43 -42.08 17.29
C GLU D 198 -32.08 -41.39 17.06
N ALA D 199 -31.69 -41.23 15.79
CA ALA D 199 -30.48 -40.50 15.50
C ALA D 199 -30.63 -39.04 15.88
N ARG D 200 -31.81 -38.46 15.65
CA ARG D 200 -32.05 -37.07 16.02
C ARG D 200 -31.93 -36.89 17.53
N LEU D 201 -32.20 -37.95 18.29
CA LEU D 201 -32.27 -37.84 19.75
C LEU D 201 -30.91 -38.06 20.37
N GLU D 202 -30.14 -39.01 19.87
CA GLU D 202 -28.77 -39.13 20.35
C GLU D 202 -27.92 -37.94 19.89
N SER D 203 -28.22 -37.37 18.72
CA SER D 203 -27.54 -36.16 18.30
C SER D 203 -27.93 -34.99 19.20
N ILE D 204 -29.19 -34.91 19.61
CA ILE D 204 -29.60 -33.85 20.53
C ILE D 204 -28.87 -34.01 21.86
N GLU D 205 -28.74 -35.25 22.34
CA GLU D 205 -28.03 -35.45 23.59
C GLU D 205 -26.56 -35.02 23.49
N GLU D 206 -25.90 -35.35 22.37
CA GLU D 206 -24.51 -34.92 22.20
C GLU D 206 -24.41 -33.40 22.15
N LYS D 207 -25.30 -32.75 21.39
CA LYS D 207 -25.31 -31.30 21.30
C LYS D 207 -25.56 -30.68 22.67
N LEU D 208 -26.41 -31.31 23.48
CA LEU D 208 -26.72 -30.79 24.80
C LEU D 208 -25.54 -30.95 25.74
N SER D 209 -24.80 -32.05 25.62
CA SER D 209 -23.60 -32.20 26.42
C SER D 209 -22.58 -31.12 26.06
N MET D 210 -22.51 -30.76 24.79
CA MET D 210 -21.57 -29.69 24.42
C MET D 210 -22.08 -28.33 24.88
N ILE D 211 -23.39 -28.13 24.85
CA ILE D 211 -23.98 -26.89 25.36
C ILE D 211 -23.65 -26.72 26.83
N LEU D 212 -23.81 -27.80 27.61
CA LEU D 212 -23.51 -27.73 29.03
C LEU D 212 -22.02 -27.52 29.26
N GLY D 213 -21.17 -28.15 28.45
CA GLY D 213 -19.74 -27.92 28.61
C GLY D 213 -19.34 -26.48 28.37
N LEU D 214 -20.01 -25.81 27.42
CA LEU D 214 -19.77 -24.38 27.24
C LEU D 214 -20.31 -23.58 28.42
N LEU D 215 -21.56 -23.83 28.80
CA LEU D 215 -22.18 -23.09 29.89
C LEU D 215 -21.45 -23.26 31.22
N ARG D 216 -20.63 -24.30 31.35
CA ARG D 216 -19.88 -24.48 32.58
C ARG D 216 -18.60 -23.65 32.60
N THR D 217 -18.14 -23.18 31.44
CA THR D 217 -17.01 -22.26 31.37
C THR D 217 -17.42 -20.81 31.21
N LEU D 218 -18.64 -20.55 30.74
CA LEU D 218 -19.06 -19.18 30.49
C LEU D 218 -19.07 -18.29 31.74
N ASN D 219 -19.00 -18.85 32.94
CA ASN D 219 -19.21 -18.10 34.17
C ASN D 219 -18.05 -18.29 35.13
N ILE D 220 -16.83 -18.19 34.60
CA ILE D 220 -15.61 -18.28 35.41
C ILE D 220 -14.95 -16.91 35.56
N ALA D 221 -14.69 -16.23 34.43
CA ALA D 221 -13.90 -15.00 34.51
C ALA D 221 -14.71 -13.83 35.06
N THR D 222 -15.82 -13.49 34.41
CA THR D 222 -16.56 -12.28 34.75
C THR D 222 -17.78 -12.53 35.63
N ALA D 223 -18.40 -13.71 35.52
CA ALA D 223 -19.50 -14.05 36.42
C ALA D 223 -19.00 -14.58 37.75
N GLY D 224 -17.87 -15.27 37.73
CA GLY D 224 -17.32 -15.87 38.91
C GLY D 224 -16.50 -14.88 39.72
N PRO D 225 -16.07 -15.32 40.90
CA PRO D 225 -15.29 -14.45 41.77
C PRO D 225 -13.85 -14.30 41.27
N THR D 226 -13.34 -13.07 41.39
CA THR D 226 -11.99 -12.77 40.92
C THR D 226 -10.95 -13.58 41.68
N ALA D 227 -11.26 -14.04 42.89
CA ALA D 227 -10.34 -14.88 43.64
C ALA D 227 -10.25 -16.28 43.05
N ALA D 228 -11.35 -16.79 42.48
CA ALA D 228 -11.37 -18.10 41.83
C ALA D 228 -11.10 -17.99 40.34
N ARG D 229 -10.96 -16.77 39.81
CA ARG D 229 -10.48 -16.59 38.44
C ARG D 229 -9.15 -17.30 38.23
N ASP D 230 -8.25 -17.22 39.22
CA ASP D 230 -6.88 -17.67 39.10
C ASP D 230 -6.70 -19.16 39.39
N GLY D 231 -7.80 -19.89 39.60
CA GLY D 231 -7.69 -21.31 39.93
C GLY D 231 -7.13 -22.14 38.79
N ILE D 232 -7.68 -21.97 37.59
CA ILE D 232 -7.38 -22.84 36.46
C ILE D 232 -5.97 -22.58 35.92
N ARG D 233 -5.38 -21.42 36.24
CA ARG D 233 -4.05 -21.11 35.72
C ARG D 233 -3.02 -22.13 36.18
N ASP D 234 -3.17 -22.67 37.38
CA ASP D 234 -2.15 -23.60 37.85
C ASP D 234 -2.29 -24.95 37.18
N ALA D 235 -3.51 -25.32 36.76
CA ALA D 235 -3.65 -26.47 35.89
C ALA D 235 -3.05 -26.22 34.52
N MET D 236 -3.24 -25.01 33.97
CA MET D 236 -2.68 -24.73 32.66
C MET D 236 -1.16 -24.70 32.71
N ILE D 237 -0.59 -24.41 33.87
CA ILE D 237 0.86 -24.45 34.01
C ILE D 237 1.36 -25.86 34.31
N GLY D 238 0.58 -26.65 35.05
CA GLY D 238 0.98 -28.01 35.35
C GLY D 238 0.85 -28.97 34.18
N ILE D 239 -0.05 -28.68 33.23
CA ILE D 239 -0.22 -29.56 32.09
C ILE D 239 1.07 -29.69 31.29
N ARG D 240 1.92 -28.66 31.33
CA ARG D 240 3.23 -28.77 30.69
C ARG D 240 4.08 -29.86 31.33
N GLU D 241 3.84 -30.16 32.61
CA GLU D 241 4.62 -31.13 33.36
C GLU D 241 3.86 -32.42 33.67
N GLU D 242 2.60 -32.51 33.26
CA GLU D 242 1.74 -33.64 33.61
C GLU D 242 1.72 -34.73 32.55
N LEU D 243 2.22 -34.46 31.35
CA LEU D 243 2.09 -35.36 30.21
C LEU D 243 3.44 -35.99 29.90
N ILE D 244 3.45 -37.31 29.71
CA ILE D 244 4.65 -38.04 29.35
C ILE D 244 5.13 -37.63 27.97
N SER E 194 -38.81 -49.45 22.53
CA SER E 194 -39.13 -49.25 23.94
C SER E 194 -37.93 -49.62 24.82
N LEU E 195 -36.73 -49.41 24.30
CA LEU E 195 -35.50 -49.71 25.02
C LEU E 195 -34.64 -48.48 25.30
N SER E 196 -34.63 -47.49 24.40
CA SER E 196 -33.88 -46.26 24.59
C SER E 196 -34.68 -44.99 24.32
N ILE E 197 -35.78 -45.07 23.56
CA ILE E 197 -36.50 -43.85 23.22
C ILE E 197 -37.13 -43.24 24.47
N GLU E 198 -37.57 -44.06 25.43
CA GLU E 198 -38.05 -43.56 26.70
C GLU E 198 -37.01 -43.63 27.80
N ALA E 199 -35.74 -43.82 27.47
CA ALA E 199 -34.64 -43.64 28.41
C ALA E 199 -33.85 -42.37 28.16
N ARG E 200 -33.58 -42.04 26.90
CA ARG E 200 -32.77 -40.86 26.60
C ARG E 200 -33.48 -39.58 27.01
N LEU E 201 -34.79 -39.50 26.74
CA LEU E 201 -35.54 -38.29 27.09
C LEU E 201 -35.47 -37.99 28.57
N GLU E 202 -35.37 -39.02 29.41
CA GLU E 202 -35.29 -38.79 30.85
C GLU E 202 -34.02 -38.00 31.20
N SER E 203 -32.87 -38.50 30.75
CA SER E 203 -31.62 -37.76 30.95
C SER E 203 -31.69 -36.38 30.32
N ILE E 204 -32.31 -36.27 29.14
CA ILE E 204 -32.41 -34.97 28.47
C ILE E 204 -33.15 -33.97 29.37
N GLU E 205 -34.34 -34.35 29.83
CA GLU E 205 -35.14 -33.46 30.66
C GLU E 205 -34.50 -33.20 32.01
N GLU E 206 -33.69 -34.13 32.51
CA GLU E 206 -33.00 -33.88 33.77
C GLU E 206 -31.77 -32.99 33.58
N LYS E 207 -31.25 -32.88 32.35
CA LYS E 207 -30.17 -31.96 32.08
C LYS E 207 -30.65 -30.56 31.73
N LEU E 208 -31.79 -30.45 31.03
CA LEU E 208 -32.31 -29.13 30.67
C LEU E 208 -32.49 -28.24 31.89
N SER E 209 -33.07 -28.78 32.97
CA SER E 209 -33.28 -27.95 34.14
C SER E 209 -31.97 -27.51 34.76
N MET E 210 -30.95 -28.38 34.75
CA MET E 210 -29.62 -27.97 35.19
C MET E 210 -29.09 -26.83 34.31
N ILE E 211 -29.34 -26.92 33.01
CA ILE E 211 -28.82 -25.93 32.09
C ILE E 211 -29.44 -24.57 32.38
N LEU E 212 -30.77 -24.51 32.42
CA LEU E 212 -31.40 -23.23 32.73
C LEU E 212 -31.13 -22.77 34.16
N GLY E 213 -30.82 -23.70 35.06
CA GLY E 213 -30.47 -23.28 36.41
C GLY E 213 -29.13 -22.58 36.45
N LEU E 214 -28.16 -23.07 35.70
CA LEU E 214 -26.88 -22.37 35.61
C LEU E 214 -26.95 -21.15 34.70
N LEU E 215 -27.90 -21.11 33.77
CA LEU E 215 -28.11 -19.93 32.95
C LEU E 215 -28.80 -18.80 33.71
N ARG E 216 -29.51 -19.11 34.80
CA ARG E 216 -30.17 -18.05 35.54
C ARG E 216 -29.20 -17.22 36.37
N THR E 217 -27.92 -17.59 36.43
CA THR E 217 -26.90 -16.79 37.10
C THR E 217 -26.32 -15.69 36.22
N LEU E 218 -27.00 -15.34 35.13
CA LEU E 218 -26.49 -14.35 34.18
C LEU E 218 -27.45 -13.17 34.08
N ARG E 229 -16.49 -22.60 42.24
CA ARG E 229 -16.66 -23.40 43.46
C ARG E 229 -16.42 -24.88 43.17
N ASP E 230 -17.02 -25.36 42.08
CA ASP E 230 -16.88 -26.76 41.67
C ASP E 230 -16.63 -26.89 40.17
N GLY E 231 -16.59 -25.78 39.43
CA GLY E 231 -16.44 -25.86 37.99
C GLY E 231 -15.02 -25.87 37.49
N ILE E 232 -14.12 -25.15 38.17
CA ILE E 232 -12.69 -25.24 37.84
C ILE E 232 -12.27 -26.70 37.67
N ARG E 233 -12.69 -27.58 38.59
CA ARG E 233 -12.41 -29.01 38.44
C ARG E 233 -12.98 -29.56 37.15
N ASP E 234 -14.23 -29.17 36.83
CA ASP E 234 -14.90 -29.72 35.67
C ASP E 234 -14.12 -29.39 34.41
N ALA E 235 -13.68 -28.14 34.28
CA ALA E 235 -12.90 -27.82 33.09
C ALA E 235 -11.47 -28.33 33.16
N MET E 236 -10.92 -28.49 34.37
CA MET E 236 -9.61 -29.10 34.54
C MET E 236 -9.58 -30.55 34.10
N ILE E 237 -10.75 -31.19 33.99
CA ILE E 237 -10.82 -32.55 33.47
C ILE E 237 -11.32 -32.49 32.03
N GLY E 238 -12.21 -31.53 31.75
CA GLY E 238 -12.74 -31.38 30.41
C GLY E 238 -11.67 -31.11 29.38
N ILE E 239 -10.61 -30.37 29.74
CA ILE E 239 -9.54 -30.10 28.78
C ILE E 239 -8.67 -31.34 28.58
N ARG E 240 -8.24 -31.96 29.69
CA ARG E 240 -7.38 -33.13 29.61
C ARG E 240 -8.06 -34.29 28.92
N GLU E 241 -9.40 -34.34 28.93
CA GLU E 241 -10.10 -35.43 28.27
C GLU E 241 -9.78 -35.52 26.78
N GLU E 242 -9.65 -34.37 26.10
CA GLU E 242 -9.27 -34.36 24.67
C GLU E 242 -7.79 -34.12 24.46
N LEU E 243 -7.07 -33.54 25.44
CA LEU E 243 -5.66 -33.25 25.20
C LEU E 243 -4.88 -34.53 24.88
N ILE E 244 -5.27 -35.66 25.45
CA ILE E 244 -4.45 -36.87 25.32
C ILE E 244 -5.09 -37.73 24.23
N ALA E 245 -6.40 -37.60 24.04
CA ALA E 245 -7.01 -38.23 22.88
C ALA E 245 -6.45 -37.65 21.59
N ASP E 246 -6.15 -36.35 21.57
CA ASP E 246 -5.54 -35.76 20.39
C ASP E 246 -4.02 -35.94 20.35
N ILE E 247 -3.36 -36.08 21.51
CA ILE E 247 -1.95 -36.49 21.46
C ILE E 247 -1.81 -37.87 20.85
N ILE E 248 -2.79 -38.76 21.08
CA ILE E 248 -2.75 -40.08 20.47
C ILE E 248 -2.62 -39.97 18.96
N LYS E 249 -3.45 -39.13 18.35
CA LYS E 249 -3.45 -39.04 16.89
C LYS E 249 -2.26 -38.22 16.39
N GLU E 250 -1.86 -37.18 17.13
CA GLU E 250 -0.67 -36.44 16.75
C GLU E 250 0.58 -37.31 16.79
N ALA E 251 0.59 -38.34 17.63
CA ALA E 251 1.71 -39.28 17.66
C ALA E 251 1.56 -40.38 16.61
N LYS E 252 0.33 -40.85 16.36
CA LYS E 252 0.17 -41.82 15.29
C LYS E 252 0.53 -41.20 13.94
N GLY E 253 0.39 -39.89 13.79
CA GLY E 253 0.96 -39.25 12.62
C GLY E 253 2.47 -39.26 12.56
N LYS E 254 3.14 -39.35 13.72
CA LYS E 254 4.57 -39.61 13.77
C LYS E 254 4.91 -41.07 13.51
N ALA E 255 3.95 -41.98 13.68
CA ALA E 255 4.21 -43.40 13.66
C ALA E 255 3.90 -44.05 12.32
N ALA E 256 2.71 -43.82 11.79
CA ALA E 256 2.32 -44.39 10.50
C ALA E 256 3.05 -43.68 9.36
#